data_2JVA
#
_entry.id   2JVA
#
_entity_poly.entity_id   1
_entity_poly.type   'polypeptide(L)'
_entity_poly.pdbx_seq_one_letter_code
;MLVISNNVHLPDAEIELTAIRAQGAGGQNVNKVSSAMHLRFDINASSLPPFYKERLLALNDSRITSDGVIVLKAQQYRTQ
EQNRADALLRLSELIVNAAKLEHHHHHH
;
_entity_poly.pdbx_strand_id   A
#
# COMPACT_ATOMS: atom_id res chain seq x y z
N MET A 1 -13.83 -4.09 2.74
CA MET A 1 -13.03 -5.09 3.45
C MET A 1 -12.04 -5.75 2.51
N LEU A 2 -10.80 -5.90 2.95
CA LEU A 2 -9.79 -6.55 2.15
C LEU A 2 -9.63 -7.99 2.60
N VAL A 3 -10.21 -8.90 1.85
CA VAL A 3 -10.12 -10.33 2.14
C VAL A 3 -8.75 -10.86 1.75
N ILE A 4 -8.02 -11.36 2.74
CA ILE A 4 -6.71 -11.96 2.50
C ILE A 4 -6.83 -13.47 2.52
N SER A 5 -7.40 -13.98 3.59
CA SER A 5 -7.68 -15.39 3.74
C SER A 5 -9.16 -15.57 4.02
N ASN A 6 -9.62 -16.80 4.18
CA ASN A 6 -11.03 -17.05 4.43
C ASN A 6 -11.39 -16.65 5.86
N ASN A 7 -10.47 -16.89 6.78
CA ASN A 7 -10.69 -16.58 8.19
C ASN A 7 -9.93 -15.30 8.57
N VAL A 8 -9.32 -14.67 7.59
CA VAL A 8 -8.57 -13.45 7.82
C VAL A 8 -9.09 -12.35 6.91
N HIS A 9 -9.60 -11.30 7.53
CA HIS A 9 -10.19 -10.18 6.79
C HIS A 9 -9.61 -8.88 7.29
N LEU A 10 -9.37 -7.95 6.38
CA LEU A 10 -8.87 -6.64 6.75
C LEU A 10 -9.99 -5.60 6.67
N PRO A 11 -10.46 -5.15 7.84
CA PRO A 11 -11.47 -4.09 7.93
C PRO A 11 -11.01 -2.81 7.25
N ASP A 12 -11.94 -2.15 6.58
CA ASP A 12 -11.65 -0.94 5.83
C ASP A 12 -11.07 0.15 6.71
N ALA A 13 -11.54 0.19 7.95
CA ALA A 13 -11.09 1.18 8.92
C ALA A 13 -9.59 1.06 9.20
N GLU A 14 -9.04 -0.14 9.01
CA GLU A 14 -7.62 -0.36 9.29
C GLU A 14 -6.77 -0.08 8.05
N ILE A 15 -7.42 0.38 7.00
CA ILE A 15 -6.74 0.72 5.76
C ILE A 15 -6.90 2.20 5.47
N GLU A 16 -5.80 2.94 5.49
CA GLU A 16 -5.83 4.38 5.29
C GLU A 16 -5.61 4.72 3.81
N LEU A 17 -6.71 4.98 3.10
CA LEU A 17 -6.62 5.39 1.71
C LEU A 17 -6.69 6.91 1.62
N THR A 18 -5.65 7.51 1.10
CA THR A 18 -5.57 8.95 0.99
C THR A 18 -5.46 9.39 -0.46
N ALA A 19 -5.74 10.66 -0.73
CA ALA A 19 -5.65 11.22 -2.05
C ALA A 19 -4.82 12.49 -2.00
N ILE A 20 -3.84 12.60 -2.89
CA ILE A 20 -2.94 13.74 -2.89
C ILE A 20 -3.46 14.83 -3.83
N ARG A 21 -3.75 15.99 -3.26
CA ARG A 21 -4.16 17.14 -4.02
C ARG A 21 -2.95 18.00 -4.32
N ALA A 22 -3.07 18.91 -5.28
CA ALA A 22 -1.98 19.82 -5.59
C ALA A 22 -1.92 20.91 -4.53
N GLN A 23 -1.03 20.72 -3.57
CA GLN A 23 -0.90 21.66 -2.46
C GLN A 23 -0.57 23.05 -2.96
N GLY A 24 -1.24 24.03 -2.40
CA GLY A 24 -1.07 25.41 -2.82
C GLY A 24 -2.15 25.83 -3.79
N ALA A 25 -3.02 24.89 -4.13
CA ALA A 25 -4.10 25.14 -5.06
C ALA A 25 -5.35 24.38 -4.64
N GLY A 26 -6.48 24.68 -5.28
CA GLY A 26 -7.71 23.98 -4.97
C GLY A 26 -8.76 24.89 -4.36
N GLY A 27 -8.32 26.05 -3.90
CA GLY A 27 -9.22 27.02 -3.34
C GLY A 27 -9.09 28.35 -4.04
N GLN A 28 -9.61 28.41 -5.27
CA GLN A 28 -9.43 29.53 -6.17
C GLN A 28 -7.98 29.60 -6.65
N ASN A 29 -7.83 29.77 -7.96
CA ASN A 29 -6.52 29.76 -8.63
C ASN A 29 -5.98 28.34 -8.72
N VAL A 30 -5.57 27.95 -9.93
CA VAL A 30 -5.11 26.59 -10.22
C VAL A 30 -6.13 25.56 -9.77
N ASN A 31 -7.08 25.26 -10.63
CA ASN A 31 -8.13 24.30 -10.30
C ASN A 31 -8.03 23.07 -11.16
N LYS A 32 -7.12 22.20 -10.77
CA LYS A 32 -6.94 20.90 -11.39
C LYS A 32 -6.27 19.98 -10.39
N VAL A 33 -6.92 18.88 -10.07
CA VAL A 33 -6.44 17.98 -9.04
C VAL A 33 -5.44 16.97 -9.62
N SER A 34 -4.42 16.65 -8.83
CA SER A 34 -3.42 15.69 -9.23
C SER A 34 -3.97 14.26 -9.13
N SER A 35 -3.49 13.40 -10.00
CA SER A 35 -3.96 12.01 -10.04
C SER A 35 -3.21 11.15 -9.03
N ALA A 36 -2.47 11.79 -8.13
CA ALA A 36 -1.67 11.08 -7.16
C ALA A 36 -2.51 10.57 -6.00
N MET A 37 -2.63 9.26 -5.91
CA MET A 37 -3.32 8.64 -4.79
C MET A 37 -2.29 8.19 -3.77
N HIS A 38 -2.74 7.90 -2.57
CA HIS A 38 -1.82 7.56 -1.49
C HIS A 38 -2.38 6.40 -0.68
N LEU A 39 -1.52 5.45 -0.38
CA LEU A 39 -1.92 4.27 0.36
C LEU A 39 -1.10 4.17 1.63
N ARG A 40 -1.78 3.98 2.75
CA ARG A 40 -1.10 3.80 4.02
C ARG A 40 -1.81 2.71 4.84
N PHE A 41 -1.15 1.58 4.98
CA PHE A 41 -1.73 0.46 5.71
C PHE A 41 -0.92 0.15 6.96
N ASP A 42 -1.52 0.36 8.11
CA ASP A 42 -0.86 0.06 9.39
C ASP A 42 -0.87 -1.43 9.66
N ILE A 43 0.20 -2.11 9.27
CA ILE A 43 0.37 -3.53 9.61
C ILE A 43 0.44 -3.67 11.11
N ASN A 44 1.01 -2.65 11.75
CA ASN A 44 1.14 -2.59 13.19
C ASN A 44 -0.21 -2.71 13.88
N ALA A 45 -1.15 -1.88 13.46
CA ALA A 45 -2.44 -1.77 14.15
C ALA A 45 -3.47 -2.76 13.64
N SER A 46 -3.31 -3.20 12.39
CA SER A 46 -4.30 -4.07 11.75
C SER A 46 -4.41 -5.42 12.45
N SER A 47 -5.49 -6.14 12.13
CA SER A 47 -5.79 -7.41 12.77
C SER A 47 -5.05 -8.57 12.10
N LEU A 48 -4.04 -8.26 11.30
CA LEU A 48 -3.23 -9.27 10.63
C LEU A 48 -2.57 -10.20 11.65
N PRO A 49 -2.65 -11.52 11.41
CA PRO A 49 -1.98 -12.52 12.25
C PRO A 49 -0.48 -12.30 12.29
N PRO A 50 0.17 -12.69 13.41
CA PRO A 50 1.62 -12.51 13.60
C PRO A 50 2.44 -13.01 12.41
N PHE A 51 1.98 -14.10 11.80
CA PHE A 51 2.64 -14.70 10.66
C PHE A 51 2.80 -13.69 9.52
N TYR A 52 1.68 -13.10 9.11
CA TYR A 52 1.68 -12.14 8.02
C TYR A 52 2.48 -10.89 8.37
N LYS A 53 2.37 -10.45 9.62
CA LYS A 53 3.11 -9.29 10.10
C LYS A 53 4.61 -9.51 9.97
N GLU A 54 5.08 -10.68 10.39
CA GLU A 54 6.50 -11.01 10.34
C GLU A 54 6.99 -11.14 8.90
N ARG A 55 6.16 -11.75 8.05
CA ARG A 55 6.52 -11.92 6.64
C ARG A 55 6.74 -10.57 5.97
N LEU A 56 5.87 -9.61 6.27
CA LEU A 56 5.96 -8.28 5.69
C LEU A 56 7.12 -7.49 6.29
N LEU A 57 7.21 -7.50 7.61
CA LEU A 57 8.24 -6.76 8.33
C LEU A 57 9.63 -7.23 7.92
N ALA A 58 9.81 -8.53 7.76
CA ALA A 58 11.10 -9.11 7.43
C ALA A 58 11.31 -9.20 5.92
N LEU A 59 10.65 -8.32 5.17
CA LEU A 59 10.75 -8.33 3.73
C LEU A 59 12.01 -7.57 3.29
N ASN A 60 12.39 -7.79 2.04
CA ASN A 60 13.56 -7.15 1.47
C ASN A 60 13.14 -5.91 0.68
N ASP A 61 11.92 -5.46 0.91
CA ASP A 61 11.35 -4.37 0.15
C ASP A 61 11.50 -3.06 0.91
N SER A 62 11.73 -1.99 0.19
CA SER A 62 11.97 -0.68 0.79
C SER A 62 10.68 0.11 1.01
N ARG A 63 9.55 -0.49 0.67
CA ARG A 63 8.26 0.11 0.95
C ARG A 63 7.73 -0.42 2.27
N ILE A 64 8.57 -1.18 2.95
CA ILE A 64 8.28 -1.67 4.28
C ILE A 64 8.96 -0.77 5.31
N THR A 65 8.22 -0.35 6.30
CA THR A 65 8.77 0.48 7.36
C THR A 65 9.02 -0.36 8.62
N SER A 66 9.92 0.09 9.47
CA SER A 66 10.29 -0.64 10.68
C SER A 66 9.11 -0.74 11.65
N ASP A 67 8.20 0.22 11.56
CA ASP A 67 7.03 0.23 12.45
C ASP A 67 5.92 -0.66 11.90
N GLY A 68 6.10 -1.13 10.68
CA GLY A 68 5.12 -1.99 10.07
C GLY A 68 3.97 -1.21 9.47
N VAL A 69 4.29 -0.28 8.59
CA VAL A 69 3.27 0.49 7.89
C VAL A 69 3.57 0.53 6.39
N ILE A 70 2.58 0.18 5.59
CA ILE A 70 2.71 0.22 4.14
C ILE A 70 2.38 1.61 3.62
N VAL A 71 3.37 2.30 3.09
CA VAL A 71 3.15 3.65 2.58
C VAL A 71 3.60 3.76 1.13
N LEU A 72 2.66 4.08 0.25
CA LEU A 72 2.95 4.24 -1.16
C LEU A 72 2.18 5.42 -1.72
N LYS A 73 2.53 5.79 -2.94
CA LYS A 73 1.86 6.86 -3.64
C LYS A 73 1.71 6.51 -5.10
N ALA A 74 0.49 6.26 -5.52
CA ALA A 74 0.21 5.87 -6.88
C ALA A 74 -0.12 7.09 -7.71
N GLN A 75 0.84 7.53 -8.49
CA GLN A 75 0.70 8.72 -9.33
C GLN A 75 0.81 8.33 -10.80
N GLN A 76 0.53 7.08 -11.10
CA GLN A 76 0.76 6.53 -12.43
C GLN A 76 -0.43 6.80 -13.36
N TYR A 77 -1.61 6.33 -12.97
CA TYR A 77 -2.77 6.37 -13.84
C TYR A 77 -3.39 7.77 -13.90
N ARG A 78 -4.23 7.99 -14.89
CA ARG A 78 -4.84 9.29 -15.13
C ARG A 78 -5.82 9.67 -14.02
N THR A 79 -6.48 8.66 -13.45
CA THR A 79 -7.47 8.90 -12.41
C THR A 79 -7.04 8.26 -11.09
N GLN A 80 -7.34 8.94 -9.98
CA GLN A 80 -7.05 8.40 -8.66
C GLN A 80 -7.82 7.11 -8.41
N GLU A 81 -8.94 6.95 -9.11
CA GLU A 81 -9.72 5.72 -9.05
C GLU A 81 -8.90 4.53 -9.49
N GLN A 82 -8.25 4.66 -10.65
CA GLN A 82 -7.43 3.58 -11.18
C GLN A 82 -6.20 3.36 -10.31
N ASN A 83 -5.65 4.45 -9.77
CA ASN A 83 -4.51 4.35 -8.88
C ASN A 83 -4.92 3.71 -7.56
N ARG A 84 -6.18 3.93 -7.18
CA ARG A 84 -6.76 3.33 -5.99
C ARG A 84 -6.78 1.82 -6.16
N ALA A 85 -7.31 1.39 -7.30
CA ALA A 85 -7.36 -0.04 -7.63
C ALA A 85 -5.96 -0.63 -7.74
N ASP A 86 -5.05 0.12 -8.35
CA ASP A 86 -3.65 -0.29 -8.47
C ASP A 86 -3.07 -0.54 -7.10
N ALA A 87 -3.20 0.46 -6.23
CA ALA A 87 -2.68 0.38 -4.87
C ALA A 87 -3.22 -0.83 -4.13
N LEU A 88 -4.51 -1.12 -4.29
CA LEU A 88 -5.13 -2.25 -3.62
C LEU A 88 -4.58 -3.57 -4.13
N LEU A 89 -4.42 -3.67 -5.45
CA LEU A 89 -3.86 -4.87 -6.07
C LEU A 89 -2.38 -4.97 -5.72
N ARG A 90 -1.73 -3.83 -5.69
CA ARG A 90 -0.31 -3.71 -5.36
C ARG A 90 -0.07 -4.22 -3.95
N LEU A 91 -0.93 -3.80 -3.03
CA LEU A 91 -0.84 -4.20 -1.63
C LEU A 91 -1.02 -5.70 -1.48
N SER A 92 -2.10 -6.20 -2.05
CA SER A 92 -2.44 -7.61 -1.95
C SER A 92 -1.36 -8.48 -2.60
N GLU A 93 -0.88 -8.06 -3.75
CA GLU A 93 0.19 -8.77 -4.44
C GLU A 93 1.43 -8.82 -3.55
N LEU A 94 1.78 -7.67 -2.98
CA LEU A 94 2.95 -7.57 -2.10
C LEU A 94 2.81 -8.51 -0.90
N ILE A 95 1.62 -8.54 -0.30
CA ILE A 95 1.36 -9.38 0.87
C ILE A 95 1.52 -10.85 0.52
N VAL A 96 0.85 -11.29 -0.55
CA VAL A 96 0.96 -12.67 -0.98
C VAL A 96 2.36 -12.99 -1.47
N ASN A 97 2.99 -12.00 -2.10
CA ASN A 97 4.35 -12.12 -2.61
C ASN A 97 5.31 -12.53 -1.50
N ALA A 98 5.23 -11.82 -0.37
CA ALA A 98 6.09 -12.09 0.77
C ALA A 98 5.80 -13.46 1.37
N ALA A 99 4.60 -13.98 1.13
CA ALA A 99 4.20 -15.27 1.67
C ALA A 99 4.61 -16.42 0.76
N LYS A 100 4.51 -16.22 -0.55
CA LYS A 100 4.75 -17.29 -1.50
C LYS A 100 6.24 -17.48 -1.76
N LEU A 101 7.01 -16.44 -1.50
CA LEU A 101 8.45 -16.53 -1.61
C LEU A 101 9.04 -17.16 -0.36
N GLU A 102 10.33 -17.48 -0.42
CA GLU A 102 11.02 -18.03 0.73
C GLU A 102 11.85 -16.95 1.43
N HIS A 103 12.51 -16.13 0.63
CA HIS A 103 13.28 -14.99 1.13
C HIS A 103 13.67 -14.09 -0.03
N HIS A 104 14.46 -13.05 0.27
CA HIS A 104 14.80 -12.02 -0.72
C HIS A 104 13.53 -11.26 -1.17
N HIS A 105 13.61 -10.67 -2.34
CA HIS A 105 12.46 -10.04 -2.98
C HIS A 105 12.75 -9.88 -4.46
N HIS A 106 14.02 -9.62 -4.76
CA HIS A 106 14.49 -9.53 -6.13
C HIS A 106 14.70 -10.92 -6.71
N HIS A 107 13.59 -11.64 -6.89
CA HIS A 107 13.61 -12.98 -7.44
C HIS A 107 12.19 -13.47 -7.65
N HIS A 108 11.89 -13.94 -8.85
CA HIS A 108 10.58 -14.49 -9.16
C HIS A 108 10.72 -15.83 -9.86
N MET A 1 -14.01 -4.40 1.54
CA MET A 1 -13.22 -5.28 2.43
C MET A 1 -12.36 -6.22 1.61
N LEU A 2 -11.08 -6.24 1.92
CA LEU A 2 -10.11 -7.03 1.17
C LEU A 2 -10.00 -8.42 1.75
N VAL A 3 -10.61 -9.37 1.08
CA VAL A 3 -10.52 -10.76 1.48
C VAL A 3 -9.25 -11.40 0.94
N ILE A 4 -8.32 -11.71 1.83
CA ILE A 4 -7.07 -12.32 1.45
C ILE A 4 -7.18 -13.83 1.62
N SER A 5 -7.33 -14.26 2.85
CA SER A 5 -7.54 -15.65 3.16
C SER A 5 -9.00 -15.85 3.57
N ASN A 6 -9.40 -17.09 3.72
CA ASN A 6 -10.76 -17.40 4.16
C ASN A 6 -10.98 -16.90 5.58
N ASN A 7 -9.96 -17.06 6.42
CA ASN A 7 -10.08 -16.70 7.83
C ASN A 7 -9.53 -15.32 8.11
N VAL A 8 -9.11 -14.62 7.05
CA VAL A 8 -8.48 -13.31 7.22
C VAL A 8 -9.09 -12.31 6.25
N HIS A 9 -9.68 -11.27 6.80
CA HIS A 9 -10.29 -10.22 5.99
C HIS A 9 -9.74 -8.87 6.42
N LEU A 10 -9.57 -7.95 5.47
CA LEU A 10 -9.13 -6.60 5.78
C LEU A 10 -10.27 -5.61 5.57
N PRO A 11 -10.87 -5.13 6.67
CA PRO A 11 -11.92 -4.12 6.61
C PRO A 11 -11.43 -2.83 5.97
N ASP A 12 -12.33 -2.16 5.25
CA ASP A 12 -12.01 -0.92 4.57
C ASP A 12 -11.45 0.14 5.52
N ALA A 13 -11.91 0.10 6.75
CA ALA A 13 -11.47 1.05 7.77
C ALA A 13 -9.98 0.89 8.11
N GLU A 14 -9.45 -0.32 7.95
CA GLU A 14 -8.06 -0.59 8.28
C GLU A 14 -7.14 -0.26 7.10
N ILE A 15 -7.72 0.33 6.07
CA ILE A 15 -6.97 0.75 4.90
C ILE A 15 -7.12 2.25 4.69
N GLU A 16 -6.03 2.98 4.82
CA GLU A 16 -6.06 4.43 4.70
C GLU A 16 -5.82 4.86 3.25
N LEU A 17 -6.91 5.21 2.58
CA LEU A 17 -6.84 5.69 1.21
C LEU A 17 -6.96 7.20 1.17
N THR A 18 -5.89 7.89 0.84
CA THR A 18 -5.93 9.34 0.75
C THR A 18 -5.54 9.79 -0.67
N ALA A 19 -6.10 10.90 -1.10
CA ALA A 19 -5.79 11.44 -2.42
C ALA A 19 -4.92 12.68 -2.29
N ILE A 20 -4.05 12.89 -3.26
CA ILE A 20 -3.18 14.06 -3.29
C ILE A 20 -3.35 14.74 -4.65
N ARG A 21 -2.90 15.97 -4.76
CA ARG A 21 -2.96 16.69 -6.01
C ARG A 21 -1.56 16.85 -6.59
N ALA A 22 -1.48 17.02 -7.90
CA ALA A 22 -0.20 17.11 -8.58
C ALA A 22 -0.10 18.40 -9.38
N GLN A 23 1.08 18.69 -9.86
CA GLN A 23 1.34 19.91 -10.62
C GLN A 23 0.92 19.72 -12.07
N GLY A 24 0.33 20.76 -12.64
CA GLY A 24 -0.08 20.70 -14.02
C GLY A 24 -0.18 22.09 -14.63
N ALA A 25 -0.99 22.21 -15.67
CA ALA A 25 -1.20 23.49 -16.37
C ALA A 25 0.11 24.05 -16.93
N GLY A 26 1.02 23.15 -17.27
CA GLY A 26 2.31 23.55 -17.78
C GLY A 26 3.32 22.44 -17.65
N GLY A 27 4.30 22.42 -18.54
CA GLY A 27 5.30 21.36 -18.51
C GLY A 27 5.16 20.42 -19.70
N GLN A 28 4.47 20.91 -20.73
CA GLN A 28 4.28 20.17 -21.98
C GLN A 28 3.34 18.98 -21.81
N ASN A 29 2.16 19.09 -22.43
CA ASN A 29 1.18 18.00 -22.54
C ASN A 29 0.44 17.76 -21.22
N VAL A 30 0.97 18.28 -20.14
CA VAL A 30 0.38 18.06 -18.82
C VAL A 30 -0.42 19.28 -18.36
N ASN A 31 -1.72 19.25 -18.59
CA ASN A 31 -2.60 20.32 -18.14
C ASN A 31 -3.73 19.75 -17.28
N LYS A 32 -3.53 18.52 -16.83
CA LYS A 32 -4.51 17.82 -16.03
C LYS A 32 -3.88 17.33 -14.72
N VAL A 33 -4.70 17.24 -13.68
CA VAL A 33 -4.24 16.78 -12.39
C VAL A 33 -4.04 15.26 -12.43
N SER A 34 -2.86 14.83 -12.00
CA SER A 34 -2.53 13.42 -11.97
C SER A 34 -3.28 12.71 -10.83
N SER A 35 -3.12 11.40 -10.75
CA SER A 35 -3.73 10.62 -9.69
C SER A 35 -3.11 10.98 -8.34
N ALA A 36 -1.87 10.53 -8.15
CA ALA A 36 -1.08 10.84 -6.96
C ALA A 36 -1.87 10.57 -5.68
N MET A 37 -1.89 9.33 -5.24
CA MET A 37 -2.62 8.98 -4.04
C MET A 37 -1.67 8.60 -2.92
N HIS A 38 -2.09 8.87 -1.70
CA HIS A 38 -1.36 8.45 -0.52
C HIS A 38 -1.95 7.16 0.00
N LEU A 39 -1.13 6.14 0.00
CA LEU A 39 -1.54 4.84 0.45
C LEU A 39 -0.90 4.56 1.79
N ARG A 40 -1.71 4.36 2.82
CA ARG A 40 -1.21 4.03 4.13
C ARG A 40 -1.86 2.76 4.66
N PHE A 41 -1.03 1.79 4.99
CA PHE A 41 -1.50 0.56 5.59
C PHE A 41 -0.63 0.24 6.80
N ASP A 42 -1.17 0.46 7.98
CA ASP A 42 -0.44 0.20 9.22
C ASP A 42 -0.46 -1.28 9.53
N ILE A 43 0.53 -2.00 9.03
CA ILE A 43 0.64 -3.44 9.26
C ILE A 43 0.67 -3.72 10.77
N ASN A 44 1.40 -2.88 11.49
CA ASN A 44 1.51 -2.99 12.94
C ASN A 44 0.14 -2.97 13.59
N ALA A 45 -0.70 -2.02 13.19
CA ALA A 45 -2.01 -1.83 13.81
C ALA A 45 -3.07 -2.73 13.19
N SER A 46 -2.86 -3.15 11.95
CA SER A 46 -3.84 -3.96 11.24
C SER A 46 -4.08 -5.30 11.92
N SER A 47 -5.25 -5.86 11.67
CA SER A 47 -5.64 -7.13 12.28
C SER A 47 -5.01 -8.33 11.57
N LEU A 48 -3.97 -8.08 10.79
CA LEU A 48 -3.24 -9.16 10.13
C LEU A 48 -2.61 -10.08 11.17
N PRO A 49 -2.60 -11.39 10.91
CA PRO A 49 -1.94 -12.36 11.79
C PRO A 49 -0.45 -12.06 11.92
N PRO A 50 0.10 -12.21 13.15
CA PRO A 50 1.51 -11.93 13.44
C PRO A 50 2.45 -12.64 12.48
N PHE A 51 2.04 -13.81 12.01
CA PHE A 51 2.82 -14.57 11.04
C PHE A 51 3.14 -13.71 9.81
N TYR A 52 2.10 -13.10 9.24
CA TYR A 52 2.27 -12.27 8.06
C TYR A 52 3.09 -11.03 8.39
N LYS A 53 2.87 -10.47 9.58
CA LYS A 53 3.61 -9.29 10.02
C LYS A 53 5.11 -9.57 10.07
N GLU A 54 5.48 -10.73 10.62
CA GLU A 54 6.87 -11.14 10.69
C GLU A 54 7.47 -11.27 9.28
N ARG A 55 6.73 -11.93 8.40
CA ARG A 55 7.18 -12.17 7.03
C ARG A 55 7.45 -10.84 6.31
N LEU A 56 6.51 -9.91 6.43
CA LEU A 56 6.64 -8.62 5.77
C LEU A 56 7.81 -7.82 6.33
N LEU A 57 7.94 -7.81 7.65
CA LEU A 57 9.03 -7.13 8.32
C LEU A 57 10.38 -7.73 7.89
N ALA A 58 10.42 -9.05 7.80
CA ALA A 58 11.66 -9.76 7.47
C ALA A 58 11.88 -9.84 5.97
N LEU A 59 11.24 -8.95 5.22
CA LEU A 59 11.41 -8.91 3.78
C LEU A 59 12.71 -8.18 3.42
N ASN A 60 13.15 -8.36 2.19
CA ASN A 60 14.39 -7.76 1.72
C ASN A 60 14.12 -6.38 1.11
N ASP A 61 12.92 -5.88 1.36
CA ASP A 61 12.51 -4.61 0.79
C ASP A 61 12.76 -3.48 1.77
N SER A 62 13.19 -2.35 1.25
CA SER A 62 13.54 -1.21 2.07
C SER A 62 12.48 -0.11 2.04
N ARG A 63 11.35 -0.38 1.39
CA ARG A 63 10.24 0.55 1.40
C ARG A 63 9.26 0.10 2.47
N ILE A 64 9.21 -1.21 2.67
CA ILE A 64 8.53 -1.79 3.82
C ILE A 64 9.30 -1.44 5.09
N THR A 65 8.73 -0.56 5.90
CA THR A 65 9.40 -0.07 7.09
C THR A 65 9.53 -1.17 8.14
N SER A 66 10.56 -1.07 8.97
CA SER A 66 10.81 -2.06 9.99
C SER A 66 9.86 -1.90 11.18
N ASP A 67 9.02 -0.87 11.10
CA ASP A 67 7.98 -0.63 12.09
C ASP A 67 6.68 -1.30 11.67
N GLY A 68 6.63 -1.73 10.41
CA GLY A 68 5.44 -2.35 9.89
C GLY A 68 4.39 -1.34 9.47
N VAL A 69 4.83 -0.32 8.72
CA VAL A 69 3.91 0.70 8.23
C VAL A 69 4.12 0.90 6.73
N ILE A 70 3.05 0.75 5.98
CA ILE A 70 3.10 0.92 4.53
C ILE A 70 2.64 2.32 4.14
N VAL A 71 3.56 3.13 3.63
CA VAL A 71 3.24 4.47 3.18
C VAL A 71 3.88 4.74 1.82
N LEU A 72 3.05 4.86 0.80
CA LEU A 72 3.54 5.14 -0.53
C LEU A 72 2.70 6.22 -1.18
N LYS A 73 3.19 6.72 -2.32
CA LYS A 73 2.47 7.69 -3.11
C LYS A 73 2.40 7.20 -4.54
N ALA A 74 1.23 6.76 -4.94
CA ALA A 74 1.05 6.13 -6.24
C ALA A 74 0.50 7.12 -7.26
N GLN A 75 1.30 7.37 -8.30
CA GLN A 75 0.90 8.23 -9.40
C GLN A 75 1.00 7.45 -10.71
N GLN A 76 0.87 6.14 -10.61
CA GLN A 76 1.13 5.25 -11.74
C GLN A 76 0.02 5.35 -12.79
N TYR A 77 -1.23 5.34 -12.35
CA TYR A 77 -2.36 5.36 -13.27
C TYR A 77 -2.81 6.80 -13.51
N ARG A 78 -3.51 7.02 -14.62
CA ARG A 78 -3.99 8.33 -15.00
C ARG A 78 -5.10 8.82 -14.07
N THR A 79 -6.05 7.94 -13.79
CA THR A 79 -7.19 8.29 -12.95
C THR A 79 -6.97 7.83 -11.51
N GLN A 80 -7.54 8.56 -10.57
CA GLN A 80 -7.33 8.29 -9.15
C GLN A 80 -8.02 7.01 -8.72
N GLU A 81 -9.29 6.86 -9.06
CA GLU A 81 -10.07 5.70 -8.64
C GLU A 81 -9.49 4.39 -9.17
N GLN A 82 -9.00 4.42 -10.41
CA GLN A 82 -8.38 3.24 -10.99
C GLN A 82 -7.00 2.99 -10.39
N ASN A 83 -6.32 4.06 -10.05
CA ASN A 83 -5.02 3.97 -9.39
C ASN A 83 -5.19 3.44 -7.97
N ARG A 84 -6.28 3.87 -7.33
CA ARG A 84 -6.70 3.36 -6.04
C ARG A 84 -6.86 1.84 -6.08
N ALA A 85 -7.69 1.39 -7.01
CA ALA A 85 -7.93 -0.03 -7.20
C ALA A 85 -6.64 -0.78 -7.49
N ASP A 86 -5.76 -0.18 -8.28
CA ASP A 86 -4.48 -0.77 -8.63
C ASP A 86 -3.62 -0.94 -7.38
N ALA A 87 -3.49 0.14 -6.63
CA ALA A 87 -2.71 0.15 -5.39
C ALA A 87 -3.20 -0.93 -4.43
N LEU A 88 -4.52 -1.05 -4.29
CA LEU A 88 -5.11 -2.04 -3.40
C LEU A 88 -4.77 -3.46 -3.87
N LEU A 89 -4.89 -3.69 -5.16
CA LEU A 89 -4.60 -5.00 -5.74
C LEU A 89 -3.11 -5.29 -5.62
N ARG A 90 -2.31 -4.27 -5.88
CA ARG A 90 -0.85 -4.36 -5.79
C ARG A 90 -0.42 -4.70 -4.37
N LEU A 91 -1.07 -4.05 -3.40
CA LEU A 91 -0.79 -4.29 -1.99
C LEU A 91 -1.16 -5.72 -1.60
N SER A 92 -2.38 -6.10 -1.95
CA SER A 92 -2.89 -7.43 -1.65
C SER A 92 -1.98 -8.51 -2.24
N GLU A 93 -1.54 -8.28 -3.47
CA GLU A 93 -0.63 -9.21 -4.13
C GLU A 93 0.64 -9.36 -3.31
N LEU A 94 1.24 -8.22 -2.96
CA LEU A 94 2.47 -8.19 -2.18
C LEU A 94 2.34 -9.04 -0.92
N ILE A 95 1.23 -8.87 -0.21
CA ILE A 95 0.98 -9.60 1.03
C ILE A 95 1.06 -11.11 0.83
N VAL A 96 0.34 -11.62 -0.15
CA VAL A 96 0.30 -13.06 -0.42
C VAL A 96 1.60 -13.52 -1.08
N ASN A 97 2.07 -12.73 -2.04
CA ASN A 97 3.23 -13.08 -2.84
C ASN A 97 4.50 -13.17 -1.99
N ALA A 98 4.68 -12.21 -1.09
CA ALA A 98 5.88 -12.14 -0.26
C ALA A 98 5.84 -13.20 0.84
N ALA A 99 4.66 -13.76 1.10
CA ALA A 99 4.50 -14.75 2.15
C ALA A 99 5.23 -16.05 1.80
N LYS A 100 5.31 -16.36 0.52
CA LYS A 100 5.95 -17.60 0.07
C LYS A 100 7.44 -17.39 -0.22
N LEU A 101 7.86 -16.14 -0.25
CA LEU A 101 9.21 -15.80 -0.65
C LEU A 101 10.22 -16.09 0.46
N GLU A 102 10.96 -17.18 0.30
CA GLU A 102 12.12 -17.45 1.15
C GLU A 102 13.38 -17.27 0.33
N HIS A 103 13.27 -17.50 -0.97
CA HIS A 103 14.32 -17.21 -1.92
C HIS A 103 14.28 -15.74 -2.29
N HIS A 104 14.84 -14.90 -1.44
CA HIS A 104 14.88 -13.47 -1.70
C HIS A 104 16.03 -13.13 -2.63
N HIS A 105 15.71 -12.88 -3.89
CA HIS A 105 16.70 -12.47 -4.87
C HIS A 105 17.06 -11.02 -4.63
N HIS A 106 18.36 -10.71 -4.68
CA HIS A 106 18.81 -9.34 -4.53
C HIS A 106 18.47 -8.53 -5.79
N HIS A 107 17.21 -8.11 -5.85
CA HIS A 107 16.64 -7.43 -7.01
C HIS A 107 16.58 -8.39 -8.20
N HIS A 108 17.65 -8.41 -8.99
CA HIS A 108 17.81 -9.36 -10.09
C HIS A 108 19.07 -9.02 -10.88
N MET A 1 -13.95 -3.72 1.82
CA MET A 1 -13.12 -4.70 2.56
C MET A 1 -12.23 -5.47 1.59
N LEU A 2 -11.01 -5.73 2.01
CA LEU A 2 -10.06 -6.46 1.18
C LEU A 2 -9.94 -7.90 1.68
N VAL A 3 -10.55 -8.81 0.95
CA VAL A 3 -10.49 -10.22 1.28
C VAL A 3 -9.12 -10.81 0.91
N ILE A 4 -8.39 -11.25 1.91
CA ILE A 4 -7.07 -11.84 1.69
C ILE A 4 -7.18 -13.35 1.61
N SER A 5 -7.79 -13.94 2.63
CA SER A 5 -7.94 -15.37 2.70
C SER A 5 -9.31 -15.70 3.29
N ASN A 6 -9.58 -16.99 3.50
CA ASN A 6 -10.89 -17.45 3.96
C ASN A 6 -11.25 -16.85 5.31
N ASN A 7 -10.30 -16.82 6.22
CA ASN A 7 -10.54 -16.28 7.56
C ASN A 7 -9.76 -15.00 7.78
N VAL A 8 -9.27 -14.41 6.70
CA VAL A 8 -8.49 -13.19 6.79
C VAL A 8 -9.11 -12.10 5.93
N HIS A 9 -9.52 -11.03 6.58
CA HIS A 9 -10.15 -9.90 5.90
C HIS A 9 -9.52 -8.60 6.36
N LEU A 10 -9.40 -7.65 5.45
CA LEU A 10 -8.87 -6.34 5.78
C LEU A 10 -9.99 -5.31 5.69
N PRO A 11 -10.44 -4.80 6.83
CA PRO A 11 -11.48 -3.77 6.90
C PRO A 11 -11.00 -2.45 6.29
N ASP A 12 -11.92 -1.77 5.62
CA ASP A 12 -11.62 -0.47 5.01
C ASP A 12 -11.10 0.52 6.04
N ALA A 13 -11.59 0.38 7.27
CA ALA A 13 -11.19 1.26 8.37
C ALA A 13 -9.69 1.15 8.69
N GLU A 14 -9.09 0.02 8.35
CA GLU A 14 -7.67 -0.20 8.63
C GLU A 14 -6.82 0.19 7.44
N ILE A 15 -7.47 0.74 6.41
CA ILE A 15 -6.79 1.16 5.20
C ILE A 15 -6.88 2.67 5.04
N GLU A 16 -5.73 3.33 5.04
CA GLU A 16 -5.69 4.77 4.88
C GLU A 16 -5.37 5.15 3.43
N LEU A 17 -6.40 5.43 2.67
CA LEU A 17 -6.24 5.91 1.30
C LEU A 17 -6.65 7.36 1.20
N THR A 18 -5.67 8.22 1.02
CA THR A 18 -5.91 9.65 0.99
C THR A 18 -5.82 10.17 -0.44
N ALA A 19 -6.52 11.26 -0.74
CA ALA A 19 -6.49 11.84 -2.07
C ALA A 19 -5.67 13.13 -2.07
N ILE A 20 -4.58 13.14 -2.82
CA ILE A 20 -3.70 14.30 -2.86
C ILE A 20 -4.02 15.18 -4.06
N ARG A 21 -4.27 16.44 -3.80
CA ARG A 21 -4.47 17.41 -4.86
C ARG A 21 -3.16 18.10 -5.21
N ALA A 22 -3.07 18.59 -6.44
CA ALA A 22 -1.89 19.30 -6.89
C ALA A 22 -2.25 20.77 -7.14
N GLN A 23 -1.36 21.50 -7.80
CA GLN A 23 -1.61 22.89 -8.09
C GLN A 23 -2.68 23.03 -9.17
N GLY A 24 -3.64 23.89 -8.91
CA GLY A 24 -4.74 24.08 -9.83
C GLY A 24 -4.74 25.44 -10.48
N ALA A 25 -3.54 25.94 -10.76
CA ALA A 25 -3.37 27.25 -11.38
C ALA A 25 -2.14 27.24 -12.27
N GLY A 26 -2.11 28.14 -13.24
CA GLY A 26 -0.98 28.25 -14.12
C GLY A 26 -1.18 29.30 -15.18
N GLY A 27 -0.32 29.31 -16.19
CA GLY A 27 -0.44 30.28 -17.26
C GLY A 27 -1.71 30.07 -18.07
N GLN A 28 -1.94 28.84 -18.50
CA GLN A 28 -3.11 28.53 -19.31
C GLN A 28 -4.20 27.93 -18.42
N ASN A 29 -3.93 27.91 -17.13
CA ASN A 29 -4.80 27.30 -16.12
C ASN A 29 -4.86 25.78 -16.28
N VAL A 30 -4.99 25.08 -15.16
CA VAL A 30 -5.17 23.64 -15.18
C VAL A 30 -6.42 23.27 -14.39
N ASN A 31 -7.47 22.94 -15.13
CA ASN A 31 -8.78 22.66 -14.52
C ASN A 31 -8.90 21.17 -14.25
N LYS A 32 -7.78 20.51 -14.06
CA LYS A 32 -7.75 19.09 -13.82
C LYS A 32 -7.42 18.79 -12.36
N VAL A 33 -7.99 17.72 -11.85
CA VAL A 33 -7.69 17.26 -10.50
C VAL A 33 -6.52 16.27 -10.54
N SER A 34 -5.80 16.14 -9.45
CA SER A 34 -4.68 15.22 -9.40
C SER A 34 -5.18 13.78 -9.26
N SER A 35 -4.38 12.85 -9.71
CA SER A 35 -4.74 11.45 -9.67
C SER A 35 -3.91 10.73 -8.61
N ALA A 36 -3.02 11.48 -7.97
CA ALA A 36 -2.10 10.94 -7.00
C ALA A 36 -2.78 10.69 -5.66
N MET A 37 -2.93 9.43 -5.31
CA MET A 37 -3.48 9.05 -4.03
C MET A 37 -2.38 8.66 -3.06
N HIS A 38 -2.61 8.92 -1.78
CA HIS A 38 -1.67 8.58 -0.72
C HIS A 38 -2.11 7.30 -0.04
N LEU A 39 -1.19 6.37 0.07
CA LEU A 39 -1.49 5.09 0.66
C LEU A 39 -0.75 4.92 1.98
N ARG A 40 -1.51 4.65 3.03
CA ARG A 40 -0.95 4.23 4.30
C ARG A 40 -1.63 2.94 4.76
N PHE A 41 -0.84 1.89 4.93
CA PHE A 41 -1.37 0.65 5.45
C PHE A 41 -0.51 0.16 6.60
N ASP A 42 -1.04 0.31 7.81
CA ASP A 42 -0.33 -0.12 9.00
C ASP A 42 -0.32 -1.65 9.10
N ILE A 43 0.79 -2.25 8.69
CA ILE A 43 0.94 -3.69 8.77
C ILE A 43 0.86 -4.14 10.23
N ASN A 44 1.42 -3.33 11.10
CA ASN A 44 1.45 -3.62 12.52
C ASN A 44 0.05 -3.69 13.11
N ALA A 45 -0.78 -2.71 12.76
CA ALA A 45 -2.07 -2.53 13.42
C ALA A 45 -3.22 -3.25 12.71
N SER A 46 -2.99 -3.75 11.51
CA SER A 46 -4.06 -4.35 10.71
C SER A 46 -4.43 -5.75 11.17
N SER A 47 -5.50 -6.28 10.61
CA SER A 47 -6.05 -7.59 10.99
C SER A 47 -5.21 -8.75 10.47
N LEU A 48 -4.06 -8.46 9.89
CA LEU A 48 -3.19 -9.49 9.36
C LEU A 48 -2.66 -10.40 10.46
N PRO A 49 -2.70 -11.72 10.25
CA PRO A 49 -2.08 -12.69 11.16
C PRO A 49 -0.57 -12.49 11.25
N PRO A 50 0.03 -12.82 12.41
CA PRO A 50 1.48 -12.69 12.63
C PRO A 50 2.30 -13.37 11.53
N PHE A 51 1.76 -14.45 10.97
CA PHE A 51 2.38 -15.15 9.85
C PHE A 51 2.78 -14.19 8.74
N TYR A 52 1.83 -13.35 8.33
CA TYR A 52 2.06 -12.39 7.28
C TYR A 52 2.93 -11.24 7.78
N LYS A 53 2.66 -10.79 9.00
CA LYS A 53 3.37 -9.64 9.56
C LYS A 53 4.86 -9.91 9.71
N GLU A 54 5.22 -11.12 10.13
CA GLU A 54 6.63 -11.50 10.27
C GLU A 54 7.36 -11.38 8.93
N ARG A 55 6.75 -11.90 7.89
CA ARG A 55 7.36 -11.85 6.56
C ARG A 55 7.44 -10.41 6.07
N LEU A 56 6.35 -9.68 6.22
CA LEU A 56 6.28 -8.30 5.75
C LEU A 56 7.27 -7.40 6.49
N LEU A 57 7.33 -7.56 7.81
CA LEU A 57 8.22 -6.75 8.65
C LEU A 57 9.67 -6.95 8.25
N ALA A 58 10.03 -8.19 7.94
CA ALA A 58 11.40 -8.54 7.62
C ALA A 58 11.63 -8.66 6.12
N LEU A 59 10.83 -7.97 5.33
CA LEU A 59 10.99 -7.98 3.89
C LEU A 59 11.94 -6.87 3.50
N ASN A 60 12.55 -7.00 2.34
CA ASN A 60 13.49 -6.00 1.85
C ASN A 60 12.77 -5.10 0.84
N ASP A 61 11.46 -5.16 0.86
CA ASP A 61 10.66 -4.40 -0.08
C ASP A 61 10.75 -2.92 0.24
N SER A 62 10.93 -2.13 -0.79
CA SER A 62 11.21 -0.70 -0.65
C SER A 62 9.92 0.12 -0.47
N ARG A 63 8.78 -0.55 -0.37
CA ARG A 63 7.53 0.15 -0.12
C ARG A 63 7.11 -0.05 1.33
N ILE A 64 7.78 -0.98 1.99
CA ILE A 64 7.56 -1.24 3.41
C ILE A 64 8.62 -0.52 4.22
N THR A 65 8.21 0.48 4.98
CA THR A 65 9.16 1.23 5.79
C THR A 65 9.44 0.50 7.10
N SER A 66 10.49 0.91 7.79
CA SER A 66 10.87 0.28 9.05
C SER A 66 9.91 0.68 10.17
N ASP A 67 8.86 1.42 9.80
CA ASP A 67 7.81 1.78 10.74
C ASP A 67 6.81 0.63 10.84
N GLY A 68 6.83 -0.24 9.83
CA GLY A 68 5.86 -1.30 9.73
C GLY A 68 4.61 -0.82 9.02
N VAL A 69 4.77 0.23 8.22
CA VAL A 69 3.65 0.84 7.52
C VAL A 69 3.94 0.92 6.02
N ILE A 70 2.92 0.63 5.22
CA ILE A 70 3.01 0.76 3.78
C ILE A 70 2.80 2.23 3.38
N VAL A 71 3.77 2.80 2.67
CA VAL A 71 3.69 4.20 2.26
C VAL A 71 3.92 4.33 0.76
N LEU A 72 2.91 4.79 0.04
CA LEU A 72 3.02 4.96 -1.42
C LEU A 72 2.27 6.18 -1.90
N LYS A 73 2.46 6.45 -3.19
CA LYS A 73 1.70 7.45 -3.91
C LYS A 73 1.22 6.85 -5.20
N ALA A 74 -0.05 6.63 -5.30
CA ALA A 74 -0.63 6.06 -6.51
C ALA A 74 -0.91 7.17 -7.51
N GLN A 75 -0.03 7.29 -8.49
CA GLN A 75 -0.12 8.33 -9.50
C GLN A 75 0.15 7.76 -10.88
N GLN A 76 0.00 6.46 -10.99
CA GLN A 76 0.34 5.74 -12.22
C GLN A 76 -0.79 5.84 -13.24
N TYR A 77 -2.01 5.70 -12.78
CA TYR A 77 -3.16 5.65 -13.66
C TYR A 77 -3.79 7.02 -13.86
N ARG A 78 -4.59 7.13 -14.91
CA ARG A 78 -5.30 8.35 -15.28
C ARG A 78 -6.35 8.73 -14.23
N THR A 79 -6.99 7.74 -13.64
CA THR A 79 -8.05 7.98 -12.67
C THR A 79 -7.63 7.61 -11.26
N GLN A 80 -8.12 8.36 -10.28
CA GLN A 80 -7.82 8.09 -8.88
C GLN A 80 -8.32 6.71 -8.47
N GLU A 81 -9.50 6.35 -8.96
CA GLU A 81 -10.12 5.08 -8.60
C GLU A 81 -9.25 3.90 -9.00
N GLN A 82 -8.70 3.93 -10.20
CA GLN A 82 -7.87 2.84 -10.67
C GLN A 82 -6.50 2.87 -10.01
N ASN A 83 -6.02 4.07 -9.68
CA ASN A 83 -4.81 4.21 -8.88
C ASN A 83 -5.02 3.61 -7.50
N ARG A 84 -6.18 3.89 -6.93
CA ARG A 84 -6.60 3.33 -5.65
C ARG A 84 -6.56 1.81 -5.69
N ALA A 85 -7.21 1.25 -6.71
CA ALA A 85 -7.29 -0.19 -6.89
C ALA A 85 -5.93 -0.79 -7.24
N ASP A 86 -5.10 -0.02 -7.91
CA ASP A 86 -3.77 -0.48 -8.31
C ASP A 86 -2.88 -0.64 -7.08
N ALA A 87 -2.91 0.37 -6.23
CA ALA A 87 -2.18 0.34 -4.97
C ALA A 87 -2.64 -0.83 -4.12
N LEU A 88 -3.95 -1.04 -4.08
CA LEU A 88 -4.54 -2.17 -3.34
C LEU A 88 -4.13 -3.50 -3.97
N LEU A 89 -3.92 -3.51 -5.28
CA LEU A 89 -3.50 -4.71 -5.99
C LEU A 89 -2.14 -5.17 -5.47
N ARG A 90 -1.17 -4.27 -5.49
CA ARG A 90 0.16 -4.57 -4.99
C ARG A 90 0.12 -4.89 -3.51
N LEU A 91 -0.67 -4.11 -2.77
CA LEU A 91 -0.81 -4.29 -1.32
C LEU A 91 -1.25 -5.70 -1.00
N SER A 92 -2.33 -6.13 -1.65
CA SER A 92 -2.91 -7.44 -1.38
C SER A 92 -2.01 -8.56 -1.88
N GLU A 93 -1.35 -8.34 -3.01
CA GLU A 93 -0.48 -9.35 -3.59
C GLU A 93 0.77 -9.54 -2.75
N LEU A 94 1.41 -8.44 -2.36
CA LEU A 94 2.67 -8.50 -1.61
C LEU A 94 2.45 -9.23 -0.29
N ILE A 95 1.30 -8.97 0.35
CA ILE A 95 0.94 -9.63 1.60
C ILE A 95 0.97 -11.16 1.44
N VAL A 96 0.33 -11.65 0.40
CA VAL A 96 0.28 -13.09 0.15
C VAL A 96 1.60 -13.58 -0.43
N ASN A 97 2.23 -12.74 -1.24
CA ASN A 97 3.46 -13.08 -1.95
C ASN A 97 4.59 -13.35 -0.98
N ALA A 98 4.62 -12.61 0.12
CA ALA A 98 5.65 -12.77 1.14
C ALA A 98 5.65 -14.16 1.75
N ALA A 99 4.51 -14.85 1.63
CA ALA A 99 4.38 -16.20 2.17
C ALA A 99 5.08 -17.22 1.28
N LYS A 100 5.35 -16.84 0.03
CA LYS A 100 6.04 -17.72 -0.90
C LYS A 100 7.55 -17.50 -0.80
N LEU A 101 7.90 -16.30 -0.36
CA LEU A 101 9.28 -15.89 -0.27
C LEU A 101 9.87 -16.26 1.08
N GLU A 102 11.18 -16.23 1.15
CA GLU A 102 11.87 -16.44 2.41
C GLU A 102 12.54 -15.14 2.83
N HIS A 103 13.71 -14.85 2.26
CA HIS A 103 14.38 -13.56 2.47
C HIS A 103 15.15 -13.15 1.23
N HIS A 104 14.72 -13.68 0.08
CA HIS A 104 15.34 -13.34 -1.19
C HIS A 104 14.80 -12.03 -1.71
N HIS A 105 15.66 -11.03 -1.83
CA HIS A 105 15.23 -9.72 -2.32
C HIS A 105 15.55 -9.54 -3.80
N HIS A 106 15.93 -10.64 -4.44
CA HIS A 106 16.23 -10.63 -5.87
C HIS A 106 15.05 -11.21 -6.66
N HIS A 107 14.64 -10.50 -7.70
CA HIS A 107 13.53 -10.95 -8.55
C HIS A 107 13.76 -10.56 -10.00
N HIS A 108 14.27 -11.52 -10.77
CA HIS A 108 14.47 -11.31 -12.19
C HIS A 108 14.69 -12.66 -12.87
N MET A 1 -14.37 -4.65 2.06
CA MET A 1 -13.48 -5.57 2.83
C MET A 1 -12.54 -6.30 1.88
N LEU A 2 -11.28 -6.42 2.29
CA LEU A 2 -10.31 -7.16 1.53
C LEU A 2 -10.20 -8.57 2.09
N VAL A 3 -10.94 -9.49 1.49
CA VAL A 3 -10.92 -10.88 1.92
C VAL A 3 -9.69 -11.59 1.37
N ILE A 4 -8.82 -12.02 2.28
CA ILE A 4 -7.59 -12.68 1.88
C ILE A 4 -7.79 -14.19 1.81
N SER A 5 -8.31 -14.76 2.88
CA SER A 5 -8.52 -16.20 2.97
C SER A 5 -9.73 -16.51 3.84
N ASN A 6 -9.86 -17.77 4.23
CA ASN A 6 -10.96 -18.23 5.07
C ASN A 6 -11.03 -17.45 6.37
N ASN A 7 -9.91 -17.38 7.08
CA ASN A 7 -9.90 -16.80 8.42
C ASN A 7 -9.17 -15.46 8.44
N VAL A 8 -8.92 -14.90 7.28
CA VAL A 8 -8.28 -13.59 7.22
C VAL A 8 -9.13 -12.64 6.40
N HIS A 9 -9.58 -11.58 7.06
CA HIS A 9 -10.39 -10.54 6.43
C HIS A 9 -9.86 -9.18 6.85
N LEU A 10 -9.68 -8.29 5.89
CA LEU A 10 -9.16 -6.97 6.18
C LEU A 10 -10.26 -5.92 6.02
N PRO A 11 -10.66 -5.30 7.13
CA PRO A 11 -11.63 -4.21 7.13
C PRO A 11 -11.11 -3.03 6.33
N ASP A 12 -12.02 -2.39 5.59
CA ASP A 12 -11.67 -1.24 4.76
C ASP A 12 -10.99 -0.17 5.59
N ALA A 13 -11.49 0.01 6.80
CA ALA A 13 -11.00 1.03 7.72
C ALA A 13 -9.58 0.79 8.20
N GLU A 14 -9.02 -0.39 7.95
CA GLU A 14 -7.64 -0.66 8.33
C GLU A 14 -6.69 -0.21 7.24
N ILE A 15 -7.29 0.21 6.13
CA ILE A 15 -6.53 0.70 5.00
C ILE A 15 -6.72 2.21 4.88
N GLU A 16 -5.66 2.96 5.13
CA GLU A 16 -5.75 4.40 5.10
C GLU A 16 -5.52 4.90 3.67
N LEU A 17 -6.62 5.31 3.03
CA LEU A 17 -6.57 5.81 1.67
C LEU A 17 -6.53 7.33 1.67
N THR A 18 -5.39 7.88 1.28
CA THR A 18 -5.24 9.32 1.20
C THR A 18 -5.02 9.74 -0.25
N ALA A 19 -5.36 10.98 -0.55
CA ALA A 19 -5.22 11.50 -1.90
C ALA A 19 -4.35 12.76 -1.89
N ILE A 20 -3.40 12.81 -2.80
CA ILE A 20 -2.48 13.94 -2.87
C ILE A 20 -2.66 14.71 -4.17
N ARG A 21 -3.02 15.98 -4.06
CA ARG A 21 -3.16 16.82 -5.24
C ARG A 21 -1.82 17.46 -5.60
N ALA A 22 -1.75 18.00 -6.81
CA ALA A 22 -0.48 18.40 -7.38
C ALA A 22 0.05 19.71 -6.80
N GLN A 23 1.34 19.71 -6.49
CA GLN A 23 2.04 20.94 -6.14
C GLN A 23 2.76 21.43 -7.38
N GLY A 24 2.66 22.70 -7.65
CA GLY A 24 3.16 23.23 -8.90
C GLY A 24 3.86 24.56 -8.78
N ALA A 25 4.92 24.58 -7.99
CA ALA A 25 5.74 25.78 -7.87
C ALA A 25 6.95 25.66 -8.79
N GLY A 26 7.61 26.78 -9.04
CA GLY A 26 8.79 26.77 -9.88
C GLY A 26 8.51 27.26 -11.28
N GLY A 27 9.05 26.56 -12.27
CA GLY A 27 8.94 26.99 -13.65
C GLY A 27 7.65 26.54 -14.31
N GLN A 28 6.93 25.64 -13.66
CA GLN A 28 5.68 25.15 -14.20
C GLN A 28 4.59 25.19 -13.13
N ASN A 29 3.66 26.11 -13.30
CA ASN A 29 2.57 26.28 -12.35
C ASN A 29 1.33 25.56 -12.86
N VAL A 30 1.07 24.39 -12.31
CA VAL A 30 -0.03 23.56 -12.73
C VAL A 30 -1.14 23.55 -11.69
N ASN A 31 -2.21 24.28 -11.98
CA ASN A 31 -3.36 24.39 -11.09
C ASN A 31 -4.33 23.23 -11.31
N LYS A 32 -3.79 22.02 -11.39
CA LYS A 32 -4.59 20.84 -11.63
C LYS A 32 -4.42 19.83 -10.51
N VAL A 33 -5.37 18.93 -10.39
CA VAL A 33 -5.31 17.89 -9.37
C VAL A 33 -4.40 16.75 -9.84
N SER A 34 -3.83 16.03 -8.90
CA SER A 34 -2.97 14.91 -9.22
C SER A 34 -3.70 13.61 -8.95
N SER A 35 -3.26 12.55 -9.59
CA SER A 35 -3.85 11.24 -9.42
C SER A 35 -3.06 10.42 -8.39
N ALA A 36 -2.05 11.07 -7.81
CA ALA A 36 -1.17 10.44 -6.84
C ALA A 36 -1.92 10.13 -5.56
N MET A 37 -2.23 8.87 -5.36
CA MET A 37 -2.89 8.42 -4.15
C MET A 37 -1.86 7.91 -3.16
N HIS A 38 -2.06 8.19 -1.89
CA HIS A 38 -1.14 7.75 -0.86
C HIS A 38 -1.75 6.61 -0.10
N LEU A 39 -1.11 5.47 -0.20
CA LEU A 39 -1.60 4.27 0.43
C LEU A 39 -0.85 4.02 1.72
N ARG A 40 -1.59 3.98 2.82
CA ARG A 40 -1.03 3.61 4.10
C ARG A 40 -1.71 2.34 4.61
N PHE A 41 -0.98 1.26 4.63
CA PHE A 41 -1.50 0.02 5.19
C PHE A 41 -0.74 -0.34 6.45
N ASP A 42 -1.41 -0.20 7.59
CA ASP A 42 -0.79 -0.47 8.88
C ASP A 42 -0.62 -1.97 9.10
N ILE A 43 0.58 -2.45 8.81
CA ILE A 43 0.96 -3.83 9.10
C ILE A 43 0.71 -4.13 10.57
N ASN A 44 1.04 -3.14 11.39
CA ASN A 44 0.94 -3.23 12.83
C ASN A 44 -0.52 -3.34 13.28
N ALA A 45 -1.33 -2.35 12.89
CA ALA A 45 -2.70 -2.24 13.39
C ALA A 45 -3.66 -3.22 12.71
N SER A 46 -3.29 -3.72 11.53
CA SER A 46 -4.18 -4.59 10.76
C SER A 46 -4.49 -5.90 11.48
N SER A 47 -5.62 -6.50 11.13
CA SER A 47 -6.06 -7.76 11.71
C SER A 47 -5.27 -8.96 11.17
N LEU A 48 -4.21 -8.67 10.41
CA LEU A 48 -3.35 -9.72 9.88
C LEU A 48 -2.61 -10.43 11.00
N PRO A 49 -2.52 -11.78 10.93
CA PRO A 49 -1.78 -12.58 11.91
C PRO A 49 -0.33 -12.13 12.07
N PRO A 50 0.26 -12.38 13.25
CA PRO A 50 1.67 -12.04 13.54
C PRO A 50 2.62 -12.64 12.51
N PHE A 51 2.29 -13.83 12.02
CA PHE A 51 3.09 -14.50 11.01
C PHE A 51 3.28 -13.60 9.78
N TYR A 52 2.21 -12.98 9.34
CA TYR A 52 2.26 -12.10 8.18
C TYR A 52 2.99 -10.81 8.52
N LYS A 53 2.79 -10.31 9.73
CA LYS A 53 3.53 -9.14 10.21
C LYS A 53 5.04 -9.41 10.18
N GLU A 54 5.43 -10.59 10.64
CA GLU A 54 6.84 -10.98 10.65
C GLU A 54 7.43 -10.93 9.25
N ARG A 55 6.73 -11.50 8.28
CA ARG A 55 7.19 -11.51 6.89
C ARG A 55 7.40 -10.10 6.37
N LEU A 56 6.42 -9.24 6.58
CA LEU A 56 6.47 -7.87 6.10
C LEU A 56 7.59 -7.09 6.78
N LEU A 57 7.69 -7.22 8.09
CA LEU A 57 8.72 -6.55 8.87
C LEU A 57 10.13 -7.03 8.50
N ALA A 58 10.23 -8.30 8.15
CA ALA A 58 11.52 -8.89 7.81
C ALA A 58 11.80 -8.77 6.31
N LEU A 59 11.10 -7.85 5.65
CA LEU A 59 11.28 -7.66 4.22
C LEU A 59 12.53 -6.84 3.98
N ASN A 60 13.07 -6.97 2.80
CA ASN A 60 14.29 -6.31 2.42
C ASN A 60 13.99 -5.04 1.65
N ASP A 61 12.74 -4.60 1.75
CA ASP A 61 12.30 -3.42 1.02
C ASP A 61 12.22 -2.24 1.97
N SER A 62 12.76 -1.11 1.52
CA SER A 62 12.89 0.08 2.36
C SER A 62 11.56 0.83 2.48
N ARG A 63 10.53 0.36 1.79
CA ARG A 63 9.19 0.92 1.93
C ARG A 63 8.52 0.32 3.16
N ILE A 64 9.19 -0.65 3.77
CA ILE A 64 8.75 -1.21 5.04
C ILE A 64 9.29 -0.34 6.17
N THR A 65 8.39 0.30 6.89
CA THR A 65 8.80 1.21 7.95
C THR A 65 8.69 0.53 9.32
N SER A 66 9.50 1.00 10.27
CA SER A 66 9.52 0.45 11.62
C SER A 66 8.19 0.72 12.34
N ASP A 67 7.42 1.65 11.78
CA ASP A 67 6.11 1.99 12.33
C ASP A 67 5.12 0.87 12.06
N GLY A 68 5.54 -0.10 11.24
CA GLY A 68 4.66 -1.17 10.83
C GLY A 68 3.63 -0.67 9.85
N VAL A 69 4.09 0.07 8.86
CA VAL A 69 3.19 0.69 7.88
C VAL A 69 3.73 0.53 6.47
N ILE A 70 2.85 0.16 5.56
CA ILE A 70 3.16 0.15 4.13
C ILE A 70 2.92 1.53 3.56
N VAL A 71 3.97 2.16 3.05
CA VAL A 71 3.86 3.50 2.52
C VAL A 71 4.28 3.57 1.06
N LEU A 72 3.37 4.04 0.23
CA LEU A 72 3.65 4.23 -1.19
C LEU A 72 2.76 5.32 -1.78
N LYS A 73 3.00 5.63 -3.04
CA LYS A 73 2.24 6.63 -3.75
C LYS A 73 1.95 6.13 -5.15
N ALA A 74 0.68 5.95 -5.44
CA ALA A 74 0.24 5.46 -6.73
C ALA A 74 -0.08 6.63 -7.67
N GLN A 75 0.80 6.85 -8.64
CA GLN A 75 0.62 7.93 -9.61
C GLN A 75 0.64 7.36 -11.03
N GLN A 76 0.36 6.07 -11.13
CA GLN A 76 0.48 5.33 -12.39
C GLN A 76 -0.51 5.84 -13.45
N TYR A 77 -1.78 5.92 -13.08
CA TYR A 77 -2.82 6.25 -14.01
C TYR A 77 -3.19 7.72 -14.00
N ARG A 78 -4.02 8.10 -14.96
CA ARG A 78 -4.49 9.48 -15.13
C ARG A 78 -5.49 9.88 -14.05
N THR A 79 -6.40 8.98 -13.73
CA THR A 79 -7.45 9.27 -12.77
C THR A 79 -7.11 8.69 -11.39
N GLN A 80 -7.72 9.26 -10.36
CA GLN A 80 -7.45 8.84 -8.99
C GLN A 80 -8.05 7.46 -8.73
N GLU A 81 -9.24 7.22 -9.26
CA GLU A 81 -9.95 5.96 -9.06
C GLU A 81 -9.20 4.77 -9.65
N GLN A 82 -8.43 5.01 -10.71
CA GLN A 82 -7.62 3.94 -11.29
C GLN A 82 -6.46 3.58 -10.36
N ASN A 83 -5.76 4.60 -9.87
CA ASN A 83 -4.68 4.38 -8.91
C ASN A 83 -5.23 3.85 -7.59
N ARG A 84 -6.47 4.24 -7.31
CA ARG A 84 -7.23 3.72 -6.18
C ARG A 84 -7.28 2.20 -6.23
N ALA A 85 -7.70 1.67 -7.37
CA ALA A 85 -7.76 0.22 -7.58
C ALA A 85 -6.36 -0.38 -7.71
N ASP A 86 -5.48 0.37 -8.36
CA ASP A 86 -4.09 -0.06 -8.57
C ASP A 86 -3.41 -0.36 -7.24
N ALA A 87 -3.46 0.61 -6.35
CA ALA A 87 -2.86 0.48 -5.02
C ALA A 87 -3.41 -0.72 -4.27
N LEU A 88 -4.72 -0.92 -4.35
CA LEU A 88 -5.36 -2.03 -3.67
C LEU A 88 -4.90 -3.37 -4.25
N LEU A 89 -4.79 -3.43 -5.57
CA LEU A 89 -4.37 -4.64 -6.25
C LEU A 89 -2.93 -5.00 -5.86
N ARG A 90 -2.05 -4.01 -5.94
CA ARG A 90 -0.64 -4.21 -5.61
C ARG A 90 -0.48 -4.55 -4.14
N LEU A 91 -1.39 -4.04 -3.31
CA LEU A 91 -1.39 -4.32 -1.89
C LEU A 91 -1.70 -5.80 -1.64
N SER A 92 -2.78 -6.27 -2.23
CA SER A 92 -3.19 -7.66 -2.07
C SER A 92 -2.12 -8.61 -2.63
N GLU A 93 -1.51 -8.20 -3.73
CA GLU A 93 -0.43 -8.97 -4.32
C GLU A 93 0.77 -9.04 -3.38
N LEU A 94 1.09 -7.93 -2.73
CA LEU A 94 2.20 -7.88 -1.79
C LEU A 94 2.02 -8.86 -0.64
N ILE A 95 0.79 -8.95 -0.15
CA ILE A 95 0.46 -9.86 0.94
C ILE A 95 0.79 -11.30 0.58
N VAL A 96 0.43 -11.70 -0.64
CA VAL A 96 0.70 -13.05 -1.11
C VAL A 96 2.19 -13.20 -1.46
N ASN A 97 2.76 -12.13 -2.00
CA ASN A 97 4.16 -12.12 -2.40
C ASN A 97 5.07 -12.36 -1.20
N ALA A 98 4.79 -11.66 -0.10
CA ALA A 98 5.58 -11.77 1.12
C ALA A 98 5.47 -13.15 1.75
N ALA A 99 4.45 -13.90 1.36
CA ALA A 99 4.26 -15.25 1.89
C ALA A 99 5.16 -16.23 1.14
N LYS A 100 5.43 -15.94 -0.12
CA LYS A 100 6.25 -16.83 -0.95
C LYS A 100 7.72 -16.44 -0.87
N LEU A 101 7.96 -15.18 -0.58
CA LEU A 101 9.30 -14.64 -0.56
C LEU A 101 9.70 -14.21 0.84
N GLU A 102 10.87 -13.59 0.93
CA GLU A 102 11.38 -13.06 2.19
C GLU A 102 12.46 -12.03 1.88
N HIS A 103 13.49 -12.45 1.17
CA HIS A 103 14.56 -11.57 0.77
C HIS A 103 14.30 -10.98 -0.62
N HIS A 104 13.95 -9.71 -0.64
CA HIS A 104 13.82 -8.96 -1.88
C HIS A 104 14.46 -7.60 -1.69
N HIS A 105 15.73 -7.50 -2.05
CA HIS A 105 16.52 -6.31 -1.76
C HIS A 105 16.20 -5.21 -2.77
N HIS A 106 15.52 -4.17 -2.30
CA HIS A 106 15.14 -3.05 -3.15
C HIS A 106 15.91 -1.81 -2.76
N HIS A 107 15.87 -1.48 -1.47
CA HIS A 107 16.63 -0.37 -0.88
C HIS A 107 16.04 1.00 -1.25
N HIS A 108 15.01 0.99 -2.11
CA HIS A 108 14.25 2.20 -2.43
C HIS A 108 13.07 1.85 -3.32
N MET A 1 -14.73 -4.83 2.54
CA MET A 1 -13.81 -5.71 3.31
C MET A 1 -12.99 -6.56 2.36
N LEU A 2 -11.67 -6.50 2.52
CA LEU A 2 -10.77 -7.25 1.69
C LEU A 2 -10.64 -8.67 2.22
N VAL A 3 -11.39 -9.57 1.64
CA VAL A 3 -11.33 -10.98 1.99
C VAL A 3 -10.13 -11.63 1.30
N ILE A 4 -9.12 -11.98 2.08
CA ILE A 4 -7.93 -12.62 1.54
C ILE A 4 -8.06 -14.13 1.67
N SER A 5 -8.56 -14.57 2.82
CA SER A 5 -8.74 -15.98 3.11
C SER A 5 -9.98 -16.16 3.96
N ASN A 6 -10.32 -17.41 4.24
CA ASN A 6 -11.51 -17.72 5.04
C ASN A 6 -11.34 -17.20 6.46
N ASN A 7 -10.11 -17.17 6.92
CA ASN A 7 -9.81 -16.75 8.28
C ASN A 7 -9.05 -15.43 8.29
N VAL A 8 -8.93 -14.81 7.13
CA VAL A 8 -8.21 -13.55 7.01
C VAL A 8 -9.08 -12.52 6.30
N HIS A 9 -9.38 -11.45 7.01
CA HIS A 9 -10.23 -10.38 6.48
C HIS A 9 -9.64 -9.03 6.85
N LEU A 10 -9.56 -8.13 5.89
CA LEU A 10 -9.07 -6.79 6.13
C LEU A 10 -10.19 -5.76 5.92
N PRO A 11 -10.68 -5.17 7.01
CA PRO A 11 -11.68 -4.10 6.93
C PRO A 11 -11.13 -2.87 6.24
N ASP A 12 -11.99 -2.16 5.52
CA ASP A 12 -11.62 -0.94 4.82
C ASP A 12 -11.06 0.09 5.78
N ALA A 13 -11.60 0.08 6.99
CA ALA A 13 -11.21 1.01 8.04
C ALA A 13 -9.70 0.97 8.34
N GLU A 14 -9.08 -0.20 8.20
CA GLU A 14 -7.67 -0.35 8.55
C GLU A 14 -6.75 0.06 7.41
N ILE A 15 -7.35 0.47 6.31
CA ILE A 15 -6.61 0.93 5.15
C ILE A 15 -6.79 2.44 5.00
N GLU A 16 -5.72 3.19 5.15
CA GLU A 16 -5.78 4.64 5.05
C GLU A 16 -5.69 5.08 3.60
N LEU A 17 -6.84 5.22 2.97
CA LEU A 17 -6.93 5.65 1.58
C LEU A 17 -7.11 7.16 1.51
N THR A 18 -6.12 7.84 0.94
CA THR A 18 -6.15 9.28 0.83
C THR A 18 -5.72 9.76 -0.55
N ALA A 19 -6.11 10.97 -0.90
CA ALA A 19 -5.73 11.55 -2.18
C ALA A 19 -4.76 12.71 -1.98
N ILE A 20 -3.78 12.83 -2.87
CA ILE A 20 -2.79 13.87 -2.76
C ILE A 20 -3.20 15.08 -3.59
N ARG A 21 -3.33 16.21 -2.93
CA ARG A 21 -3.72 17.45 -3.59
C ARG A 21 -2.50 18.14 -4.20
N ALA A 22 -2.66 18.63 -5.43
CA ALA A 22 -1.59 19.31 -6.13
C ALA A 22 -1.66 20.81 -5.91
N GLN A 23 -0.77 21.54 -6.59
CA GLN A 23 -0.75 23.00 -6.52
C GLN A 23 0.06 23.53 -7.70
N GLY A 24 -0.38 24.67 -8.23
CA GLY A 24 0.34 25.31 -9.31
C GLY A 24 1.72 25.75 -8.88
N ALA A 25 1.74 26.65 -7.91
CA ALA A 25 2.99 27.12 -7.27
C ALA A 25 3.83 28.01 -8.20
N GLY A 26 4.40 29.05 -7.62
CA GLY A 26 5.27 29.94 -8.36
C GLY A 26 4.52 30.70 -9.45
N GLY A 27 5.12 30.76 -10.64
CA GLY A 27 4.50 31.44 -11.75
C GLY A 27 4.20 30.50 -12.89
N GLN A 28 4.08 29.21 -12.59
CA GLN A 28 3.81 28.21 -13.60
C GLN A 28 2.36 27.80 -13.52
N ASN A 29 1.62 28.08 -14.58
CA ASN A 29 0.20 27.77 -14.62
C ASN A 29 -0.03 26.29 -14.91
N VAL A 30 -0.11 25.52 -13.84
CA VAL A 30 -0.43 24.11 -13.93
C VAL A 30 -1.47 23.75 -12.87
N ASN A 31 -2.70 24.16 -13.12
CA ASN A 31 -3.78 23.94 -12.18
C ASN A 31 -4.65 22.80 -12.66
N LYS A 32 -4.21 21.61 -12.37
CA LYS A 32 -4.96 20.41 -12.66
C LYS A 32 -4.65 19.37 -11.61
N VAL A 33 -5.67 18.64 -11.16
CA VAL A 33 -5.50 17.63 -10.12
C VAL A 33 -4.63 16.48 -10.61
N SER A 34 -3.58 16.19 -9.85
CA SER A 34 -2.70 15.10 -10.14
C SER A 34 -3.37 13.76 -9.87
N SER A 35 -2.86 12.72 -10.48
CA SER A 35 -3.42 11.38 -10.31
C SER A 35 -2.76 10.71 -9.10
N ALA A 36 -2.38 11.52 -8.13
CA ALA A 36 -1.61 11.05 -6.98
C ALA A 36 -2.51 10.62 -5.83
N MET A 37 -2.41 9.36 -5.47
CA MET A 37 -3.06 8.84 -4.28
C MET A 37 -2.04 8.55 -3.20
N HIS A 38 -2.45 8.72 -1.96
CA HIS A 38 -1.62 8.48 -0.81
C HIS A 38 -2.11 7.24 -0.09
N LEU A 39 -1.28 6.24 -0.06
CA LEU A 39 -1.65 4.95 0.49
C LEU A 39 -0.87 4.68 1.76
N ARG A 40 -1.58 4.51 2.87
CA ARG A 40 -0.96 4.10 4.11
C ARG A 40 -1.63 2.82 4.62
N PHE A 41 -0.88 1.74 4.65
CA PHE A 41 -1.37 0.50 5.23
C PHE A 41 -0.65 0.25 6.55
N ASP A 42 -1.41 0.22 7.62
CA ASP A 42 -0.85 0.03 8.95
C ASP A 42 -0.74 -1.46 9.25
N ILE A 43 0.42 -2.02 8.96
CA ILE A 43 0.65 -3.45 9.13
C ILE A 43 0.53 -3.85 10.60
N ASN A 44 0.89 -2.94 11.48
CA ASN A 44 0.85 -3.21 12.91
C ASN A 44 -0.58 -3.42 13.39
N ALA A 45 -1.44 -2.45 13.10
CA ALA A 45 -2.82 -2.46 13.60
C ALA A 45 -3.73 -3.40 12.82
N SER A 46 -3.46 -3.58 11.53
CA SER A 46 -4.35 -4.35 10.65
C SER A 46 -4.58 -5.78 11.12
N SER A 47 -5.71 -6.35 10.73
CA SER A 47 -6.13 -7.68 11.16
C SER A 47 -5.38 -8.80 10.44
N LEU A 48 -4.11 -8.58 10.13
CA LEU A 48 -3.29 -9.60 9.50
C LEU A 48 -2.70 -10.53 10.56
N PRO A 49 -2.58 -11.83 10.24
CA PRO A 49 -1.91 -12.79 11.13
C PRO A 49 -0.41 -12.48 11.26
N PRO A 50 0.17 -12.75 12.43
CA PRO A 50 1.59 -12.48 12.69
C PRO A 50 2.51 -13.15 11.66
N PHE A 51 2.08 -14.30 11.15
CA PHE A 51 2.79 -15.01 10.09
C PHE A 51 3.11 -14.08 8.92
N TYR A 52 2.11 -13.33 8.50
CA TYR A 52 2.25 -12.41 7.39
C TYR A 52 3.04 -11.17 7.81
N LYS A 53 2.70 -10.61 8.96
CA LYS A 53 3.34 -9.39 9.46
C LYS A 53 4.85 -9.57 9.60
N GLU A 54 5.25 -10.75 10.07
CA GLU A 54 6.67 -11.08 10.23
C GLU A 54 7.40 -10.97 8.91
N ARG A 55 6.91 -11.73 7.93
CA ARG A 55 7.54 -11.82 6.62
C ARG A 55 7.52 -10.46 5.90
N LEU A 56 6.51 -9.65 6.20
CA LEU A 56 6.44 -8.29 5.67
C LEU A 56 7.53 -7.43 6.31
N LEU A 57 7.64 -7.52 7.63
CA LEU A 57 8.64 -6.80 8.38
C LEU A 57 10.05 -7.32 8.08
N ALA A 58 10.11 -8.52 7.52
CA ALA A 58 11.38 -9.13 7.17
C ALA A 58 11.73 -8.90 5.71
N LEU A 59 11.00 -8.00 5.06
CA LEU A 59 11.25 -7.67 3.69
C LEU A 59 12.38 -6.65 3.59
N ASN A 60 12.85 -6.43 2.38
CA ASN A 60 13.98 -5.53 2.16
C ASN A 60 13.48 -4.22 1.57
N ASP A 61 12.17 -4.00 1.68
CA ASP A 61 11.56 -2.85 1.05
C ASP A 61 11.57 -1.66 2.00
N SER A 62 11.97 -0.52 1.48
CA SER A 62 12.19 0.67 2.29
C SER A 62 10.87 1.39 2.61
N ARG A 63 9.80 1.04 1.90
CA ARG A 63 8.49 1.67 2.14
C ARG A 63 7.92 1.17 3.45
N ILE A 64 8.35 -0.01 3.84
CA ILE A 64 7.93 -0.62 5.10
C ILE A 64 8.75 -0.03 6.25
N THR A 65 8.11 0.76 7.08
CA THR A 65 8.79 1.43 8.18
C THR A 65 8.88 0.53 9.41
N SER A 66 9.77 0.89 10.33
CA SER A 66 9.94 0.14 11.57
C SER A 66 8.72 0.33 12.47
N ASP A 67 7.92 1.35 12.16
CA ASP A 67 6.69 1.60 12.90
C ASP A 67 5.60 0.62 12.51
N GLY A 68 5.87 -0.16 11.47
CA GLY A 68 4.90 -1.13 10.99
C GLY A 68 3.92 -0.52 10.03
N VAL A 69 4.35 0.52 9.33
CA VAL A 69 3.49 1.20 8.37
C VAL A 69 4.15 1.23 7.00
N ILE A 70 3.38 0.95 5.97
CA ILE A 70 3.87 1.05 4.60
C ILE A 70 3.12 2.16 3.87
N VAL A 71 3.86 3.07 3.26
CA VAL A 71 3.26 4.20 2.57
C VAL A 71 3.72 4.27 1.12
N LEU A 72 2.79 4.55 0.22
CA LEU A 72 3.09 4.59 -1.21
C LEU A 72 2.42 5.80 -1.86
N LYS A 73 2.87 6.13 -3.05
CA LYS A 73 2.28 7.18 -3.86
C LYS A 73 1.90 6.61 -5.22
N ALA A 74 0.62 6.42 -5.42
CA ALA A 74 0.12 5.91 -6.68
C ALA A 74 -0.27 7.05 -7.60
N GLN A 75 0.57 7.32 -8.58
CA GLN A 75 0.35 8.41 -9.51
C GLN A 75 0.74 7.98 -10.92
N GLN A 76 0.79 6.67 -11.13
CA GLN A 76 1.28 6.12 -12.37
C GLN A 76 0.22 6.15 -13.46
N TYR A 77 -0.98 5.69 -13.13
CA TYR A 77 -2.05 5.57 -14.11
C TYR A 77 -2.81 6.89 -14.26
N ARG A 78 -3.77 6.92 -15.18
CA ARG A 78 -4.43 8.15 -15.62
C ARG A 78 -5.35 8.72 -14.54
N THR A 79 -5.96 7.85 -13.74
CA THR A 79 -6.92 8.31 -12.73
C THR A 79 -6.56 7.81 -11.34
N GLN A 80 -6.94 8.60 -10.34
CA GLN A 80 -6.65 8.30 -8.95
C GLN A 80 -7.45 7.08 -8.48
N GLU A 81 -8.69 7.00 -8.92
CA GLU A 81 -9.57 5.89 -8.56
C GLU A 81 -8.99 4.57 -9.05
N GLN A 82 -8.44 4.58 -10.26
CA GLN A 82 -7.82 3.39 -10.82
C GLN A 82 -6.50 3.10 -10.12
N ASN A 83 -5.75 4.15 -9.80
CA ASN A 83 -4.52 4.00 -9.03
C ASN A 83 -4.84 3.41 -7.66
N ARG A 84 -5.99 3.80 -7.12
CA ARG A 84 -6.49 3.25 -5.86
C ARG A 84 -6.63 1.74 -5.97
N ALA A 85 -7.44 1.31 -6.94
CA ALA A 85 -7.69 -0.11 -7.17
C ALA A 85 -6.39 -0.85 -7.49
N ASP A 86 -5.54 -0.23 -8.29
CA ASP A 86 -4.26 -0.82 -8.68
C ASP A 86 -3.37 -1.01 -7.46
N ALA A 87 -3.23 0.05 -6.68
CA ALA A 87 -2.41 0.03 -5.47
C ALA A 87 -2.89 -1.02 -4.49
N LEU A 88 -4.21 -1.15 -4.35
CA LEU A 88 -4.79 -2.15 -3.47
C LEU A 88 -4.45 -3.56 -3.96
N LEU A 89 -4.44 -3.73 -5.28
CA LEU A 89 -4.07 -5.00 -5.90
C LEU A 89 -2.58 -5.26 -5.63
N ARG A 90 -1.78 -4.22 -5.83
CA ARG A 90 -0.34 -4.29 -5.60
C ARG A 90 -0.05 -4.60 -4.13
N LEU A 91 -0.83 -3.99 -3.24
CA LEU A 91 -0.68 -4.19 -1.81
C LEU A 91 -1.07 -5.60 -1.40
N SER A 92 -2.24 -6.02 -1.81
CA SER A 92 -2.76 -7.35 -1.47
C SER A 92 -1.85 -8.44 -2.02
N GLU A 93 -1.34 -8.22 -3.22
CA GLU A 93 -0.39 -9.13 -3.83
C GLU A 93 0.87 -9.21 -2.97
N LEU A 94 1.41 -8.05 -2.62
CA LEU A 94 2.63 -7.95 -1.83
C LEU A 94 2.48 -8.72 -0.51
N ILE A 95 1.34 -8.56 0.14
CA ILE A 95 1.07 -9.22 1.42
C ILE A 95 1.17 -10.74 1.28
N VAL A 96 0.52 -11.28 0.26
CA VAL A 96 0.53 -12.72 0.03
C VAL A 96 1.88 -13.16 -0.54
N ASN A 97 2.48 -12.29 -1.35
CA ASN A 97 3.75 -12.57 -2.00
C ASN A 97 4.85 -12.78 -0.96
N ALA A 98 4.79 -12.01 0.12
CA ALA A 98 5.74 -12.15 1.22
C ALA A 98 5.62 -13.52 1.88
N ALA A 99 4.43 -14.11 1.79
CA ALA A 99 4.18 -15.42 2.34
C ALA A 99 4.57 -16.51 1.36
N LYS A 100 4.81 -16.11 0.11
CA LYS A 100 5.25 -17.05 -0.92
C LYS A 100 6.76 -17.19 -0.89
N LEU A 101 7.41 -16.15 -0.42
CA LEU A 101 8.86 -16.08 -0.43
C LEU A 101 9.45 -16.77 0.80
N GLU A 102 10.08 -17.91 0.58
CA GLU A 102 10.81 -18.58 1.64
C GLU A 102 12.28 -18.19 1.56
N HIS A 103 13.17 -19.12 1.95
CA HIS A 103 14.61 -18.88 1.92
C HIS A 103 14.99 -17.80 2.92
N HIS A 104 16.19 -17.26 2.76
CA HIS A 104 16.59 -16.09 3.53
C HIS A 104 17.03 -14.98 2.59
N HIS A 105 17.42 -15.39 1.37
CA HIS A 105 17.75 -14.48 0.28
C HIS A 105 18.92 -13.56 0.66
N HIS A 106 18.58 -12.36 1.10
CA HIS A 106 19.58 -11.36 1.48
C HIS A 106 18.90 -10.19 2.18
N HIS A 107 19.35 -9.89 3.38
CA HIS A 107 18.84 -8.73 4.10
C HIS A 107 19.83 -7.58 3.98
N HIS A 108 20.98 -7.89 3.44
CA HIS A 108 21.98 -6.87 3.11
C HIS A 108 22.52 -7.15 1.71
N MET A 1 -14.03 -4.89 1.87
CA MET A 1 -13.18 -5.77 2.69
C MET A 1 -12.42 -6.75 1.82
N LEU A 2 -11.12 -6.85 2.08
CA LEU A 2 -10.25 -7.73 1.32
C LEU A 2 -10.25 -9.12 1.92
N VAL A 3 -10.99 -10.02 1.28
CA VAL A 3 -11.05 -11.41 1.70
C VAL A 3 -9.79 -12.14 1.27
N ILE A 4 -8.97 -12.51 2.24
CA ILE A 4 -7.74 -13.25 1.97
C ILE A 4 -7.94 -14.72 2.30
N SER A 5 -8.60 -14.98 3.43
CA SER A 5 -8.89 -16.33 3.86
C SER A 5 -10.19 -16.35 4.66
N ASN A 6 -10.54 -17.51 5.21
CA ASN A 6 -11.78 -17.64 5.98
C ASN A 6 -11.70 -16.85 7.28
N ASN A 7 -10.52 -16.84 7.88
CA ASN A 7 -10.32 -16.11 9.12
C ASN A 7 -9.38 -14.93 8.93
N VAL A 8 -9.08 -14.62 7.67
CA VAL A 8 -8.20 -13.52 7.36
C VAL A 8 -8.88 -12.55 6.41
N HIS A 9 -9.08 -11.34 6.89
CA HIS A 9 -9.75 -10.30 6.11
C HIS A 9 -9.09 -8.96 6.38
N LEU A 10 -9.02 -8.11 5.37
CA LEU A 10 -8.56 -6.75 5.56
C LEU A 10 -9.74 -5.78 5.51
N PRO A 11 -10.08 -5.19 6.66
CA PRO A 11 -11.15 -4.20 6.75
C PRO A 11 -10.82 -2.92 6.01
N ASP A 12 -11.80 -2.39 5.32
CA ASP A 12 -11.66 -1.16 4.54
C ASP A 12 -11.14 -0.02 5.41
N ALA A 13 -11.67 0.04 6.63
CA ALA A 13 -11.33 1.10 7.57
C ALA A 13 -9.85 1.12 7.94
N GLU A 14 -9.16 0.00 7.79
CA GLU A 14 -7.75 -0.07 8.17
C GLU A 14 -6.86 0.40 7.02
N ILE A 15 -7.48 0.76 5.92
CA ILE A 15 -6.77 1.25 4.76
C ILE A 15 -6.99 2.74 4.60
N GLU A 16 -5.99 3.53 4.93
CA GLU A 16 -6.08 4.98 4.81
C GLU A 16 -5.64 5.42 3.43
N LEU A 17 -6.60 5.84 2.62
CA LEU A 17 -6.32 6.29 1.28
C LEU A 17 -6.55 7.79 1.17
N THR A 18 -5.48 8.53 0.98
CA THR A 18 -5.58 9.98 0.87
C THR A 18 -5.53 10.40 -0.60
N ALA A 19 -6.31 11.39 -0.95
CA ALA A 19 -6.36 11.90 -2.31
C ALA A 19 -5.61 13.22 -2.41
N ILE A 20 -4.73 13.31 -3.39
CA ILE A 20 -3.91 14.50 -3.56
C ILE A 20 -4.39 15.32 -4.75
N ARG A 21 -4.59 16.60 -4.51
CA ARG A 21 -4.94 17.55 -5.57
C ARG A 21 -3.81 17.71 -6.57
N ALA A 22 -4.11 18.36 -7.69
CA ALA A 22 -3.08 18.75 -8.63
C ALA A 22 -2.25 19.86 -8.01
N GLN A 23 -0.93 19.71 -8.04
CA GLN A 23 -0.06 20.64 -7.36
C GLN A 23 -0.09 22.02 -7.97
N GLY A 24 -0.67 22.94 -7.23
CA GLY A 24 -0.70 24.33 -7.61
C GLY A 24 0.18 25.13 -6.67
N ALA A 25 1.42 24.69 -6.57
CA ALA A 25 2.36 25.27 -5.63
C ALA A 25 3.05 26.50 -6.20
N GLY A 26 3.00 27.59 -5.45
CA GLY A 26 3.61 28.83 -5.88
C GLY A 26 2.69 29.61 -6.80
N GLY A 27 2.46 29.09 -7.99
CA GLY A 27 1.61 29.74 -8.94
C GLY A 27 0.69 28.76 -9.62
N GLN A 28 0.02 29.21 -10.68
CA GLN A 28 -0.94 28.39 -11.43
C GLN A 28 -2.16 28.06 -10.57
N ASN A 29 -3.23 28.80 -10.80
CA ASN A 29 -4.44 28.65 -10.03
C ASN A 29 -5.27 27.48 -10.55
N VAL A 30 -5.06 26.31 -9.96
CA VAL A 30 -5.76 25.11 -10.38
C VAL A 30 -6.34 24.37 -9.19
N ASN A 31 -7.65 24.32 -9.12
CA ASN A 31 -8.33 23.55 -8.10
C ASN A 31 -8.86 22.27 -8.72
N LYS A 32 -7.96 21.34 -8.83
CA LYS A 32 -8.24 20.03 -9.41
C LYS A 32 -7.81 18.93 -8.45
N VAL A 33 -8.53 17.83 -8.45
CA VAL A 33 -8.10 16.65 -7.72
C VAL A 33 -7.45 15.69 -8.71
N SER A 34 -6.21 15.33 -8.46
CA SER A 34 -5.45 14.59 -9.44
C SER A 34 -5.51 13.09 -9.16
N SER A 35 -4.81 12.31 -9.98
CA SER A 35 -4.80 10.87 -9.86
C SER A 35 -3.81 10.41 -8.79
N ALA A 36 -3.16 11.36 -8.15
CA ALA A 36 -2.16 11.07 -7.13
C ALA A 36 -2.84 10.68 -5.82
N MET A 37 -2.61 9.46 -5.40
CA MET A 37 -3.14 8.95 -4.15
C MET A 37 -2.02 8.78 -3.14
N HIS A 38 -2.36 8.88 -1.87
CA HIS A 38 -1.40 8.69 -0.80
C HIS A 38 -1.86 7.54 0.08
N LEU A 39 -0.98 6.58 0.30
CA LEU A 39 -1.35 5.38 1.02
C LEU A 39 -0.80 5.38 2.45
N ARG A 40 -1.63 5.00 3.38
CA ARG A 40 -1.22 4.77 4.75
C ARG A 40 -1.87 3.48 5.25
N PHE A 41 -1.08 2.42 5.28
CA PHE A 41 -1.55 1.13 5.75
C PHE A 41 -0.58 0.57 6.78
N ASP A 42 -0.97 0.63 8.05
CA ASP A 42 -0.13 0.12 9.12
C ASP A 42 -0.20 -1.40 9.19
N ILE A 43 0.83 -2.07 8.70
CA ILE A 43 0.95 -3.51 8.82
C ILE A 43 0.95 -3.89 10.29
N ASN A 44 1.54 -3.02 11.09
CA ASN A 44 1.60 -3.17 12.52
C ASN A 44 0.21 -3.35 13.14
N ALA A 45 -0.67 -2.40 12.89
CA ALA A 45 -1.95 -2.31 13.59
C ALA A 45 -3.11 -2.94 12.82
N SER A 46 -2.84 -3.49 11.65
CA SER A 46 -3.89 -4.09 10.83
C SER A 46 -4.28 -5.48 11.35
N SER A 47 -5.41 -5.98 10.87
CA SER A 47 -5.96 -7.26 11.32
C SER A 47 -5.20 -8.45 10.72
N LEU A 48 -4.08 -8.18 10.06
CA LEU A 48 -3.25 -9.24 9.50
C LEU A 48 -2.70 -10.14 10.61
N PRO A 49 -2.61 -11.45 10.36
CA PRO A 49 -2.00 -12.38 11.30
C PRO A 49 -0.50 -12.14 11.46
N PRO A 50 0.01 -12.17 12.70
CA PRO A 50 1.44 -11.96 12.98
C PRO A 50 2.34 -12.89 12.16
N PHE A 51 1.80 -14.06 11.83
CA PHE A 51 2.51 -15.01 10.98
C PHE A 51 2.96 -14.34 9.69
N TYR A 52 2.05 -13.60 9.08
CA TYR A 52 2.36 -12.87 7.85
C TYR A 52 3.16 -11.61 8.14
N LYS A 53 2.89 -10.97 9.27
CA LYS A 53 3.58 -9.75 9.66
C LYS A 53 5.07 -9.99 9.82
N GLU A 54 5.44 -11.08 10.49
CA GLU A 54 6.85 -11.44 10.66
C GLU A 54 7.54 -11.63 9.32
N ARG A 55 6.83 -12.22 8.35
CA ARG A 55 7.37 -12.45 7.02
C ARG A 55 7.67 -11.12 6.33
N LEU A 56 6.72 -10.19 6.42
CA LEU A 56 6.87 -8.87 5.81
C LEU A 56 8.03 -8.10 6.44
N LEU A 57 8.07 -8.11 7.76
CA LEU A 57 9.09 -7.41 8.51
C LEU A 57 10.48 -7.98 8.25
N ALA A 58 10.53 -9.25 7.86
CA ALA A 58 11.80 -9.93 7.64
C ALA A 58 12.25 -9.84 6.18
N LEU A 59 11.56 -9.03 5.39
CA LEU A 59 11.87 -8.93 3.98
C LEU A 59 13.08 -8.03 3.78
N ASN A 60 13.70 -8.18 2.63
CA ASN A 60 14.91 -7.44 2.29
C ASN A 60 14.56 -6.22 1.47
N ASP A 61 13.29 -5.86 1.50
CA ASP A 61 12.79 -4.81 0.62
C ASP A 61 12.95 -3.44 1.29
N SER A 62 12.91 -2.41 0.49
CA SER A 62 13.18 -1.06 0.95
C SER A 62 11.87 -0.27 1.17
N ARG A 63 10.78 -0.77 0.60
CA ARG A 63 9.49 -0.10 0.74
C ARG A 63 8.94 -0.36 2.14
N ILE A 64 9.15 -1.57 2.63
CA ILE A 64 8.68 -1.95 3.95
C ILE A 64 9.55 -1.32 5.03
N THR A 65 8.97 -0.37 5.75
CA THR A 65 9.69 0.33 6.79
C THR A 65 9.78 -0.52 8.07
N SER A 66 10.71 -0.17 8.94
CA SER A 66 11.06 -1.02 10.08
C SER A 66 10.00 -0.96 11.17
N ASP A 67 9.00 -0.11 11.01
CA ASP A 67 7.91 -0.02 11.96
C ASP A 67 6.69 -0.79 11.47
N GLY A 68 6.81 -1.41 10.30
CA GLY A 68 5.72 -2.17 9.74
C GLY A 68 4.60 -1.26 9.26
N VAL A 69 4.96 -0.26 8.46
CA VAL A 69 3.99 0.70 7.97
C VAL A 69 4.12 0.84 6.45
N ILE A 70 3.00 0.89 5.77
CA ILE A 70 2.98 1.11 4.34
C ILE A 70 2.56 2.55 4.03
N VAL A 71 3.51 3.35 3.58
CA VAL A 71 3.25 4.72 3.18
C VAL A 71 3.78 4.95 1.78
N LEU A 72 2.87 5.16 0.84
CA LEU A 72 3.25 5.32 -0.55
C LEU A 72 2.52 6.48 -1.20
N LYS A 73 2.89 6.77 -2.43
CA LYS A 73 2.28 7.81 -3.23
C LYS A 73 2.02 7.25 -4.62
N ALA A 74 0.76 7.00 -4.90
CA ALA A 74 0.36 6.30 -6.11
C ALA A 74 0.02 7.27 -7.23
N GLN A 75 0.82 7.22 -8.29
CA GLN A 75 0.58 8.02 -9.48
C GLN A 75 1.11 7.26 -10.69
N GLN A 76 0.23 6.52 -11.34
CA GLN A 76 0.63 5.66 -12.45
C GLN A 76 -0.40 5.70 -13.58
N TYR A 77 -1.60 5.22 -13.28
CA TYR A 77 -2.64 5.07 -14.29
C TYR A 77 -3.30 6.42 -14.59
N ARG A 78 -4.21 6.41 -15.56
CA ARG A 78 -4.90 7.61 -16.01
C ARG A 78 -5.67 8.29 -14.88
N THR A 79 -6.58 7.55 -14.27
CA THR A 79 -7.51 8.14 -13.32
C THR A 79 -7.19 7.77 -11.88
N GLN A 80 -7.69 8.58 -10.96
CA GLN A 80 -7.58 8.34 -9.54
C GLN A 80 -8.24 7.01 -9.16
N GLU A 81 -9.35 6.71 -9.83
CA GLU A 81 -10.10 5.49 -9.58
C GLU A 81 -9.26 4.26 -9.89
N GLN A 82 -8.67 4.23 -11.07
CA GLN A 82 -7.85 3.10 -11.49
C GLN A 82 -6.58 2.99 -10.64
N ASN A 83 -6.06 4.13 -10.21
CA ASN A 83 -4.90 4.15 -9.33
C ASN A 83 -5.24 3.55 -7.97
N ARG A 84 -6.46 3.78 -7.50
CA ARG A 84 -6.94 3.19 -6.28
C ARG A 84 -6.93 1.67 -6.40
N ALA A 85 -7.58 1.20 -7.44
CA ALA A 85 -7.70 -0.24 -7.72
C ALA A 85 -6.33 -0.89 -7.90
N ASP A 86 -5.43 -0.20 -8.60
CA ASP A 86 -4.08 -0.71 -8.85
C ASP A 86 -3.33 -0.89 -7.55
N ALA A 87 -3.28 0.18 -6.77
CA ALA A 87 -2.55 0.18 -5.51
C ALA A 87 -3.07 -0.87 -4.54
N LEU A 88 -4.39 -0.93 -4.39
CA LEU A 88 -5.01 -1.88 -3.47
C LEU A 88 -4.74 -3.32 -3.89
N LEU A 89 -4.79 -3.57 -5.20
CA LEU A 89 -4.55 -4.91 -5.73
C LEU A 89 -3.11 -5.32 -5.48
N ARG A 90 -2.19 -4.42 -5.82
CA ARG A 90 -0.77 -4.70 -5.68
C ARG A 90 -0.36 -4.77 -4.21
N LEU A 91 -1.08 -4.06 -3.36
CA LEU A 91 -0.86 -4.12 -1.92
C LEU A 91 -1.16 -5.52 -1.40
N SER A 92 -2.34 -6.02 -1.75
CA SER A 92 -2.73 -7.36 -1.35
C SER A 92 -1.84 -8.40 -2.00
N GLU A 93 -1.43 -8.11 -3.23
CA GLU A 93 -0.49 -8.95 -3.96
C GLU A 93 0.77 -9.12 -3.13
N LEU A 94 1.36 -7.99 -2.75
CA LEU A 94 2.59 -7.96 -1.99
C LEU A 94 2.48 -8.84 -0.74
N ILE A 95 1.38 -8.68 0.00
CA ILE A 95 1.20 -9.39 1.26
C ILE A 95 1.14 -10.90 1.07
N VAL A 96 0.29 -11.36 0.16
CA VAL A 96 0.10 -12.79 -0.07
C VAL A 96 1.30 -13.38 -0.81
N ASN A 97 1.89 -12.59 -1.69
CA ASN A 97 3.04 -12.99 -2.48
C ASN A 97 4.27 -13.18 -1.59
N ALA A 98 4.46 -12.27 -0.65
CA ALA A 98 5.58 -12.33 0.28
C ALA A 98 5.50 -13.56 1.18
N ALA A 99 4.33 -14.19 1.22
CA ALA A 99 4.14 -15.39 2.01
C ALA A 99 4.90 -16.58 1.42
N LYS A 100 5.26 -16.47 0.15
CA LYS A 100 6.06 -17.49 -0.52
C LYS A 100 7.53 -17.10 -0.50
N LEU A 101 7.78 -15.86 -0.14
CA LEU A 101 9.05 -15.24 -0.35
C LEU A 101 9.79 -15.02 0.97
N GLU A 102 11.12 -15.10 0.92
CA GLU A 102 11.97 -14.80 2.06
C GLU A 102 13.34 -14.36 1.53
N HIS A 103 13.60 -13.06 1.58
CA HIS A 103 14.81 -12.49 0.97
C HIS A 103 14.85 -12.83 -0.52
N HIS A 104 16.02 -12.69 -1.14
CA HIS A 104 16.20 -13.06 -2.55
C HIS A 104 15.36 -12.17 -3.47
N HIS A 105 14.88 -11.06 -2.93
CA HIS A 105 13.98 -10.17 -3.65
C HIS A 105 14.45 -8.75 -3.49
N HIS A 106 14.10 -7.90 -4.46
CA HIS A 106 14.50 -6.49 -4.50
C HIS A 106 15.94 -6.35 -4.95
N HIS A 107 16.80 -7.23 -4.43
CA HIS A 107 18.18 -7.30 -4.86
C HIS A 107 18.72 -8.70 -4.60
N HIS A 108 19.18 -9.34 -5.66
CA HIS A 108 19.75 -10.69 -5.54
C HIS A 108 20.74 -10.92 -6.67
N MET A 1 -14.02 -5.44 2.21
CA MET A 1 -13.12 -6.25 3.05
C MET A 1 -12.23 -7.14 2.19
N LEU A 2 -10.92 -7.05 2.41
CA LEU A 2 -9.96 -7.82 1.66
C LEU A 2 -9.83 -9.21 2.26
N VAL A 3 -10.55 -10.15 1.69
CA VAL A 3 -10.45 -11.54 2.12
C VAL A 3 -9.25 -12.19 1.46
N ILE A 4 -8.25 -12.49 2.26
CA ILE A 4 -7.03 -13.13 1.76
C ILE A 4 -7.14 -14.64 1.92
N SER A 5 -7.74 -15.07 3.02
CA SER A 5 -7.90 -16.47 3.32
C SER A 5 -9.14 -16.67 4.18
N ASN A 6 -9.51 -17.92 4.38
CA ASN A 6 -10.66 -18.26 5.21
C ASN A 6 -10.41 -17.83 6.66
N ASN A 7 -9.14 -17.81 7.03
CA ASN A 7 -8.76 -17.46 8.39
C ASN A 7 -8.11 -16.07 8.46
N VAL A 8 -8.11 -15.38 7.32
CA VAL A 8 -7.49 -14.05 7.25
C VAL A 8 -8.39 -13.08 6.50
N HIS A 9 -8.83 -12.04 7.18
CA HIS A 9 -9.68 -11.02 6.59
C HIS A 9 -9.15 -9.64 6.96
N LEU A 10 -9.13 -8.73 6.01
CA LEU A 10 -8.68 -7.37 6.27
C LEU A 10 -9.82 -6.37 6.11
N PRO A 11 -10.21 -5.72 7.21
CA PRO A 11 -11.25 -4.69 7.18
C PRO A 11 -10.81 -3.46 6.40
N ASP A 12 -11.77 -2.83 5.72
CA ASP A 12 -11.49 -1.65 4.90
C ASP A 12 -10.97 -0.51 5.74
N ALA A 13 -11.39 -0.48 6.99
CA ALA A 13 -10.98 0.54 7.94
C ALA A 13 -9.47 0.52 8.18
N GLU A 14 -8.82 -0.62 7.93
CA GLU A 14 -7.39 -0.75 8.18
C GLU A 14 -6.59 -0.32 6.95
N ILE A 15 -7.27 0.27 5.98
CA ILE A 15 -6.62 0.81 4.80
C ILE A 15 -6.99 2.28 4.65
N GLU A 16 -5.99 3.16 4.77
CA GLU A 16 -6.24 4.60 4.71
C GLU A 16 -5.84 5.14 3.34
N LEU A 17 -6.82 5.69 2.64
CA LEU A 17 -6.60 6.25 1.31
C LEU A 17 -6.47 7.76 1.39
N THR A 18 -5.27 8.26 1.14
CA THR A 18 -5.03 9.69 1.12
C THR A 18 -4.85 10.17 -0.30
N ALA A 19 -5.26 11.40 -0.57
CA ALA A 19 -5.07 11.98 -1.90
C ALA A 19 -3.92 12.97 -1.87
N ILE A 20 -3.04 12.87 -2.84
CA ILE A 20 -1.92 13.79 -2.93
C ILE A 20 -2.27 14.96 -3.84
N ARG A 21 -2.50 16.10 -3.24
CA ARG A 21 -2.88 17.30 -3.98
C ARG A 21 -1.68 17.90 -4.70
N ALA A 22 -1.94 18.54 -5.81
CA ALA A 22 -0.88 19.15 -6.59
C ALA A 22 -0.65 20.58 -6.15
N GLN A 23 0.54 20.86 -5.67
CA GLN A 23 0.92 22.20 -5.28
C GLN A 23 1.14 23.07 -6.51
N GLY A 24 0.71 24.31 -6.43
CA GLY A 24 0.85 25.21 -7.54
C GLY A 24 0.72 26.66 -7.11
N ALA A 25 1.83 27.38 -7.10
CA ALA A 25 1.83 28.78 -6.77
C ALA A 25 1.76 29.62 -8.04
N GLY A 26 0.89 30.62 -8.04
CA GLY A 26 0.78 31.50 -9.19
C GLY A 26 -0.63 31.96 -9.42
N GLY A 27 -1.55 31.02 -9.49
CA GLY A 27 -2.94 31.35 -9.68
C GLY A 27 -3.69 30.27 -10.44
N GLN A 28 -3.62 30.35 -11.77
CA GLN A 28 -4.37 29.44 -12.61
C GLN A 28 -3.39 28.54 -13.35
N ASN A 29 -3.95 27.52 -14.00
CA ASN A 29 -3.20 26.53 -14.78
C ASN A 29 -2.42 25.57 -13.88
N VAL A 30 -2.27 25.96 -12.63
CA VAL A 30 -1.64 25.11 -11.62
C VAL A 30 -2.67 24.71 -10.59
N ASN A 31 -3.91 24.86 -10.99
CA ASN A 31 -5.06 24.60 -10.13
C ASN A 31 -5.64 23.23 -10.46
N LYS A 32 -4.83 22.41 -11.10
CA LYS A 32 -5.22 21.08 -11.52
C LYS A 32 -4.92 20.07 -10.43
N VAL A 33 -5.95 19.38 -9.98
CA VAL A 33 -5.80 18.37 -8.93
C VAL A 33 -5.09 17.16 -9.50
N SER A 34 -4.20 16.58 -8.71
CA SER A 34 -3.45 15.41 -9.14
C SER A 34 -4.26 14.14 -8.89
N SER A 35 -3.89 13.08 -9.57
CA SER A 35 -4.55 11.79 -9.39
C SER A 35 -3.69 10.89 -8.53
N ALA A 36 -2.62 11.45 -7.98
CA ALA A 36 -1.69 10.72 -7.14
C ALA A 36 -2.32 10.40 -5.79
N MET A 37 -2.36 9.12 -5.49
CA MET A 37 -2.93 8.67 -4.23
C MET A 37 -1.84 8.20 -3.28
N HIS A 38 -2.09 8.37 -2.00
CA HIS A 38 -1.19 7.93 -0.97
C HIS A 38 -1.87 6.86 -0.14
N LEU A 39 -1.24 5.72 -0.06
CA LEU A 39 -1.79 4.61 0.68
C LEU A 39 -0.98 4.34 1.93
N ARG A 40 -1.67 4.19 3.04
CA ARG A 40 -1.04 3.79 4.27
C ARG A 40 -1.70 2.53 4.80
N PHE A 41 -0.92 1.47 4.92
CA PHE A 41 -1.40 0.22 5.48
C PHE A 41 -0.48 -0.23 6.60
N ASP A 42 -0.91 -0.02 7.83
CA ASP A 42 -0.12 -0.40 8.99
C ASP A 42 -0.19 -1.90 9.20
N ILE A 43 0.86 -2.61 8.76
CA ILE A 43 0.98 -4.04 9.02
C ILE A 43 0.97 -4.28 10.52
N ASN A 44 1.47 -3.29 11.25
CA ASN A 44 1.53 -3.35 12.69
C ASN A 44 0.13 -3.37 13.30
N ALA A 45 -0.73 -2.46 12.85
CA ALA A 45 -2.03 -2.24 13.47
C ALA A 45 -3.17 -2.93 12.73
N SER A 46 -2.85 -3.77 11.75
CA SER A 46 -3.88 -4.45 10.98
C SER A 46 -4.24 -5.80 11.60
N SER A 47 -5.22 -6.47 11.00
CA SER A 47 -5.69 -7.76 11.48
C SER A 47 -4.82 -8.90 10.97
N LEU A 48 -3.62 -8.58 10.53
CA LEU A 48 -2.67 -9.58 10.05
C LEU A 48 -2.12 -10.40 11.23
N PRO A 49 -2.24 -11.73 11.13
CA PRO A 49 -1.75 -12.64 12.17
C PRO A 49 -0.25 -12.50 12.42
N PRO A 50 0.20 -12.79 13.65
CA PRO A 50 1.60 -12.64 14.06
C PRO A 50 2.60 -13.24 13.06
N PHE A 51 2.31 -14.44 12.58
CA PHE A 51 3.17 -15.13 11.63
C PHE A 51 3.43 -14.26 10.40
N TYR A 52 2.36 -13.77 9.80
CA TYR A 52 2.45 -12.95 8.61
C TYR A 52 3.10 -11.60 8.92
N LYS A 53 2.69 -11.01 10.03
CA LYS A 53 3.21 -9.72 10.47
C LYS A 53 4.73 -9.78 10.65
N GLU A 54 5.20 -10.85 11.30
CA GLU A 54 6.62 -11.07 11.50
C GLU A 54 7.35 -11.24 10.17
N ARG A 55 6.81 -12.10 9.32
CA ARG A 55 7.39 -12.44 8.06
C ARG A 55 7.56 -11.20 7.17
N LEU A 56 6.54 -10.35 7.16
CA LEU A 56 6.58 -9.11 6.38
C LEU A 56 7.64 -8.16 6.92
N LEU A 57 7.66 -8.00 8.24
CA LEU A 57 8.59 -7.12 8.92
C LEU A 57 10.02 -7.64 8.83
N ALA A 58 10.17 -8.92 8.54
CA ALA A 58 11.48 -9.54 8.45
C ALA A 58 11.95 -9.65 6.99
N LEU A 59 11.28 -8.93 6.10
CA LEU A 59 11.61 -8.99 4.71
C LEU A 59 12.80 -8.10 4.39
N ASN A 60 13.25 -8.17 3.15
CA ASN A 60 14.44 -7.45 2.72
C ASN A 60 14.04 -6.28 1.84
N ASP A 61 12.76 -5.93 1.89
CA ASP A 61 12.23 -4.93 0.98
C ASP A 61 12.38 -3.52 1.57
N SER A 62 11.85 -2.54 0.86
CA SER A 62 11.99 -1.15 1.24
C SER A 62 10.63 -0.45 1.31
N ARG A 63 9.62 -1.07 0.70
CA ARG A 63 8.25 -0.56 0.77
C ARG A 63 7.67 -0.87 2.15
N ILE A 64 8.22 -1.92 2.76
CA ILE A 64 7.84 -2.31 4.10
C ILE A 64 8.79 -1.67 5.11
N THR A 65 8.25 -0.75 5.91
CA THR A 65 9.05 -0.08 6.93
C THR A 65 9.17 -0.96 8.17
N SER A 66 10.28 -0.82 8.88
CA SER A 66 10.53 -1.61 10.09
C SER A 66 9.53 -1.26 11.19
N ASP A 67 8.90 -0.10 11.07
CA ASP A 67 7.91 0.35 12.05
C ASP A 67 6.61 -0.44 11.87
N GLY A 68 6.42 -0.95 10.67
CA GLY A 68 5.24 -1.74 10.38
C GLY A 68 4.20 -0.97 9.60
N VAL A 69 4.64 -0.03 8.78
CA VAL A 69 3.72 0.78 8.00
C VAL A 69 4.02 0.67 6.50
N ILE A 70 3.01 0.38 5.72
CA ILE A 70 3.14 0.35 4.27
C ILE A 70 2.88 1.73 3.71
N VAL A 71 3.90 2.33 3.11
CA VAL A 71 3.79 3.66 2.55
C VAL A 71 4.19 3.66 1.07
N LEU A 72 3.25 4.05 0.23
CA LEU A 72 3.50 4.16 -1.20
C LEU A 72 2.86 5.42 -1.77
N LYS A 73 3.16 5.69 -3.02
CA LYS A 73 2.56 6.79 -3.75
C LYS A 73 2.08 6.28 -5.09
N ALA A 74 0.78 6.20 -5.25
CA ALA A 74 0.17 5.67 -6.45
C ALA A 74 0.07 6.74 -7.51
N GLN A 75 0.82 6.57 -8.58
CA GLN A 75 0.78 7.47 -9.71
C GLN A 75 0.91 6.71 -11.01
N GLN A 76 0.48 5.45 -10.97
CA GLN A 76 0.58 4.56 -12.11
C GLN A 76 -0.42 4.94 -13.20
N TYR A 77 -1.59 5.38 -12.77
CA TYR A 77 -2.65 5.73 -13.68
C TYR A 77 -2.89 7.23 -13.71
N ARG A 78 -3.60 7.69 -14.74
CA ARG A 78 -3.95 9.09 -14.88
C ARG A 78 -5.26 9.38 -14.16
N THR A 79 -6.14 8.40 -14.15
CA THR A 79 -7.41 8.52 -13.46
C THR A 79 -7.28 8.16 -11.98
N GLN A 80 -7.72 9.08 -11.13
CA GLN A 80 -7.59 8.93 -9.68
C GLN A 80 -8.26 7.65 -9.16
N GLU A 81 -9.42 7.33 -9.73
CA GLU A 81 -10.18 6.16 -9.27
C GLU A 81 -9.49 4.86 -9.66
N GLN A 82 -9.09 4.76 -10.92
CA GLN A 82 -8.42 3.58 -11.43
C GLN A 82 -7.03 3.45 -10.82
N ASN A 83 -6.40 4.57 -10.55
CA ASN A 83 -5.11 4.61 -9.89
C ASN A 83 -5.24 4.07 -8.46
N ARG A 84 -6.37 4.40 -7.84
CA ARG A 84 -6.70 3.88 -6.52
C ARG A 84 -6.84 2.36 -6.59
N ALA A 85 -7.63 1.92 -7.55
CA ALA A 85 -7.88 0.50 -7.77
C ALA A 85 -6.59 -0.27 -8.06
N ASP A 86 -5.69 0.35 -8.82
CA ASP A 86 -4.39 -0.25 -9.11
C ASP A 86 -3.63 -0.53 -7.82
N ALA A 87 -3.50 0.50 -7.00
CA ALA A 87 -2.78 0.41 -5.75
C ALA A 87 -3.43 -0.60 -4.80
N LEU A 88 -4.75 -0.69 -4.82
CA LEU A 88 -5.47 -1.65 -3.97
C LEU A 88 -5.16 -3.08 -4.40
N LEU A 89 -5.20 -3.32 -5.71
CA LEU A 89 -4.86 -4.63 -6.25
C LEU A 89 -3.39 -4.92 -6.01
N ARG A 90 -2.58 -3.89 -6.20
CA ARG A 90 -1.13 -3.97 -6.04
C ARG A 90 -0.77 -4.31 -4.59
N LEU A 91 -1.48 -3.68 -3.65
CA LEU A 91 -1.26 -3.90 -2.23
C LEU A 91 -1.52 -5.35 -1.86
N SER A 92 -2.70 -5.83 -2.23
CA SER A 92 -3.11 -7.18 -1.91
C SER A 92 -2.18 -8.21 -2.56
N GLU A 93 -1.78 -7.93 -3.79
CA GLU A 93 -0.82 -8.76 -4.50
C GLU A 93 0.50 -8.80 -3.73
N LEU A 94 0.97 -7.63 -3.34
CA LEU A 94 2.23 -7.51 -2.62
C LEU A 94 2.19 -8.29 -1.31
N ILE A 95 1.08 -8.15 -0.57
CA ILE A 95 0.93 -8.81 0.72
C ILE A 95 1.05 -10.32 0.60
N VAL A 96 0.35 -10.90 -0.37
CA VAL A 96 0.37 -12.34 -0.57
C VAL A 96 1.71 -12.78 -1.15
N ASN A 97 2.24 -11.98 -2.07
CA ASN A 97 3.51 -12.27 -2.72
C ASN A 97 4.64 -12.28 -1.71
N ALA A 98 4.60 -11.33 -0.79
CA ALA A 98 5.60 -11.23 0.26
C ALA A 98 5.50 -12.40 1.22
N ALA A 99 4.27 -12.91 1.43
CA ALA A 99 4.05 -14.06 2.29
C ALA A 99 4.61 -15.32 1.66
N LYS A 100 4.73 -15.31 0.34
CA LYS A 100 5.31 -16.43 -0.39
C LYS A 100 6.82 -16.48 -0.17
N LEU A 101 7.38 -15.36 0.23
CA LEU A 101 8.79 -15.24 0.46
C LEU A 101 9.10 -15.35 1.94
N GLU A 102 10.26 -15.90 2.26
CA GLU A 102 10.71 -15.98 3.64
C GLU A 102 11.57 -14.76 3.96
N HIS A 103 12.50 -14.48 3.06
CA HIS A 103 13.36 -13.31 3.16
C HIS A 103 13.87 -12.97 1.77
N HIS A 104 14.32 -14.00 1.06
CA HIS A 104 14.85 -13.85 -0.30
C HIS A 104 15.98 -12.83 -0.31
N HIS A 105 15.85 -11.79 -1.13
CA HIS A 105 16.83 -10.72 -1.17
C HIS A 105 16.36 -9.60 -2.09
N HIS A 106 16.52 -8.38 -1.63
CA HIS A 106 16.19 -7.20 -2.42
C HIS A 106 17.29 -6.16 -2.22
N HIS A 107 18.52 -6.60 -2.43
CA HIS A 107 19.69 -5.75 -2.24
C HIS A 107 19.78 -4.72 -3.36
N HIS A 108 19.69 -3.46 -2.99
CA HIS A 108 19.74 -2.36 -3.94
C HIS A 108 20.95 -1.50 -3.68
N MET A 1 -14.21 -6.33 0.91
CA MET A 1 -13.27 -6.87 1.92
C MET A 1 -12.19 -7.71 1.24
N LEU A 2 -10.95 -7.47 1.60
CA LEU A 2 -9.84 -8.21 1.01
C LEU A 2 -9.68 -9.55 1.70
N VAL A 3 -10.37 -10.55 1.20
CA VAL A 3 -10.27 -11.89 1.74
C VAL A 3 -9.08 -12.61 1.13
N ILE A 4 -8.05 -12.82 1.94
CA ILE A 4 -6.85 -13.50 1.48
C ILE A 4 -6.88 -14.95 1.95
N SER A 5 -7.30 -15.12 3.19
CA SER A 5 -7.45 -16.45 3.76
C SER A 5 -8.85 -16.59 4.33
N ASN A 6 -9.27 -17.81 4.59
CA ASN A 6 -10.62 -18.06 5.08
C ASN A 6 -10.84 -17.38 6.44
N ASN A 7 -9.80 -17.36 7.25
CA ASN A 7 -9.89 -16.75 8.59
C ASN A 7 -9.13 -15.42 8.64
N VAL A 8 -8.70 -14.94 7.47
CA VAL A 8 -7.94 -13.69 7.40
C VAL A 8 -8.54 -12.77 6.36
N HIS A 9 -8.98 -11.61 6.81
CA HIS A 9 -9.65 -10.65 5.94
C HIS A 9 -9.10 -9.25 6.19
N LEU A 10 -9.07 -8.42 5.16
CA LEU A 10 -8.69 -7.02 5.32
C LEU A 10 -9.89 -6.11 5.07
N PRO A 11 -10.29 -5.36 6.08
CA PRO A 11 -11.36 -4.38 5.98
C PRO A 11 -10.93 -3.14 5.18
N ASP A 12 -11.86 -2.62 4.39
CA ASP A 12 -11.62 -1.42 3.58
C ASP A 12 -11.18 -0.26 4.46
N ALA A 13 -11.80 -0.18 5.64
CA ALA A 13 -11.56 0.89 6.58
C ALA A 13 -10.13 0.92 7.11
N GLU A 14 -9.42 -0.20 7.07
CA GLU A 14 -8.07 -0.26 7.63
C GLU A 14 -7.04 0.23 6.62
N ILE A 15 -7.51 0.52 5.43
CA ILE A 15 -6.66 1.03 4.37
C ILE A 15 -6.93 2.53 4.19
N GLU A 16 -5.93 3.35 4.50
CA GLU A 16 -6.10 4.78 4.45
C GLU A 16 -5.68 5.34 3.09
N LEU A 17 -6.66 5.76 2.32
CA LEU A 17 -6.40 6.38 1.03
C LEU A 17 -6.36 7.88 1.18
N THR A 18 -5.17 8.46 1.03
CA THR A 18 -5.03 9.90 1.10
C THR A 18 -4.87 10.47 -0.31
N ALA A 19 -5.18 11.73 -0.49
CA ALA A 19 -5.11 12.35 -1.80
C ALA A 19 -4.03 13.43 -1.85
N ILE A 20 -3.23 13.40 -2.90
CA ILE A 20 -2.21 14.40 -3.12
C ILE A 20 -2.64 15.27 -4.29
N ARG A 21 -1.96 16.38 -4.51
CA ARG A 21 -2.27 17.24 -5.64
C ARG A 21 -0.98 17.61 -6.37
N ALA A 22 -1.03 17.54 -7.69
CA ALA A 22 0.11 17.91 -8.52
C ALA A 22 0.46 19.38 -8.30
N GLN A 23 1.69 19.63 -7.93
CA GLN A 23 2.16 20.99 -7.68
C GLN A 23 2.23 21.78 -8.99
N GLY A 24 2.11 23.10 -8.88
CA GLY A 24 2.17 23.94 -10.07
C GLY A 24 3.59 24.21 -10.53
N ALA A 25 4.40 23.16 -10.56
CA ALA A 25 5.80 23.28 -10.95
C ALA A 25 6.32 21.92 -11.43
N GLY A 26 6.75 21.87 -12.69
CA GLY A 26 7.27 20.64 -13.24
C GLY A 26 7.50 20.74 -14.74
N GLY A 27 8.55 20.08 -15.22
CA GLY A 27 8.85 20.10 -16.64
C GLY A 27 8.25 18.90 -17.35
N GLN A 28 6.93 18.91 -17.46
CA GLN A 28 6.21 17.82 -18.11
C GLN A 28 4.83 18.32 -18.49
N ASN A 29 4.36 17.93 -19.67
CA ASN A 29 3.06 18.36 -20.15
C ASN A 29 1.94 17.70 -19.37
N VAL A 30 1.42 18.43 -18.40
CA VAL A 30 0.30 17.97 -17.61
C VAL A 30 -0.93 18.80 -17.94
N ASN A 31 -1.79 18.24 -18.78
CA ASN A 31 -3.00 18.93 -19.21
C ASN A 31 -4.16 18.54 -18.31
N LYS A 32 -3.81 18.03 -17.14
CA LYS A 32 -4.78 17.61 -16.14
C LYS A 32 -4.05 17.43 -14.82
N VAL A 33 -4.72 17.75 -13.73
CA VAL A 33 -4.14 17.53 -12.40
C VAL A 33 -3.92 16.04 -12.17
N SER A 34 -2.68 15.69 -11.83
CA SER A 34 -2.32 14.32 -11.57
C SER A 34 -3.19 13.71 -10.47
N SER A 35 -3.59 12.46 -10.67
CA SER A 35 -4.39 11.73 -9.70
C SER A 35 -3.72 11.77 -8.32
N ALA A 36 -2.50 11.23 -8.27
CA ALA A 36 -1.65 11.29 -7.07
C ALA A 36 -2.37 10.90 -5.79
N MET A 37 -2.43 9.61 -5.51
CA MET A 37 -2.93 9.14 -4.23
C MET A 37 -1.79 8.80 -3.31
N HIS A 38 -2.06 8.89 -2.02
CA HIS A 38 -1.10 8.57 -1.00
C HIS A 38 -1.59 7.37 -0.23
N LEU A 39 -0.79 6.34 -0.22
CA LEU A 39 -1.17 5.08 0.39
C LEU A 39 -0.65 4.97 1.80
N ARG A 40 -1.55 4.69 2.73
CA ARG A 40 -1.16 4.37 4.08
C ARG A 40 -1.83 3.08 4.52
N PHE A 41 -1.04 2.07 4.82
CA PHE A 41 -1.56 0.84 5.39
C PHE A 41 -0.73 0.46 6.61
N ASP A 42 -1.35 0.56 7.78
CA ASP A 42 -0.66 0.24 9.02
C ASP A 42 -0.59 -1.26 9.22
N ILE A 43 0.56 -1.85 8.91
CA ILE A 43 0.76 -3.27 9.12
C ILE A 43 0.63 -3.58 10.61
N ASN A 44 1.06 -2.63 11.42
CA ASN A 44 1.01 -2.77 12.87
C ASN A 44 -0.43 -2.86 13.37
N ALA A 45 -1.27 -1.93 12.91
CA ALA A 45 -2.61 -1.77 13.49
C ALA A 45 -3.70 -2.48 12.70
N SER A 46 -3.33 -3.17 11.63
CA SER A 46 -4.31 -3.89 10.82
C SER A 46 -4.74 -5.19 11.50
N SER A 47 -5.87 -5.73 11.08
CA SER A 47 -6.45 -6.93 11.69
C SER A 47 -5.65 -8.19 11.28
N LEU A 48 -4.57 -7.99 10.52
CA LEU A 48 -3.72 -9.09 10.09
C LEU A 48 -3.08 -9.78 11.29
N PRO A 49 -2.96 -11.11 11.24
CA PRO A 49 -2.25 -11.89 12.25
C PRO A 49 -0.75 -11.62 12.19
N PRO A 50 -0.05 -11.80 13.33
CA PRO A 50 1.41 -11.58 13.40
C PRO A 50 2.17 -12.40 12.36
N PHE A 51 1.61 -13.53 11.98
CA PHE A 51 2.18 -14.38 10.93
C PHE A 51 2.46 -13.59 9.66
N TYR A 52 1.44 -12.88 9.17
CA TYR A 52 1.56 -12.11 7.95
C TYR A 52 2.37 -10.85 8.17
N LYS A 53 2.22 -10.26 9.36
CA LYS A 53 3.00 -9.09 9.74
C LYS A 53 4.49 -9.41 9.71
N GLU A 54 4.83 -10.58 10.22
CA GLU A 54 6.21 -11.06 10.23
C GLU A 54 6.78 -11.11 8.83
N ARG A 55 6.04 -11.77 7.95
CA ARG A 55 6.45 -11.94 6.57
C ARG A 55 6.77 -10.61 5.90
N LEU A 56 5.96 -9.61 6.20
CA LEU A 56 6.14 -8.27 5.63
C LEU A 56 7.34 -7.56 6.27
N LEU A 57 7.41 -7.62 7.59
CA LEU A 57 8.44 -6.95 8.35
C LEU A 57 9.82 -7.53 8.04
N ALA A 58 9.88 -8.84 7.94
CA ALA A 58 11.15 -9.54 7.72
C ALA A 58 11.51 -9.61 6.23
N LEU A 59 10.94 -8.72 5.42
CA LEU A 59 11.24 -8.69 4.02
C LEU A 59 12.44 -7.80 3.74
N ASN A 60 12.85 -7.79 2.48
CA ASN A 60 13.94 -6.95 2.02
C ASN A 60 13.38 -5.85 1.13
N ASP A 61 12.07 -5.70 1.20
CA ASP A 61 11.35 -4.82 0.29
C ASP A 61 11.35 -3.39 0.81
N SER A 62 11.75 -2.48 -0.05
CA SER A 62 11.94 -1.09 0.34
C SER A 62 10.63 -0.28 0.28
N ARG A 63 9.52 -0.95 0.00
CA ARG A 63 8.21 -0.30 0.09
C ARG A 63 7.66 -0.47 1.50
N ILE A 64 8.36 -1.26 2.29
CA ILE A 64 7.95 -1.55 3.65
C ILE A 64 8.90 -0.87 4.64
N THR A 65 8.33 -0.16 5.61
CA THR A 65 9.14 0.48 6.63
C THR A 65 9.35 -0.44 7.83
N SER A 66 10.48 -0.28 8.51
CA SER A 66 10.84 -1.12 9.63
C SER A 66 9.85 -0.99 10.80
N ASP A 67 9.03 0.05 10.77
CA ASP A 67 8.05 0.29 11.83
C ASP A 67 6.76 -0.46 11.54
N GLY A 68 6.62 -0.96 10.32
CA GLY A 68 5.43 -1.69 9.95
C GLY A 68 4.37 -0.79 9.35
N VAL A 69 4.80 0.17 8.54
CA VAL A 69 3.86 1.06 7.88
C VAL A 69 4.08 1.03 6.37
N ILE A 70 3.01 0.86 5.63
CA ILE A 70 3.06 0.89 4.17
C ILE A 70 2.70 2.29 3.68
N VAL A 71 3.64 2.92 2.98
CA VAL A 71 3.42 4.24 2.44
C VAL A 71 3.93 4.34 1.01
N LEU A 72 3.01 4.61 0.10
CA LEU A 72 3.34 4.70 -1.33
C LEU A 72 2.66 5.88 -1.99
N LYS A 73 2.96 6.08 -3.28
CA LYS A 73 2.36 7.12 -4.09
C LYS A 73 1.74 6.49 -5.32
N ALA A 74 0.43 6.59 -5.41
CA ALA A 74 -0.29 6.07 -6.56
C ALA A 74 -0.49 7.16 -7.60
N GLN A 75 0.31 7.13 -8.65
CA GLN A 75 0.21 8.10 -9.72
C GLN A 75 0.33 7.39 -11.07
N GLN A 76 0.00 6.11 -11.05
CA GLN A 76 0.10 5.25 -12.21
C GLN A 76 -1.01 5.58 -13.21
N TYR A 77 -2.25 5.48 -12.75
CA TYR A 77 -3.41 5.70 -13.56
C TYR A 77 -3.74 7.19 -13.66
N ARG A 78 -4.55 7.52 -14.65
CA ARG A 78 -4.94 8.90 -14.92
C ARG A 78 -5.91 9.40 -13.85
N THR A 79 -6.78 8.51 -13.40
CA THR A 79 -7.76 8.82 -12.38
C THR A 79 -7.30 8.35 -11.01
N GLN A 80 -7.88 8.91 -9.96
CA GLN A 80 -7.52 8.55 -8.59
C GLN A 80 -8.10 7.19 -8.21
N GLU A 81 -9.37 6.96 -8.55
CA GLU A 81 -10.05 5.75 -8.14
C GLU A 81 -9.43 4.50 -8.76
N GLN A 82 -8.95 4.62 -9.98
CA GLN A 82 -8.29 3.51 -10.65
C GLN A 82 -6.91 3.26 -10.02
N ASN A 83 -6.28 4.32 -9.57
CA ASN A 83 -4.99 4.20 -8.87
C ASN A 83 -5.19 3.50 -7.54
N ARG A 84 -6.23 3.91 -6.81
CA ARG A 84 -6.61 3.24 -5.57
C ARG A 84 -6.74 1.73 -5.79
N ALA A 85 -7.53 1.38 -6.79
CA ALA A 85 -7.81 -0.02 -7.12
C ALA A 85 -6.52 -0.81 -7.34
N ASP A 86 -5.61 -0.26 -8.15
CA ASP A 86 -4.35 -0.94 -8.45
C ASP A 86 -3.50 -1.06 -7.20
N ALA A 87 -3.43 0.03 -6.45
CA ALA A 87 -2.67 0.09 -5.20
C ALA A 87 -3.15 -0.98 -4.22
N LEU A 88 -4.47 -1.16 -4.14
CA LEU A 88 -5.07 -2.18 -3.28
C LEU A 88 -4.66 -3.58 -3.75
N LEU A 89 -4.54 -3.73 -5.06
CA LEU A 89 -4.14 -4.99 -5.66
C LEU A 89 -2.66 -5.26 -5.33
N ARG A 90 -1.85 -4.20 -5.38
CA ARG A 90 -0.43 -4.32 -5.05
C ARG A 90 -0.25 -4.66 -3.58
N LEU A 91 -1.15 -4.14 -2.75
CA LEU A 91 -1.11 -4.38 -1.32
C LEU A 91 -1.35 -5.86 -1.01
N SER A 92 -2.40 -6.39 -1.59
CA SER A 92 -2.74 -7.80 -1.42
C SER A 92 -1.69 -8.69 -2.06
N GLU A 93 -1.22 -8.29 -3.23
CA GLU A 93 -0.16 -8.99 -3.93
C GLU A 93 1.07 -9.12 -3.03
N LEU A 94 1.45 -8.00 -2.42
CA LEU A 94 2.62 -7.96 -1.53
C LEU A 94 2.49 -8.97 -0.40
N ILE A 95 1.31 -9.04 0.21
CA ILE A 95 1.08 -9.95 1.33
C ILE A 95 1.23 -11.41 0.88
N VAL A 96 0.63 -11.74 -0.25
CA VAL A 96 0.74 -13.08 -0.81
C VAL A 96 2.17 -13.34 -1.27
N ASN A 97 2.79 -12.30 -1.81
CA ASN A 97 4.16 -12.37 -2.32
C ASN A 97 5.13 -12.73 -1.20
N ALA A 98 4.97 -12.07 -0.06
CA ALA A 98 5.83 -12.28 1.10
C ALA A 98 5.65 -13.68 1.68
N ALA A 99 4.50 -14.27 1.44
CA ALA A 99 4.21 -15.61 1.94
C ALA A 99 4.70 -16.67 0.95
N LYS A 100 4.80 -16.29 -0.31
CA LYS A 100 5.16 -17.23 -1.36
C LYS A 100 6.66 -17.20 -1.64
N LEU A 101 7.28 -16.07 -1.37
CA LEU A 101 8.69 -15.89 -1.64
C LEU A 101 9.48 -15.65 -0.37
N GLU A 102 10.80 -15.71 -0.49
CA GLU A 102 11.69 -15.46 0.62
C GLU A 102 12.62 -14.30 0.26
N HIS A 103 12.60 -13.26 1.09
CA HIS A 103 13.44 -12.07 0.93
C HIS A 103 12.89 -11.14 -0.16
N HIS A 104 12.45 -11.72 -1.27
CA HIS A 104 11.98 -10.97 -2.45
C HIS A 104 13.19 -10.31 -3.12
N HIS A 105 13.66 -10.94 -4.19
CA HIS A 105 14.92 -10.56 -4.82
C HIS A 105 14.85 -9.21 -5.52
N HIS A 106 15.61 -8.26 -4.99
CA HIS A 106 15.84 -6.97 -5.63
C HIS A 106 17.02 -6.29 -4.94
N HIS A 107 17.89 -5.66 -5.70
CA HIS A 107 19.07 -5.02 -5.12
C HIS A 107 18.82 -3.55 -4.83
N HIS A 108 18.35 -3.29 -3.61
CA HIS A 108 18.14 -1.93 -3.14
C HIS A 108 18.05 -1.95 -1.61
N MET A 1 -14.60 -4.54 2.70
CA MET A 1 -13.72 -5.52 3.38
C MET A 1 -12.69 -6.06 2.40
N LEU A 2 -11.46 -6.21 2.87
CA LEU A 2 -10.40 -6.77 2.05
C LEU A 2 -10.30 -8.26 2.32
N VAL A 3 -10.91 -9.04 1.44
CA VAL A 3 -10.89 -10.49 1.57
C VAL A 3 -9.67 -11.07 0.87
N ILE A 4 -8.74 -11.58 1.67
CA ILE A 4 -7.52 -12.18 1.13
C ILE A 4 -7.68 -13.70 1.01
N SER A 5 -8.35 -14.28 1.99
CA SER A 5 -8.61 -15.70 2.01
C SER A 5 -9.90 -15.98 2.76
N ASN A 6 -10.32 -17.23 2.79
CA ASN A 6 -11.58 -17.61 3.42
C ASN A 6 -11.59 -17.23 4.89
N ASN A 7 -10.47 -17.46 5.57
CA ASN A 7 -10.39 -17.23 7.00
C ASN A 7 -9.57 -15.98 7.31
N VAL A 8 -9.25 -15.21 6.27
CA VAL A 8 -8.44 -14.02 6.44
C VAL A 8 -9.11 -12.81 5.79
N HIS A 9 -9.43 -11.83 6.61
CA HIS A 9 -10.05 -10.59 6.14
C HIS A 9 -9.34 -9.39 6.76
N LEU A 10 -9.37 -8.27 6.06
CA LEU A 10 -8.80 -7.04 6.59
C LEU A 10 -9.85 -5.94 6.61
N PRO A 11 -9.97 -5.23 7.74
CA PRO A 11 -10.93 -4.15 7.89
C PRO A 11 -10.58 -2.93 7.04
N ASP A 12 -11.59 -2.38 6.38
CA ASP A 12 -11.43 -1.24 5.51
C ASP A 12 -10.85 -0.05 6.26
N ALA A 13 -11.30 0.11 7.50
CA ALA A 13 -10.86 1.20 8.36
C ALA A 13 -9.34 1.21 8.58
N GLU A 14 -8.70 0.07 8.46
CA GLU A 14 -7.25 -0.02 8.70
C GLU A 14 -6.47 0.30 7.43
N ILE A 15 -7.18 0.72 6.39
CA ILE A 15 -6.55 1.13 5.15
C ILE A 15 -6.84 2.62 4.91
N GLU A 16 -5.79 3.41 4.85
CA GLU A 16 -5.91 4.86 4.70
C GLU A 16 -5.71 5.29 3.25
N LEU A 17 -6.80 5.71 2.61
CA LEU A 17 -6.75 6.21 1.25
C LEU A 17 -6.86 7.73 1.25
N THR A 18 -5.77 8.40 0.91
CA THR A 18 -5.74 9.85 0.89
C THR A 18 -5.52 10.36 -0.54
N ALA A 19 -5.99 11.56 -0.82
CA ALA A 19 -5.80 12.15 -2.14
C ALA A 19 -4.79 13.29 -2.08
N ILE A 20 -3.76 13.23 -2.92
CA ILE A 20 -2.72 14.24 -2.92
C ILE A 20 -3.16 15.47 -3.71
N ARG A 21 -3.20 16.60 -3.04
CA ARG A 21 -3.62 17.85 -3.66
C ARG A 21 -2.41 18.57 -4.24
N ALA A 22 -2.61 19.25 -5.36
CA ALA A 22 -1.55 20.00 -6.00
C ALA A 22 -1.49 21.42 -5.46
N GLN A 23 -0.31 21.98 -5.39
CA GLN A 23 -0.11 23.32 -4.88
C GLN A 23 -0.46 24.35 -5.94
N GLY A 24 -1.09 25.44 -5.51
CA GLY A 24 -1.43 26.51 -6.43
C GLY A 24 -0.44 27.65 -6.33
N ALA A 25 0.82 27.33 -6.55
CA ALA A 25 1.88 28.32 -6.44
C ALA A 25 2.86 28.19 -7.61
N GLY A 26 3.77 29.14 -7.73
CA GLY A 26 4.71 29.13 -8.83
C GLY A 26 4.19 29.91 -10.01
N GLY A 27 3.50 29.22 -10.90
CA GLY A 27 2.92 29.87 -12.06
C GLY A 27 1.43 29.65 -12.13
N GLN A 28 0.89 29.59 -13.34
CA GLN A 28 -0.51 29.35 -13.55
C GLN A 28 -0.70 27.91 -14.00
N ASN A 29 -1.94 27.57 -14.31
CA ASN A 29 -2.31 26.24 -14.83
C ASN A 29 -2.19 25.16 -13.76
N VAL A 30 -1.51 25.48 -12.68
CA VAL A 30 -1.32 24.56 -11.57
C VAL A 30 -2.44 24.71 -10.55
N ASN A 31 -3.64 24.40 -10.99
CA ASN A 31 -4.83 24.51 -10.15
C ASN A 31 -5.69 23.27 -10.32
N LYS A 32 -5.08 22.23 -10.84
CA LYS A 32 -5.77 20.98 -11.12
C LYS A 32 -5.74 20.07 -9.90
N VAL A 33 -6.82 19.35 -9.66
CA VAL A 33 -6.81 18.32 -8.64
C VAL A 33 -6.08 17.11 -9.18
N SER A 34 -5.09 16.62 -8.44
CA SER A 34 -4.25 15.54 -8.91
C SER A 34 -4.93 14.19 -8.75
N SER A 35 -4.48 13.23 -9.54
CA SER A 35 -4.98 11.87 -9.46
C SER A 35 -4.04 11.00 -8.64
N ALA A 36 -3.05 11.65 -8.03
CA ALA A 36 -2.08 10.96 -7.21
C ALA A 36 -2.67 10.65 -5.84
N MET A 37 -2.78 9.37 -5.54
CA MET A 37 -3.32 8.93 -4.27
C MET A 37 -2.21 8.58 -3.29
N HIS A 38 -2.50 8.81 -2.03
CA HIS A 38 -1.62 8.44 -0.94
C HIS A 38 -2.24 7.26 -0.21
N LEU A 39 -1.48 6.20 -0.06
CA LEU A 39 -1.99 5.01 0.59
C LEU A 39 -1.15 4.68 1.81
N ARG A 40 -1.81 4.48 2.92
CA ARG A 40 -1.15 4.05 4.14
C ARG A 40 -1.75 2.73 4.62
N PHE A 41 -0.95 1.69 4.58
CA PHE A 41 -1.33 0.41 5.15
C PHE A 41 -0.47 0.16 6.37
N ASP A 42 -1.04 0.31 7.54
CA ASP A 42 -0.29 0.20 8.79
C ASP A 42 0.04 -1.25 9.07
N ILE A 43 1.32 -1.55 9.17
CA ILE A 43 1.78 -2.92 9.41
C ILE A 43 1.67 -3.24 10.89
N ASN A 44 1.97 -2.25 11.73
CA ASN A 44 1.95 -2.42 13.17
C ASN A 44 0.57 -2.81 13.67
N ALA A 45 -0.40 -1.95 13.37
CA ALA A 45 -1.76 -2.13 13.87
C ALA A 45 -2.63 -2.93 12.91
N SER A 46 -2.00 -3.60 11.94
CA SER A 46 -2.74 -4.41 10.98
C SER A 46 -3.35 -5.63 11.65
N SER A 47 -4.52 -6.04 11.18
CA SER A 47 -5.19 -7.24 11.69
C SER A 47 -4.52 -8.52 11.16
N LEU A 48 -3.32 -8.39 10.62
CA LEU A 48 -2.59 -9.52 10.09
C LEU A 48 -1.92 -10.29 11.22
N PRO A 49 -2.22 -11.60 11.32
CA PRO A 49 -1.61 -12.49 12.33
C PRO A 49 -0.08 -12.40 12.35
N PRO A 50 0.55 -12.84 13.47
CA PRO A 50 2.00 -12.85 13.62
C PRO A 50 2.72 -13.53 12.46
N PHE A 51 2.05 -14.52 11.85
CA PHE A 51 2.57 -15.20 10.67
C PHE A 51 2.91 -14.19 9.57
N TYR A 52 1.98 -13.30 9.28
CA TYR A 52 2.16 -12.28 8.26
C TYR A 52 3.18 -11.25 8.71
N LYS A 53 3.10 -10.87 9.99
CA LYS A 53 4.06 -9.96 10.60
C LYS A 53 5.50 -10.41 10.35
N GLU A 54 5.79 -11.66 10.68
CA GLU A 54 7.13 -12.22 10.54
C GLU A 54 7.65 -12.09 9.11
N ARG A 55 6.83 -12.47 8.12
CA ARG A 55 7.25 -12.40 6.72
C ARG A 55 7.60 -10.97 6.30
N LEU A 56 6.82 -10.01 6.78
CA LEU A 56 7.05 -8.62 6.46
C LEU A 56 8.28 -8.08 7.18
N LEU A 57 8.36 -8.35 8.48
CA LEU A 57 9.45 -7.88 9.31
C LEU A 57 10.80 -8.45 8.87
N ALA A 58 10.77 -9.63 8.26
CA ALA A 58 12.00 -10.29 7.85
C ALA A 58 12.26 -10.10 6.35
N LEU A 59 11.58 -9.15 5.74
CA LEU A 59 11.72 -8.92 4.32
C LEU A 59 12.85 -7.94 4.04
N ASN A 60 13.36 -8.01 2.83
CA ASN A 60 14.44 -7.14 2.37
C ASN A 60 13.84 -6.03 1.53
N ASP A 61 12.54 -5.86 1.65
CA ASP A 61 11.81 -4.91 0.82
C ASP A 61 11.84 -3.53 1.46
N SER A 62 11.91 -2.53 0.61
CA SER A 62 11.99 -1.14 1.04
C SER A 62 10.64 -0.61 1.51
N ARG A 63 9.57 -1.33 1.19
CA ARG A 63 8.24 -0.97 1.65
C ARG A 63 8.14 -1.14 3.16
N ILE A 64 8.95 -2.04 3.69
CA ILE A 64 8.98 -2.29 5.11
C ILE A 64 9.75 -1.19 5.83
N THR A 65 9.06 -0.43 6.66
CA THR A 65 9.66 0.68 7.37
C THR A 65 9.86 0.36 8.84
N SER A 66 10.75 1.11 9.49
CA SER A 66 11.00 0.95 10.91
C SER A 66 9.80 1.46 11.73
N ASP A 67 9.05 2.38 11.14
CA ASP A 67 7.85 2.90 11.75
C ASP A 67 6.77 1.83 11.75
N GLY A 68 6.83 0.97 10.74
CA GLY A 68 5.92 -0.15 10.65
C GLY A 68 4.67 0.17 9.84
N VAL A 69 4.86 0.92 8.76
CA VAL A 69 3.73 1.33 7.93
C VAL A 69 4.11 1.27 6.45
N ILE A 70 3.19 0.77 5.63
CA ILE A 70 3.34 0.82 4.18
C ILE A 70 2.85 2.17 3.68
N VAL A 71 3.78 3.00 3.23
CA VAL A 71 3.43 4.32 2.73
C VAL A 71 3.82 4.46 1.27
N LEU A 72 2.86 4.85 0.44
CA LEU A 72 3.13 5.06 -0.97
C LEU A 72 2.32 6.22 -1.51
N LYS A 73 2.75 6.71 -2.67
CA LYS A 73 2.10 7.80 -3.36
C LYS A 73 2.02 7.46 -4.84
N ALA A 74 0.84 7.12 -5.29
CA ALA A 74 0.68 6.54 -6.62
C ALA A 74 -0.05 7.46 -7.59
N GLN A 75 0.69 7.88 -8.61
CA GLN A 75 0.09 8.52 -9.78
C GLN A 75 0.48 7.69 -10.99
N GLN A 76 0.64 6.39 -10.74
CA GLN A 76 1.09 5.42 -11.73
C GLN A 76 0.19 5.43 -12.96
N TYR A 77 -1.11 5.51 -12.72
CA TYR A 77 -2.08 5.55 -13.80
C TYR A 77 -2.55 6.99 -14.01
N ARG A 78 -3.12 7.24 -15.18
CA ARG A 78 -3.59 8.58 -15.55
C ARG A 78 -4.75 9.01 -14.64
N THR A 79 -5.64 8.07 -14.37
CA THR A 79 -6.82 8.37 -13.59
C THR A 79 -6.68 7.88 -12.14
N GLN A 80 -7.27 8.64 -11.22
CA GLN A 80 -7.19 8.32 -9.79
C GLN A 80 -7.99 7.07 -9.47
N GLU A 81 -9.11 6.91 -10.14
CA GLU A 81 -10.00 5.78 -9.91
C GLU A 81 -9.26 4.47 -10.17
N GLN A 82 -8.41 4.47 -11.18
CA GLN A 82 -7.62 3.29 -11.50
C GLN A 82 -6.49 3.12 -10.49
N ASN A 83 -5.89 4.24 -10.08
CA ASN A 83 -4.85 4.21 -9.05
C ASN A 83 -5.39 3.58 -7.77
N ARG A 84 -6.65 3.90 -7.45
CA ARG A 84 -7.32 3.35 -6.30
C ARG A 84 -7.33 1.83 -6.33
N ALA A 85 -7.88 1.27 -7.40
CA ALA A 85 -8.00 -0.17 -7.55
C ALA A 85 -6.64 -0.82 -7.76
N ASP A 86 -5.75 -0.12 -8.45
CA ASP A 86 -4.41 -0.61 -8.75
C ASP A 86 -3.62 -0.82 -7.47
N ALA A 87 -3.57 0.22 -6.65
CA ALA A 87 -2.80 0.19 -5.41
C ALA A 87 -3.31 -0.90 -4.47
N LEU A 88 -4.63 -0.97 -4.32
CA LEU A 88 -5.25 -1.95 -3.43
C LEU A 88 -4.96 -3.38 -3.89
N LEU A 89 -4.90 -3.57 -5.20
CA LEU A 89 -4.63 -4.87 -5.77
C LEU A 89 -3.21 -5.29 -5.42
N ARG A 90 -2.24 -4.45 -5.72
CA ARG A 90 -0.84 -4.75 -5.48
C ARG A 90 -0.55 -4.84 -3.98
N LEU A 91 -1.32 -4.10 -3.20
CA LEU A 91 -1.22 -4.17 -1.75
C LEU A 91 -1.55 -5.58 -1.27
N SER A 92 -2.68 -6.09 -1.74
CA SER A 92 -3.13 -7.43 -1.39
C SER A 92 -2.16 -8.47 -1.95
N GLU A 93 -1.64 -8.20 -3.14
CA GLU A 93 -0.69 -9.07 -3.79
C GLU A 93 0.59 -9.16 -2.95
N LEU A 94 1.09 -8.01 -2.52
CA LEU A 94 2.32 -7.93 -1.73
C LEU A 94 2.20 -8.77 -0.45
N ILE A 95 1.03 -8.72 0.18
CA ILE A 95 0.79 -9.48 1.40
C ILE A 95 1.02 -10.97 1.18
N VAL A 96 0.45 -11.51 0.11
CA VAL A 96 0.62 -12.91 -0.24
C VAL A 96 2.00 -13.15 -0.84
N ASN A 97 2.46 -12.15 -1.58
CA ASN A 97 3.77 -12.17 -2.23
C ASN A 97 4.87 -12.49 -1.22
N ALA A 98 4.91 -11.69 -0.15
CA ALA A 98 5.91 -11.85 0.91
C ALA A 98 5.87 -13.26 1.51
N ALA A 99 4.70 -13.86 1.55
CA ALA A 99 4.53 -15.18 2.13
C ALA A 99 5.13 -16.25 1.24
N LYS A 100 5.24 -15.96 -0.05
CA LYS A 100 5.75 -16.94 -1.01
C LYS A 100 7.28 -16.92 -1.07
N LEU A 101 7.84 -15.77 -0.75
CA LEU A 101 9.29 -15.62 -0.73
C LEU A 101 9.88 -16.13 0.59
N GLU A 102 10.67 -17.19 0.48
CA GLU A 102 11.32 -17.77 1.64
C GLU A 102 12.65 -17.08 1.90
N HIS A 103 13.59 -17.26 0.97
CA HIS A 103 14.90 -16.65 1.09
C HIS A 103 15.23 -15.89 -0.19
N HIS A 104 14.75 -14.65 -0.28
CA HIS A 104 14.96 -13.84 -1.47
C HIS A 104 15.26 -12.39 -1.12
N HIS A 105 16.46 -11.96 -1.45
CA HIS A 105 16.82 -10.55 -1.36
C HIS A 105 16.58 -9.89 -2.70
N HIS A 106 16.58 -8.56 -2.71
CA HIS A 106 16.35 -7.79 -3.93
C HIS A 106 14.92 -8.01 -4.46
N HIS A 107 14.02 -7.13 -4.09
CA HIS A 107 12.66 -7.18 -4.62
C HIS A 107 12.34 -5.87 -5.34
N HIS A 108 13.35 -5.04 -5.48
CA HIS A 108 13.22 -3.78 -6.20
C HIS A 108 14.33 -3.65 -7.24
N MET A 1 -14.74 -4.40 3.30
CA MET A 1 -13.60 -5.17 3.83
C MET A 1 -12.93 -5.96 2.72
N LEU A 2 -11.62 -5.81 2.61
CA LEU A 2 -10.85 -6.48 1.58
C LEU A 2 -10.42 -7.85 2.07
N VAL A 3 -11.14 -8.86 1.64
CA VAL A 3 -10.81 -10.23 1.97
C VAL A 3 -9.76 -10.76 1.01
N ILE A 4 -8.54 -10.95 1.51
CA ILE A 4 -7.44 -11.44 0.70
C ILE A 4 -7.54 -12.94 0.53
N SER A 5 -7.86 -13.61 1.62
CA SER A 5 -8.04 -15.05 1.63
C SER A 5 -9.02 -15.40 2.73
N ASN A 6 -9.43 -16.67 2.80
CA ASN A 6 -10.44 -17.14 3.76
C ASN A 6 -10.18 -16.60 5.17
N ASN A 7 -8.94 -16.70 5.63
CA ASN A 7 -8.61 -16.33 7.00
C ASN A 7 -7.86 -15.01 7.07
N VAL A 8 -7.86 -14.27 5.97
CA VAL A 8 -7.17 -12.99 5.93
C VAL A 8 -8.15 -11.91 5.50
N HIS A 9 -8.38 -10.95 6.38
CA HIS A 9 -9.34 -9.89 6.13
C HIS A 9 -8.72 -8.54 6.43
N LEU A 10 -8.94 -7.58 5.56
CA LEU A 10 -8.52 -6.21 5.83
C LEU A 10 -9.74 -5.32 5.99
N PRO A 11 -10.04 -4.96 7.24
CA PRO A 11 -11.16 -4.07 7.55
C PRO A 11 -11.05 -2.74 6.83
N ASP A 12 -12.19 -2.18 6.45
CA ASP A 12 -12.27 -0.92 5.76
C ASP A 12 -11.56 0.17 6.55
N ALA A 13 -11.78 0.13 7.85
CA ALA A 13 -11.21 1.09 8.78
C ALA A 13 -9.68 1.04 8.84
N GLU A 14 -9.12 -0.14 8.60
CA GLU A 14 -7.68 -0.35 8.75
C GLU A 14 -6.93 -0.04 7.46
N ILE A 15 -7.67 0.38 6.46
CA ILE A 15 -7.07 0.78 5.20
C ILE A 15 -6.96 2.30 5.14
N GLU A 16 -5.76 2.81 5.37
CA GLU A 16 -5.54 4.24 5.40
C GLU A 16 -5.40 4.80 4.00
N LEU A 17 -6.44 5.44 3.52
CA LEU A 17 -6.44 6.00 2.18
C LEU A 17 -6.42 7.51 2.24
N THR A 18 -5.57 8.09 1.41
CA THR A 18 -5.44 9.54 1.35
C THR A 18 -5.30 9.99 -0.11
N ALA A 19 -5.65 11.25 -0.37
CA ALA A 19 -5.54 11.79 -1.71
C ALA A 19 -4.64 13.02 -1.70
N ILE A 20 -3.64 13.02 -2.56
CA ILE A 20 -2.70 14.14 -2.65
C ILE A 20 -3.23 15.18 -3.62
N ARG A 21 -3.59 16.34 -3.10
CA ARG A 21 -4.21 17.39 -3.90
C ARG A 21 -3.17 18.09 -4.76
N ALA A 22 -3.63 18.67 -5.86
CA ALA A 22 -2.76 19.38 -6.77
C ALA A 22 -3.16 20.86 -6.85
N GLN A 23 -2.33 21.72 -6.29
CA GLN A 23 -2.60 23.13 -6.28
C GLN A 23 -1.87 23.82 -7.42
N GLY A 24 -2.51 24.78 -8.05
CA GLY A 24 -1.90 25.48 -9.16
C GLY A 24 -2.01 26.97 -8.99
N ALA A 25 -0.86 27.63 -9.06
CA ALA A 25 -0.80 29.09 -8.94
C ALA A 25 -0.26 29.71 -10.21
N GLY A 26 -0.59 30.97 -10.44
CA GLY A 26 -0.16 31.66 -11.64
C GLY A 26 -1.31 31.86 -12.61
N GLY A 27 -1.03 31.75 -13.90
CA GLY A 27 -2.05 31.93 -14.90
C GLY A 27 -2.05 30.80 -15.91
N GLN A 28 -2.05 29.57 -15.40
CA GLN A 28 -2.02 28.40 -16.24
C GLN A 28 -3.20 27.52 -15.89
N ASN A 29 -3.61 26.70 -16.84
CA ASN A 29 -4.78 25.84 -16.68
C ASN A 29 -4.53 24.76 -15.63
N VAL A 30 -5.13 24.94 -14.47
CA VAL A 30 -5.07 23.97 -13.40
C VAL A 30 -6.47 23.71 -12.85
N ASN A 31 -7.16 22.74 -13.44
CA ASN A 31 -8.55 22.50 -13.11
C ASN A 31 -8.77 21.00 -12.85
N LYS A 32 -7.70 20.30 -12.60
CA LYS A 32 -7.78 18.87 -12.35
C LYS A 32 -7.57 18.57 -10.88
N VAL A 33 -8.35 17.63 -10.36
CA VAL A 33 -8.38 17.35 -8.92
C VAL A 33 -7.32 16.31 -8.53
N SER A 34 -6.29 16.22 -9.36
CA SER A 34 -5.19 15.28 -9.17
C SER A 34 -5.66 13.83 -9.26
N SER A 35 -4.70 12.93 -9.35
CA SER A 35 -4.97 11.51 -9.41
C SER A 35 -4.03 10.76 -8.47
N ALA A 36 -3.27 11.52 -7.69
CA ALA A 36 -2.28 10.95 -6.79
C ALA A 36 -2.91 10.45 -5.50
N MET A 37 -3.08 9.15 -5.41
CA MET A 37 -3.63 8.54 -4.21
C MET A 37 -2.51 8.04 -3.33
N HIS A 38 -2.67 8.20 -2.04
CA HIS A 38 -1.65 7.82 -1.10
C HIS A 38 -2.20 6.77 -0.15
N LEU A 39 -1.48 5.67 -0.05
CA LEU A 39 -1.91 4.55 0.77
C LEU A 39 -0.96 4.33 1.93
N ARG A 40 -1.53 4.10 3.10
CA ARG A 40 -0.76 3.73 4.26
C ARG A 40 -1.32 2.44 4.84
N PHE A 41 -0.46 1.45 4.99
CA PHE A 41 -0.86 0.19 5.57
C PHE A 41 -0.04 -0.11 6.80
N ASP A 42 -0.62 0.15 7.96
CA ASP A 42 0.05 -0.13 9.22
C ASP A 42 0.10 -1.64 9.46
N ILE A 43 1.19 -2.26 9.03
CA ILE A 43 1.40 -3.68 9.21
C ILE A 43 1.33 -4.04 10.70
N ASN A 44 1.85 -3.15 11.51
CA ASN A 44 1.88 -3.34 12.96
C ASN A 44 0.47 -3.28 13.55
N ALA A 45 -0.30 -2.29 13.11
CA ALA A 45 -1.60 -2.00 13.74
C ALA A 45 -2.74 -2.81 13.14
N SER A 46 -2.57 -3.31 11.91
CA SER A 46 -3.62 -4.07 11.23
C SER A 46 -3.97 -5.35 11.99
N SER A 47 -5.12 -5.92 11.69
CA SER A 47 -5.60 -7.13 12.36
C SER A 47 -5.09 -8.40 11.65
N LEU A 48 -4.00 -8.27 10.91
CA LEU A 48 -3.39 -9.41 10.24
C LEU A 48 -2.80 -10.39 11.24
N PRO A 49 -2.82 -11.70 10.91
CA PRO A 49 -2.18 -12.73 11.73
C PRO A 49 -0.67 -12.48 11.86
N PRO A 50 -0.11 -12.73 13.06
CA PRO A 50 1.31 -12.49 13.36
C PRO A 50 2.24 -13.11 12.32
N PHE A 51 1.90 -14.30 11.85
CA PHE A 51 2.71 -15.01 10.86
C PHE A 51 2.94 -14.16 9.62
N TYR A 52 1.87 -13.59 9.09
CA TYR A 52 1.95 -12.76 7.91
C TYR A 52 2.63 -11.44 8.21
N LYS A 53 2.38 -10.90 9.40
CA LYS A 53 3.04 -9.67 9.82
C LYS A 53 4.54 -9.83 9.84
N GLU A 54 5.01 -10.99 10.31
CA GLU A 54 6.44 -11.27 10.37
C GLU A 54 7.06 -11.23 8.98
N ARG A 55 6.39 -11.86 8.02
CA ARG A 55 6.86 -11.87 6.63
C ARG A 55 6.88 -10.47 6.05
N LEU A 56 5.91 -9.64 6.43
CA LEU A 56 5.85 -8.26 5.98
C LEU A 56 6.92 -7.41 6.65
N LEU A 57 7.05 -7.55 7.96
CA LEU A 57 8.02 -6.82 8.74
C LEU A 57 9.44 -7.17 8.32
N ALA A 58 9.67 -8.43 8.03
CA ALA A 58 10.97 -8.91 7.59
C ALA A 58 10.97 -9.14 6.09
N LEU A 59 10.41 -8.19 5.36
CA LEU A 59 10.37 -8.28 3.91
C LEU A 59 11.67 -7.76 3.32
N ASN A 60 11.71 -7.65 2.01
CA ASN A 60 12.91 -7.26 1.31
C ASN A 60 12.72 -5.91 0.63
N ASP A 61 11.68 -5.20 1.04
CA ASP A 61 11.35 -3.93 0.40
C ASP A 61 12.12 -2.81 1.07
N SER A 62 12.03 -1.62 0.51
CA SER A 62 12.80 -0.49 0.98
C SER A 62 11.89 0.66 1.46
N ARG A 63 10.63 0.63 1.06
CA ARG A 63 9.69 1.68 1.45
C ARG A 63 8.95 1.26 2.71
N ILE A 64 9.02 -0.03 3.01
CA ILE A 64 8.52 -0.52 4.28
C ILE A 64 9.28 0.14 5.42
N THR A 65 8.58 0.94 6.21
CA THR A 65 9.23 1.69 7.27
C THR A 65 9.45 0.79 8.49
N SER A 66 10.33 1.20 9.39
CA SER A 66 10.84 0.32 10.42
C SER A 66 9.95 0.29 11.67
N ASP A 67 8.77 0.88 11.57
CA ASP A 67 7.80 0.78 12.66
C ASP A 67 6.68 -0.17 12.26
N GLY A 68 6.80 -0.71 11.04
CA GLY A 68 5.82 -1.66 10.55
C GLY A 68 4.71 -1.00 9.78
N VAL A 69 5.06 -0.20 8.78
CA VAL A 69 4.09 0.48 7.96
C VAL A 69 4.48 0.43 6.48
N ILE A 70 3.51 0.14 5.63
CA ILE A 70 3.68 0.18 4.20
C ILE A 70 3.15 1.51 3.65
N VAL A 71 3.91 2.16 2.79
CA VAL A 71 3.54 3.46 2.26
C VAL A 71 3.73 3.50 0.75
N LEU A 72 2.70 3.94 0.03
CA LEU A 72 2.80 4.09 -1.42
C LEU A 72 2.05 5.34 -1.86
N LYS A 73 2.31 5.75 -3.08
CA LYS A 73 1.62 6.89 -3.68
C LYS A 73 1.38 6.62 -5.16
N ALA A 74 0.14 6.33 -5.48
CA ALA A 74 -0.24 5.95 -6.82
C ALA A 74 -0.61 7.19 -7.63
N GLN A 75 0.32 7.61 -8.47
CA GLN A 75 0.12 8.74 -9.36
C GLN A 75 0.58 8.36 -10.75
N GLN A 76 0.15 7.17 -11.18
CA GLN A 76 0.59 6.58 -12.44
C GLN A 76 -0.52 6.61 -13.48
N TYR A 77 -1.73 6.28 -13.07
CA TYR A 77 -2.85 6.17 -13.99
C TYR A 77 -3.62 7.49 -14.08
N ARG A 78 -4.50 7.58 -15.06
CA ARG A 78 -5.21 8.83 -15.36
C ARG A 78 -6.21 9.22 -14.27
N THR A 79 -6.95 8.27 -13.76
CA THR A 79 -7.99 8.56 -12.78
C THR A 79 -7.61 8.07 -11.40
N GLN A 80 -8.23 8.66 -10.37
CA GLN A 80 -7.94 8.30 -8.98
C GLN A 80 -8.33 6.86 -8.71
N GLU A 81 -9.49 6.47 -9.21
CA GLU A 81 -10.05 5.15 -8.96
C GLU A 81 -9.15 4.05 -9.52
N GLN A 82 -8.55 4.29 -10.67
CA GLN A 82 -7.65 3.31 -11.27
C GLN A 82 -6.37 3.18 -10.48
N ASN A 83 -5.84 4.30 -10.01
CA ASN A 83 -4.66 4.27 -9.14
C ASN A 83 -5.02 3.61 -7.80
N ARG A 84 -6.22 3.89 -7.34
CA ARG A 84 -6.73 3.33 -6.10
C ARG A 84 -6.83 1.81 -6.20
N ALA A 85 -7.42 1.34 -7.28
CA ALA A 85 -7.58 -0.09 -7.52
C ALA A 85 -6.22 -0.75 -7.72
N ASP A 86 -5.35 -0.11 -8.51
CA ASP A 86 -4.01 -0.61 -8.77
C ASP A 86 -3.24 -0.83 -7.47
N ALA A 87 -3.21 0.22 -6.67
CA ALA A 87 -2.52 0.20 -5.39
C ALA A 87 -3.06 -0.90 -4.48
N LEU A 88 -4.38 -1.03 -4.41
CA LEU A 88 -5.01 -2.06 -3.58
C LEU A 88 -4.68 -3.46 -4.09
N LEU A 89 -4.73 -3.63 -5.41
CA LEU A 89 -4.39 -4.89 -6.05
C LEU A 89 -2.95 -5.26 -5.71
N ARG A 90 -2.06 -4.31 -5.94
CA ARG A 90 -0.64 -4.51 -5.71
C ARG A 90 -0.35 -4.78 -4.24
N LEU A 91 -0.99 -4.02 -3.37
CA LEU A 91 -0.79 -4.14 -1.93
C LEU A 91 -1.21 -5.53 -1.46
N SER A 92 -2.38 -5.96 -1.88
CA SER A 92 -2.91 -7.27 -1.49
C SER A 92 -2.01 -8.39 -2.01
N GLU A 93 -1.52 -8.22 -3.24
CA GLU A 93 -0.65 -9.21 -3.84
C GLU A 93 0.68 -9.25 -3.10
N LEU A 94 1.20 -8.08 -2.78
CA LEU A 94 2.44 -7.94 -2.04
C LEU A 94 2.36 -8.70 -0.71
N ILE A 95 1.24 -8.57 -0.02
CA ILE A 95 1.03 -9.25 1.25
C ILE A 95 1.16 -10.77 1.09
N VAL A 96 0.49 -11.31 0.10
CA VAL A 96 0.55 -12.75 -0.17
C VAL A 96 1.94 -13.15 -0.62
N ASN A 97 2.52 -12.32 -1.48
CA ASN A 97 3.83 -12.57 -2.07
C ASN A 97 4.91 -12.61 -0.98
N ALA A 98 4.75 -11.77 0.05
CA ALA A 98 5.70 -11.71 1.16
C ALA A 98 5.82 -13.05 1.86
N ALA A 99 4.73 -13.80 1.90
CA ALA A 99 4.73 -15.11 2.54
C ALA A 99 5.54 -16.12 1.72
N LYS A 100 5.76 -15.79 0.45
CA LYS A 100 6.54 -16.64 -0.44
C LYS A 100 7.98 -16.17 -0.48
N LEU A 101 8.21 -14.92 -0.10
CA LEU A 101 9.52 -14.31 -0.23
C LEU A 101 10.42 -14.65 0.95
N GLU A 102 11.43 -15.46 0.67
CA GLU A 102 12.43 -15.81 1.65
C GLU A 102 13.47 -14.70 1.77
N HIS A 103 13.29 -13.87 2.80
CA HIS A 103 14.24 -12.80 3.10
C HIS A 103 15.56 -13.40 3.57
N HIS A 104 16.58 -13.33 2.71
CA HIS A 104 17.86 -13.91 3.03
C HIS A 104 18.71 -12.95 3.85
N HIS A 105 18.44 -12.95 5.15
CA HIS A 105 19.21 -12.19 6.12
C HIS A 105 18.68 -12.53 7.51
N HIS A 106 19.57 -12.86 8.42
CA HIS A 106 19.16 -13.35 9.73
C HIS A 106 18.65 -12.21 10.61
N HIS A 107 17.63 -12.52 11.39
CA HIS A 107 16.99 -11.56 12.28
C HIS A 107 16.23 -10.48 11.51
N HIS A 108 16.94 -9.49 10.99
CA HIS A 108 16.32 -8.40 10.25
C HIS A 108 17.21 -7.97 9.10
N MET A 1 -13.72 -2.64 2.65
CA MET A 1 -13.19 -3.86 3.28
C MET A 1 -12.52 -4.72 2.23
N LEU A 2 -11.23 -4.97 2.42
CA LEU A 2 -10.45 -5.73 1.46
C LEU A 2 -10.39 -7.19 1.89
N VAL A 3 -11.21 -7.99 1.24
CA VAL A 3 -11.27 -9.42 1.52
C VAL A 3 -10.23 -10.15 0.66
N ILE A 4 -9.20 -10.66 1.32
CA ILE A 4 -8.13 -11.39 0.63
C ILE A 4 -8.42 -12.88 0.65
N SER A 5 -8.40 -13.45 1.84
CA SER A 5 -8.65 -14.87 2.00
C SER A 5 -9.73 -15.05 3.06
N ASN A 6 -9.97 -16.28 3.49
CA ASN A 6 -11.01 -16.56 4.47
C ASN A 6 -10.71 -15.96 5.83
N ASN A 7 -9.48 -16.13 6.28
CA ASN A 7 -9.09 -15.68 7.62
C ASN A 7 -8.42 -14.31 7.57
N VAL A 8 -8.33 -13.73 6.39
CA VAL A 8 -7.65 -12.46 6.24
C VAL A 8 -8.57 -11.44 5.58
N HIS A 9 -8.88 -10.38 6.32
CA HIS A 9 -9.66 -9.27 5.81
C HIS A 9 -9.02 -7.97 6.23
N LEU A 10 -9.02 -6.99 5.36
CA LEU A 10 -8.53 -5.67 5.69
C LEU A 10 -9.69 -4.70 5.84
N PRO A 11 -10.08 -4.40 7.09
CA PRO A 11 -11.14 -3.43 7.36
C PRO A 11 -10.78 -2.04 6.85
N ASP A 12 -11.78 -1.29 6.43
CA ASP A 12 -11.59 0.06 5.91
C ASP A 12 -10.87 0.94 6.93
N ALA A 13 -11.12 0.70 8.20
CA ALA A 13 -10.48 1.46 9.28
C ALA A 13 -8.98 1.21 9.31
N GLU A 14 -8.56 0.05 8.82
CA GLU A 14 -7.15 -0.34 8.85
C GLU A 14 -6.43 0.16 7.61
N ILE A 15 -7.19 0.74 6.71
CA ILE A 15 -6.65 1.22 5.45
C ILE A 15 -6.76 2.73 5.36
N GLU A 16 -5.63 3.40 5.18
CA GLU A 16 -5.64 4.84 4.99
C GLU A 16 -5.46 5.17 3.52
N LEU A 17 -6.57 5.37 2.83
CA LEU A 17 -6.54 5.80 1.45
C LEU A 17 -6.79 7.30 1.39
N THR A 18 -5.76 8.06 1.06
CA THR A 18 -5.88 9.50 1.02
C THR A 18 -5.73 10.02 -0.41
N ALA A 19 -6.70 10.80 -0.84
CA ALA A 19 -6.67 11.41 -2.17
C ALA A 19 -6.05 12.79 -2.10
N ILE A 20 -4.97 12.98 -2.83
CA ILE A 20 -4.24 14.23 -2.80
C ILE A 20 -4.25 14.88 -4.18
N ARG A 21 -4.00 16.17 -4.23
CA ARG A 21 -3.88 16.88 -5.49
C ARG A 21 -2.42 16.87 -5.93
N ALA A 22 -2.13 17.66 -6.94
CA ALA A 22 -0.75 17.81 -7.40
C ALA A 22 -0.53 19.22 -7.90
N GLN A 23 0.62 19.79 -7.55
CA GLN A 23 0.95 21.11 -7.99
C GLN A 23 1.66 21.04 -9.33
N GLY A 24 1.24 21.88 -10.24
CA GLY A 24 1.83 21.93 -11.56
C GLY A 24 3.12 22.71 -11.56
N ALA A 25 4.21 22.01 -11.31
CA ALA A 25 5.54 22.63 -11.19
C ALA A 25 5.82 23.56 -12.35
N GLY A 26 5.93 24.84 -12.04
CA GLY A 26 6.11 25.84 -13.06
C GLY A 26 5.07 26.92 -12.97
N GLY A 27 4.14 26.74 -12.05
CA GLY A 27 3.10 27.72 -11.84
C GLY A 27 2.07 27.72 -12.95
N GLN A 28 1.53 26.55 -13.26
CA GLN A 28 0.54 26.41 -14.32
C GLN A 28 -0.87 26.57 -13.77
N ASN A 29 -0.95 26.91 -12.49
CA ASN A 29 -2.22 27.10 -11.79
C ASN A 29 -3.09 25.84 -11.86
N VAL A 30 -2.94 24.99 -10.85
CA VAL A 30 -3.66 23.72 -10.84
C VAL A 30 -5.01 23.84 -10.16
N ASN A 31 -6.01 24.20 -10.94
CA ASN A 31 -7.39 24.27 -10.46
C ASN A 31 -8.12 22.99 -10.85
N LYS A 32 -7.32 21.98 -11.17
CA LYS A 32 -7.83 20.70 -11.60
C LYS A 32 -7.40 19.61 -10.61
N VAL A 33 -8.16 18.53 -10.55
CA VAL A 33 -7.85 17.44 -9.64
C VAL A 33 -6.86 16.47 -10.29
N SER A 34 -5.89 16.03 -9.51
CA SER A 34 -4.87 15.13 -9.99
C SER A 34 -5.12 13.71 -9.51
N SER A 35 -4.45 12.75 -10.13
CA SER A 35 -4.64 11.34 -9.82
C SER A 35 -3.68 10.85 -8.72
N ALA A 36 -3.29 11.75 -7.83
CA ALA A 36 -2.32 11.44 -6.80
C ALA A 36 -3.00 10.87 -5.56
N MET A 37 -2.70 9.62 -5.27
CA MET A 37 -3.20 9.00 -4.04
C MET A 37 -2.05 8.66 -3.11
N HIS A 38 -2.35 8.59 -1.83
CA HIS A 38 -1.40 8.18 -0.81
C HIS A 38 -1.97 7.01 -0.04
N LEU A 39 -1.16 5.98 0.12
CA LEU A 39 -1.55 4.82 0.88
C LEU A 39 -0.70 4.70 2.13
N ARG A 40 -1.35 4.32 3.21
CA ARG A 40 -0.68 4.16 4.49
C ARG A 40 -1.30 3.00 5.24
N PHE A 41 -0.58 1.89 5.32
CA PHE A 41 -1.12 0.69 5.95
C PHE A 41 -0.22 0.23 7.09
N ASP A 42 -0.75 0.32 8.29
CA ASP A 42 -0.06 -0.15 9.49
C ASP A 42 -0.10 -1.66 9.56
N ILE A 43 0.98 -2.30 9.12
CA ILE A 43 1.07 -3.74 9.12
C ILE A 43 1.22 -4.26 10.55
N ASN A 44 1.91 -3.50 11.38
CA ASN A 44 2.18 -3.90 12.74
C ASN A 44 0.90 -4.14 13.54
N ALA A 45 -0.07 -3.24 13.39
CA ALA A 45 -1.31 -3.34 14.13
C ALA A 45 -2.47 -3.79 13.24
N SER A 46 -2.15 -4.33 12.08
CA SER A 46 -3.17 -4.75 11.12
C SER A 46 -3.88 -6.02 11.60
N SER A 47 -4.88 -6.46 10.83
CA SER A 47 -5.63 -7.65 11.16
C SER A 47 -4.94 -8.91 10.63
N LEU A 48 -3.75 -8.72 10.03
CA LEU A 48 -2.97 -9.85 9.53
C LEU A 48 -2.46 -10.70 10.67
N PRO A 49 -2.54 -12.04 10.53
CA PRO A 49 -1.99 -12.96 11.50
C PRO A 49 -0.49 -12.74 11.69
N PRO A 50 0.02 -12.94 12.92
CA PRO A 50 1.41 -12.68 13.28
C PRO A 50 2.42 -13.28 12.29
N PHE A 51 2.11 -14.46 11.76
CA PHE A 51 2.98 -15.13 10.80
C PHE A 51 3.22 -14.27 9.57
N TYR A 52 2.15 -13.82 8.94
CA TYR A 52 2.25 -13.01 7.73
C TYR A 52 2.82 -11.64 8.05
N LYS A 53 2.38 -11.07 9.17
CA LYS A 53 2.81 -9.76 9.60
C LYS A 53 4.32 -9.73 9.82
N GLU A 54 4.82 -10.75 10.50
CA GLU A 54 6.24 -10.85 10.82
C GLU A 54 7.09 -10.87 9.56
N ARG A 55 6.66 -11.67 8.59
CA ARG A 55 7.37 -11.78 7.32
C ARG A 55 7.48 -10.43 6.63
N LEU A 56 6.39 -9.69 6.62
CA LEU A 56 6.34 -8.38 5.98
C LEU A 56 7.28 -7.40 6.69
N LEU A 57 7.20 -7.40 8.01
CA LEU A 57 8.00 -6.53 8.85
C LEU A 57 9.49 -6.76 8.66
N ALA A 58 9.85 -8.00 8.31
CA ALA A 58 11.24 -8.37 8.15
C ALA A 58 11.61 -8.54 6.67
N LEU A 59 10.97 -7.77 5.80
CA LEU A 59 11.25 -7.82 4.39
C LEU A 59 12.39 -6.88 4.02
N ASN A 60 12.86 -7.00 2.80
CA ASN A 60 13.96 -6.18 2.30
C ASN A 60 13.41 -5.13 1.34
N ASP A 61 12.09 -4.95 1.39
CA ASP A 61 11.39 -4.09 0.46
C ASP A 61 11.54 -2.62 0.86
N SER A 62 11.20 -1.75 -0.07
CA SER A 62 11.35 -0.31 0.13
C SER A 62 10.01 0.38 0.36
N ARG A 63 8.91 -0.33 0.12
CA ARG A 63 7.57 0.22 0.36
C ARG A 63 7.17 -0.04 1.80
N ILE A 64 7.52 -1.23 2.28
CA ILE A 64 7.30 -1.58 3.68
C ILE A 64 8.45 -1.07 4.54
N THR A 65 8.14 -0.19 5.48
CA THR A 65 9.17 0.36 6.35
C THR A 65 9.36 -0.54 7.56
N SER A 66 10.55 -0.45 8.16
CA SER A 66 10.85 -1.22 9.37
C SER A 66 10.05 -0.70 10.56
N ASP A 67 9.36 0.42 10.36
CA ASP A 67 8.53 1.01 11.40
C ASP A 67 7.25 0.20 11.57
N GLY A 68 6.93 -0.59 10.56
CA GLY A 68 5.76 -1.43 10.62
C GLY A 68 4.62 -0.90 9.76
N VAL A 69 4.94 0.04 8.89
CA VAL A 69 3.94 0.65 8.01
C VAL A 69 4.40 0.60 6.56
N ILE A 70 3.50 0.24 5.67
CA ILE A 70 3.80 0.28 4.25
C ILE A 70 3.21 1.55 3.65
N VAL A 71 4.06 2.38 3.07
CA VAL A 71 3.64 3.67 2.53
C VAL A 71 3.78 3.65 1.01
N LEU A 72 2.73 4.10 0.33
CA LEU A 72 2.74 4.12 -1.13
C LEU A 72 2.15 5.42 -1.64
N LYS A 73 2.46 5.73 -2.87
CA LYS A 73 1.90 6.88 -3.56
C LYS A 73 1.38 6.42 -4.91
N ALA A 74 0.08 6.31 -5.00
CA ALA A 74 -0.56 5.79 -6.19
C ALA A 74 -0.80 6.89 -7.20
N GLN A 75 0.05 6.96 -8.20
CA GLN A 75 -0.07 7.96 -9.25
C GLN A 75 0.56 7.42 -10.53
N GLN A 76 -0.23 6.71 -11.31
CA GLN A 76 0.23 6.19 -12.58
C GLN A 76 -0.86 6.33 -13.63
N TYR A 77 -2.09 6.01 -13.23
CA TYR A 77 -3.21 6.07 -14.13
C TYR A 77 -3.77 7.49 -14.24
N ARG A 78 -4.78 7.65 -15.07
CA ARG A 78 -5.40 8.95 -15.33
C ARG A 78 -6.19 9.45 -14.12
N THR A 79 -6.95 8.56 -13.50
CA THR A 79 -7.81 8.94 -12.38
C THR A 79 -7.32 8.32 -11.07
N GLN A 80 -7.77 8.89 -9.96
CA GLN A 80 -7.45 8.36 -8.64
C GLN A 80 -8.14 7.02 -8.45
N GLU A 81 -9.34 6.93 -9.02
CA GLU A 81 -10.18 5.76 -8.90
C GLU A 81 -9.51 4.50 -9.43
N GLN A 82 -8.76 4.64 -10.51
CA GLN A 82 -8.04 3.51 -11.10
C GLN A 82 -6.81 3.17 -10.26
N ASN A 83 -6.11 4.21 -9.80
CA ASN A 83 -4.94 4.03 -8.95
C ASN A 83 -5.34 3.36 -7.64
N ARG A 84 -6.54 3.69 -7.16
CA ARG A 84 -7.11 3.08 -5.97
C ARG A 84 -7.15 1.56 -6.11
N ALA A 85 -7.67 1.09 -7.24
CA ALA A 85 -7.83 -0.33 -7.49
C ALA A 85 -6.49 -1.04 -7.66
N ASP A 86 -5.58 -0.40 -8.40
CA ASP A 86 -4.26 -0.97 -8.66
C ASP A 86 -3.50 -1.14 -7.35
N ALA A 87 -3.48 -0.08 -6.56
CA ALA A 87 -2.75 -0.07 -5.29
C ALA A 87 -3.27 -1.14 -4.33
N LEU A 88 -4.58 -1.28 -4.23
CA LEU A 88 -5.18 -2.27 -3.33
C LEU A 88 -4.85 -3.69 -3.80
N LEU A 89 -4.85 -3.89 -5.11
CA LEU A 89 -4.49 -5.18 -5.68
C LEU A 89 -3.01 -5.45 -5.43
N ARG A 90 -2.21 -4.42 -5.61
CA ARG A 90 -0.76 -4.49 -5.44
C ARG A 90 -0.41 -4.87 -4.01
N LEU A 91 -1.12 -4.28 -3.06
CA LEU A 91 -0.92 -4.56 -1.65
C LEU A 91 -1.12 -6.04 -1.37
N SER A 92 -2.25 -6.55 -1.82
CA SER A 92 -2.60 -7.95 -1.62
C SER A 92 -1.58 -8.87 -2.27
N GLU A 93 -1.19 -8.53 -3.50
CA GLU A 93 -0.20 -9.30 -4.23
C GLU A 93 1.13 -9.36 -3.49
N LEU A 94 1.52 -8.24 -2.91
CA LEU A 94 2.77 -8.16 -2.15
C LEU A 94 2.72 -9.15 -0.98
N ILE A 95 1.61 -9.13 -0.25
CA ILE A 95 1.42 -10.01 0.90
C ILE A 95 1.54 -11.48 0.50
N VAL A 96 0.86 -11.85 -0.58
CA VAL A 96 0.88 -13.22 -1.07
C VAL A 96 2.28 -13.64 -1.51
N ASN A 97 2.98 -12.72 -2.19
CA ASN A 97 4.32 -13.01 -2.69
C ASN A 97 5.31 -13.18 -1.55
N ALA A 98 5.16 -12.38 -0.50
CA ALA A 98 6.07 -12.40 0.64
C ALA A 98 5.94 -13.68 1.45
N ALA A 99 4.86 -14.42 1.22
CA ALA A 99 4.66 -15.68 1.91
C ALA A 99 5.62 -16.75 1.41
N LYS A 100 5.94 -16.70 0.12
CA LYS A 100 6.84 -17.67 -0.48
C LYS A 100 8.27 -17.14 -0.54
N LEU A 101 8.41 -15.83 -0.46
CA LEU A 101 9.72 -15.19 -0.45
C LEU A 101 10.27 -15.14 0.96
N GLU A 102 11.47 -15.67 1.13
CA GLU A 102 12.13 -15.66 2.44
C GLU A 102 13.58 -15.20 2.31
N HIS A 103 13.90 -14.61 1.18
CA HIS A 103 15.23 -14.05 0.94
C HIS A 103 15.12 -12.78 0.09
N HIS A 104 16.27 -12.17 -0.17
CA HIS A 104 16.33 -10.95 -0.97
C HIS A 104 15.78 -11.18 -2.37
N HIS A 105 16.27 -12.23 -3.03
CA HIS A 105 15.87 -12.58 -4.40
C HIS A 105 16.36 -11.52 -5.39
N HIS A 106 15.76 -10.33 -5.31
CA HIS A 106 16.12 -9.18 -6.13
C HIS A 106 15.18 -8.04 -5.77
N HIS A 107 14.18 -7.81 -6.63
CA HIS A 107 13.09 -6.86 -6.36
C HIS A 107 12.24 -6.70 -7.62
N HIS A 108 12.85 -6.13 -8.65
CA HIS A 108 12.20 -6.00 -9.95
C HIS A 108 13.25 -5.88 -11.03
N MET A 1 -13.07 -3.84 0.59
CA MET A 1 -12.40 -4.76 1.54
C MET A 1 -11.46 -5.69 0.80
N LEU A 2 -10.30 -5.93 1.38
CA LEU A 2 -9.31 -6.81 0.78
C LEU A 2 -9.41 -8.19 1.38
N VAL A 3 -10.01 -9.10 0.63
CA VAL A 3 -10.12 -10.48 1.04
C VAL A 3 -8.82 -11.21 0.77
N ILE A 4 -8.11 -11.58 1.82
CA ILE A 4 -6.85 -12.31 1.68
C ILE A 4 -7.10 -13.81 1.77
N SER A 5 -7.96 -14.18 2.69
CA SER A 5 -8.30 -15.58 2.90
C SER A 5 -9.75 -15.68 3.37
N ASN A 6 -10.20 -16.90 3.67
CA ASN A 6 -11.58 -17.14 4.08
C ASN A 6 -11.94 -16.33 5.32
N ASN A 7 -11.08 -16.39 6.34
CA ASN A 7 -11.36 -15.70 7.60
C ASN A 7 -10.39 -14.54 7.80
N VAL A 8 -9.77 -14.11 6.71
CA VAL A 8 -8.82 -13.01 6.77
C VAL A 8 -9.24 -11.92 5.80
N HIS A 9 -9.51 -10.75 6.35
CA HIS A 9 -10.02 -9.62 5.57
C HIS A 9 -9.35 -8.32 6.01
N LEU A 10 -9.09 -7.44 5.07
CA LEU A 10 -8.64 -6.10 5.39
C LEU A 10 -9.74 -5.10 5.08
N PRO A 11 -10.41 -4.61 6.12
CA PRO A 11 -11.46 -3.59 5.98
C PRO A 11 -10.90 -2.29 5.42
N ASP A 12 -11.67 -1.68 4.53
CA ASP A 12 -11.27 -0.44 3.86
C ASP A 12 -10.87 0.62 4.88
N ALA A 13 -11.61 0.66 5.97
CA ALA A 13 -11.38 1.65 7.03
C ALA A 13 -10.01 1.49 7.69
N GLU A 14 -9.45 0.29 7.68
CA GLU A 14 -8.17 0.05 8.33
C GLU A 14 -7.01 0.40 7.41
N ILE A 15 -7.33 0.85 6.22
CA ILE A 15 -6.35 1.31 5.27
C ILE A 15 -6.51 2.81 5.04
N GLU A 16 -5.47 3.57 5.38
CA GLU A 16 -5.53 5.01 5.27
C GLU A 16 -5.46 5.44 3.81
N LEU A 17 -6.60 5.82 3.26
CA LEU A 17 -6.69 6.24 1.87
C LEU A 17 -6.78 7.76 1.79
N THR A 18 -5.73 8.37 1.29
CA THR A 18 -5.67 9.82 1.15
C THR A 18 -5.51 10.21 -0.32
N ALA A 19 -5.87 11.43 -0.66
CA ALA A 19 -5.71 11.95 -2.00
C ALA A 19 -4.61 13.01 -2.02
N ILE A 20 -3.73 12.92 -2.99
CA ILE A 20 -2.66 13.89 -3.12
C ILE A 20 -2.93 14.83 -4.28
N ARG A 21 -3.44 16.00 -3.97
CA ARG A 21 -3.68 17.02 -4.98
C ARG A 21 -2.38 17.73 -5.31
N ALA A 22 -2.06 17.80 -6.59
CA ALA A 22 -0.84 18.46 -7.03
C ALA A 22 -1.15 19.87 -7.51
N GLN A 23 -0.65 20.86 -6.77
CA GLN A 23 -0.80 22.25 -7.17
C GLN A 23 0.12 22.55 -8.35
N GLY A 24 -0.42 23.20 -9.35
CA GLY A 24 0.34 23.48 -10.55
C GLY A 24 0.50 24.95 -10.79
N ALA A 25 -0.32 25.49 -11.70
CA ALA A 25 -0.28 26.91 -12.08
C ALA A 25 0.99 27.24 -12.84
N GLY A 26 0.84 27.43 -14.14
CA GLY A 26 1.98 27.69 -14.99
C GLY A 26 1.56 28.09 -16.39
N GLY A 27 2.31 27.66 -17.38
CA GLY A 27 1.99 27.99 -18.75
C GLY A 27 0.78 27.23 -19.25
N GLN A 28 0.72 25.95 -18.91
CA GLN A 28 -0.39 25.12 -19.32
C GLN A 28 -1.39 25.01 -18.17
N ASN A 29 -2.60 25.45 -18.46
CA ASN A 29 -3.68 25.47 -17.47
C ASN A 29 -3.89 24.08 -16.87
N VAL A 30 -4.19 24.06 -15.59
CA VAL A 30 -4.34 22.82 -14.86
C VAL A 30 -5.78 22.58 -14.43
N ASN A 31 -6.42 21.67 -15.13
CA ASN A 31 -7.78 21.24 -14.80
C ASN A 31 -7.73 19.81 -14.31
N LYS A 32 -6.52 19.38 -14.01
CA LYS A 32 -6.26 18.04 -13.58
C LYS A 32 -5.90 18.01 -12.10
N VAL A 33 -6.76 17.39 -11.31
CA VAL A 33 -6.65 17.41 -9.86
C VAL A 33 -5.69 16.31 -9.37
N SER A 34 -4.69 16.03 -10.21
CA SER A 34 -3.72 14.99 -9.95
C SER A 34 -4.36 13.60 -9.98
N SER A 35 -3.53 12.58 -10.04
CA SER A 35 -4.00 11.20 -10.05
C SER A 35 -3.37 10.43 -8.89
N ALA A 36 -2.73 11.18 -8.01
CA ALA A 36 -1.94 10.59 -6.94
C ALA A 36 -2.79 10.24 -5.73
N MET A 37 -2.85 8.96 -5.44
CA MET A 37 -3.48 8.45 -4.23
C MET A 37 -2.41 8.15 -3.19
N HIS A 38 -2.72 8.36 -1.93
CA HIS A 38 -1.80 8.09 -0.85
C HIS A 38 -2.36 6.98 0.02
N LEU A 39 -1.58 5.93 0.17
CA LEU A 39 -1.99 4.81 0.96
C LEU A 39 -1.04 4.58 2.12
N ARG A 40 -1.58 4.56 3.32
CA ARG A 40 -0.80 4.19 4.49
C ARG A 40 -1.41 2.95 5.14
N PHE A 41 -0.67 1.87 5.09
CA PHE A 41 -1.13 0.63 5.70
C PHE A 41 -0.24 0.26 6.89
N ASP A 42 -0.76 0.46 8.08
CA ASP A 42 -0.04 0.11 9.30
C ASP A 42 -0.14 -1.39 9.55
N ILE A 43 0.91 -2.10 9.19
CA ILE A 43 0.96 -3.55 9.41
C ILE A 43 0.85 -3.85 10.90
N ASN A 44 1.50 -3.01 11.70
CA ASN A 44 1.52 -3.16 13.14
C ASN A 44 0.10 -3.19 13.71
N ALA A 45 -0.69 -2.19 13.36
CA ALA A 45 -1.99 -1.98 14.00
C ALA A 45 -3.16 -2.48 13.14
N SER A 46 -2.89 -3.28 12.13
CA SER A 46 -3.96 -3.82 11.29
C SER A 46 -4.33 -5.23 11.76
N SER A 47 -5.52 -5.68 11.35
CA SER A 47 -6.03 -6.98 11.75
C SER A 47 -5.40 -8.12 10.94
N LEU A 48 -4.10 -8.03 10.71
CA LEU A 48 -3.36 -9.08 10.02
C LEU A 48 -2.91 -10.14 11.00
N PRO A 49 -2.82 -11.40 10.55
CA PRO A 49 -2.27 -12.49 11.35
C PRO A 49 -0.75 -12.33 11.54
N PRO A 50 -0.24 -12.66 12.73
CA PRO A 50 1.19 -12.51 13.08
C PRO A 50 2.13 -13.14 12.05
N PHE A 51 1.74 -14.30 11.52
CA PHE A 51 2.54 -15.01 10.54
C PHE A 51 2.91 -14.11 9.36
N TYR A 52 1.88 -13.46 8.79
CA TYR A 52 2.07 -12.62 7.64
C TYR A 52 2.79 -11.32 7.99
N LYS A 53 2.57 -10.84 9.21
CA LYS A 53 3.27 -9.65 9.68
C LYS A 53 4.77 -9.93 9.75
N GLU A 54 5.12 -11.13 10.22
CA GLU A 54 6.51 -11.56 10.31
C GLU A 54 7.20 -11.56 8.95
N ARG A 55 6.53 -12.13 7.94
CA ARG A 55 7.12 -12.23 6.61
C ARG A 55 7.32 -10.85 5.98
N LEU A 56 6.42 -9.93 6.27
CA LEU A 56 6.54 -8.55 5.80
C LEU A 56 7.75 -7.88 6.46
N LEU A 57 7.88 -8.06 7.75
CA LEU A 57 8.98 -7.53 8.52
C LEU A 57 10.29 -8.25 8.19
N ALA A 58 10.18 -9.42 7.59
CA ALA A 58 11.33 -10.21 7.20
C ALA A 58 11.78 -9.89 5.77
N LEU A 59 11.14 -8.90 5.15
CA LEU A 59 11.47 -8.52 3.82
C LEU A 59 12.65 -7.55 3.83
N ASN A 60 13.39 -7.54 2.75
CA ASN A 60 14.58 -6.69 2.63
C ASN A 60 14.22 -5.41 1.91
N ASP A 61 12.92 -5.15 1.82
CA ASP A 61 12.42 -4.02 1.04
C ASP A 61 12.47 -2.75 1.87
N SER A 62 12.96 -1.69 1.24
CA SER A 62 13.23 -0.45 1.95
C SER A 62 11.99 0.45 2.06
N ARG A 63 10.88 0.05 1.47
CA ARG A 63 9.65 0.84 1.60
C ARG A 63 8.93 0.41 2.86
N ILE A 64 9.34 -0.73 3.39
CA ILE A 64 8.83 -1.24 4.65
C ILE A 64 9.52 -0.55 5.81
N THR A 65 8.79 0.32 6.49
CA THR A 65 9.36 1.11 7.56
C THR A 65 9.55 0.27 8.82
N SER A 66 10.46 0.71 9.69
CA SER A 66 10.77 0.00 10.92
C SER A 66 9.55 -0.08 11.84
N ASP A 67 8.64 0.88 11.69
CA ASP A 67 7.41 0.91 12.48
C ASP A 67 6.44 -0.17 12.00
N GLY A 68 6.70 -0.72 10.82
CA GLY A 68 5.79 -1.68 10.25
C GLY A 68 4.65 -1.00 9.52
N VAL A 69 4.98 0.05 8.78
CA VAL A 69 3.97 0.80 8.04
C VAL A 69 4.33 0.85 6.56
N ILE A 70 3.37 0.56 5.70
CA ILE A 70 3.57 0.61 4.28
C ILE A 70 2.95 1.88 3.70
N VAL A 71 3.80 2.76 3.17
CA VAL A 71 3.33 4.00 2.58
C VAL A 71 3.50 3.95 1.06
N LEU A 72 2.44 4.20 0.34
CA LEU A 72 2.47 4.19 -1.12
C LEU A 72 1.96 5.50 -1.69
N LYS A 73 2.38 5.77 -2.90
CA LYS A 73 1.88 6.89 -3.67
C LYS A 73 1.48 6.38 -5.04
N ALA A 74 0.19 6.25 -5.25
CA ALA A 74 -0.32 5.73 -6.49
C ALA A 74 -0.49 6.87 -7.49
N GLN A 75 0.46 7.01 -8.37
CA GLN A 75 0.40 8.00 -9.43
C GLN A 75 1.08 7.45 -10.66
N GLN A 76 0.38 6.55 -11.34
CA GLN A 76 0.93 5.89 -12.51
C GLN A 76 -0.16 5.73 -13.56
N TYR A 77 -1.37 5.45 -13.11
CA TYR A 77 -2.52 5.34 -13.99
C TYR A 77 -3.08 6.73 -14.28
N ARG A 78 -3.91 6.80 -15.31
CA ARG A 78 -4.46 8.06 -15.77
C ARG A 78 -5.44 8.67 -14.75
N THR A 79 -6.26 7.84 -14.15
CA THR A 79 -7.27 8.32 -13.20
C THR A 79 -6.98 7.85 -11.78
N GLN A 80 -7.42 8.65 -10.81
CA GLN A 80 -7.24 8.32 -9.39
C GLN A 80 -7.96 7.01 -9.07
N GLU A 81 -9.11 6.82 -9.70
CA GLU A 81 -9.91 5.62 -9.51
C GLU A 81 -9.13 4.35 -9.85
N GLN A 82 -8.52 4.35 -11.03
CA GLN A 82 -7.75 3.19 -11.46
C GLN A 82 -6.51 3.00 -10.59
N ASN A 83 -5.90 4.11 -10.18
CA ASN A 83 -4.76 4.04 -9.27
C ASN A 83 -5.19 3.44 -7.93
N ARG A 84 -6.37 3.83 -7.46
CA ARG A 84 -6.89 3.35 -6.19
C ARG A 84 -7.09 1.84 -6.24
N ALA A 85 -7.72 1.37 -7.32
CA ALA A 85 -7.99 -0.05 -7.48
C ALA A 85 -6.70 -0.85 -7.63
N ASP A 86 -5.75 -0.30 -8.38
CA ASP A 86 -4.48 -0.96 -8.63
C ASP A 86 -3.70 -1.10 -7.33
N ALA A 87 -3.59 0.00 -6.60
CA ALA A 87 -2.84 0.03 -5.34
C ALA A 87 -3.40 -0.96 -4.34
N LEU A 88 -4.72 -1.05 -4.23
CA LEU A 88 -5.36 -1.97 -3.30
C LEU A 88 -5.06 -3.42 -3.67
N LEU A 89 -5.02 -3.69 -4.97
CA LEU A 89 -4.72 -5.03 -5.46
C LEU A 89 -3.25 -5.37 -5.20
N ARG A 90 -2.38 -4.39 -5.39
CA ARG A 90 -0.96 -4.57 -5.17
C ARG A 90 -0.65 -4.77 -3.69
N LEU A 91 -1.36 -4.03 -2.84
CA LEU A 91 -1.16 -4.10 -1.41
C LEU A 91 -1.44 -5.51 -0.88
N SER A 92 -2.60 -6.02 -1.24
CA SER A 92 -3.02 -7.34 -0.79
C SER A 92 -2.14 -8.44 -1.37
N GLU A 93 -1.82 -8.32 -2.65
CA GLU A 93 -0.96 -9.28 -3.33
C GLU A 93 0.42 -9.30 -2.69
N LEU A 94 0.94 -8.11 -2.36
CA LEU A 94 2.26 -7.97 -1.75
C LEU A 94 2.36 -8.77 -0.46
N ILE A 95 1.31 -8.70 0.36
CA ILE A 95 1.28 -9.40 1.63
C ILE A 95 1.42 -10.92 1.43
N VAL A 96 0.70 -11.44 0.45
CA VAL A 96 0.74 -12.87 0.16
C VAL A 96 2.06 -13.21 -0.55
N ASN A 97 2.54 -12.28 -1.35
CA ASN A 97 3.78 -12.44 -2.10
C ASN A 97 4.96 -12.55 -1.15
N ALA A 98 4.95 -11.71 -0.11
CA ALA A 98 6.02 -11.65 0.87
C ALA A 98 6.27 -13.00 1.53
N ALA A 99 5.20 -13.76 1.74
CA ALA A 99 5.32 -15.07 2.36
C ALA A 99 6.00 -16.07 1.43
N LYS A 100 6.01 -15.75 0.14
CA LYS A 100 6.61 -16.63 -0.86
C LYS A 100 8.05 -16.22 -1.14
N LEU A 101 8.40 -15.01 -0.73
CA LEU A 101 9.70 -14.44 -1.06
C LEU A 101 10.70 -14.62 0.08
N GLU A 102 11.85 -15.19 -0.24
CA GLU A 102 12.97 -15.15 0.70
C GLU A 102 14.19 -14.51 0.02
N HIS A 103 14.09 -13.21 -0.21
CA HIS A 103 15.20 -12.47 -0.81
C HIS A 103 16.14 -12.05 0.33
N HIS A 104 17.28 -12.72 0.41
CA HIS A 104 18.15 -12.63 1.58
C HIS A 104 18.63 -11.20 1.82
N HIS A 105 19.62 -10.74 1.05
CA HIS A 105 20.05 -9.35 1.17
C HIS A 105 20.98 -8.94 0.04
N HIS A 106 20.57 -7.90 -0.67
CA HIS A 106 21.41 -7.21 -1.65
C HIS A 106 21.14 -5.73 -1.53
N HIS A 107 20.81 -5.34 -0.31
CA HIS A 107 20.33 -4.00 -0.01
C HIS A 107 21.42 -2.96 -0.18
N HIS A 108 21.00 -1.74 -0.50
CA HIS A 108 21.89 -0.59 -0.56
C HIS A 108 22.44 -0.30 0.83
N MET A 1 -14.67 -4.67 3.37
CA MET A 1 -13.68 -5.61 3.94
C MET A 1 -12.84 -6.24 2.84
N LEU A 2 -11.53 -6.24 3.03
CA LEU A 2 -10.61 -6.85 2.07
C LEU A 2 -10.48 -8.33 2.39
N VAL A 3 -11.24 -9.13 1.70
CA VAL A 3 -11.17 -10.57 1.85
C VAL A 3 -9.95 -11.11 1.11
N ILE A 4 -8.96 -11.58 1.86
CA ILE A 4 -7.74 -12.09 1.26
C ILE A 4 -7.78 -13.61 1.19
N SER A 5 -8.28 -14.23 2.25
CA SER A 5 -8.34 -15.68 2.31
C SER A 5 -9.48 -16.11 3.23
N ASN A 6 -9.58 -17.41 3.46
CA ASN A 6 -10.66 -17.98 4.26
C ASN A 6 -10.57 -17.48 5.70
N ASN A 7 -9.37 -17.50 6.27
CA ASN A 7 -9.17 -17.04 7.64
C ASN A 7 -8.46 -15.70 7.68
N VAL A 8 -8.35 -15.04 6.55
CA VAL A 8 -7.68 -13.76 6.48
C VAL A 8 -8.60 -12.69 5.89
N HIS A 9 -8.90 -11.69 6.69
CA HIS A 9 -9.76 -10.59 6.28
C HIS A 9 -9.22 -9.29 6.85
N LEU A 10 -9.24 -8.23 6.06
CA LEU A 10 -8.80 -6.92 6.53
C LEU A 10 -9.93 -5.92 6.48
N PRO A 11 -10.25 -5.30 7.62
CA PRO A 11 -11.22 -4.22 7.68
C PRO A 11 -10.78 -3.02 6.85
N ASP A 12 -11.74 -2.40 6.18
CA ASP A 12 -11.48 -1.28 5.30
C ASP A 12 -10.76 -0.16 6.04
N ALA A 13 -11.19 0.05 7.27
CA ALA A 13 -10.66 1.10 8.13
C ALA A 13 -9.16 0.96 8.41
N GLU A 14 -8.61 -0.24 8.24
CA GLU A 14 -7.20 -0.48 8.55
C GLU A 14 -6.32 -0.08 7.37
N ILE A 15 -6.95 0.43 6.33
CA ILE A 15 -6.22 0.94 5.18
C ILE A 15 -6.51 2.43 5.01
N GLU A 16 -5.49 3.24 5.17
CA GLU A 16 -5.64 4.69 5.03
C GLU A 16 -5.62 5.05 3.56
N LEU A 17 -6.78 5.40 3.03
CA LEU A 17 -6.88 5.87 1.67
C LEU A 17 -6.85 7.40 1.67
N THR A 18 -5.76 7.95 1.20
CA THR A 18 -5.61 9.39 1.14
C THR A 18 -5.21 9.85 -0.26
N ALA A 19 -5.29 11.14 -0.50
CA ALA A 19 -4.91 11.68 -1.80
C ALA A 19 -3.80 12.71 -1.63
N ILE A 20 -2.92 12.79 -2.62
CA ILE A 20 -1.83 13.76 -2.61
C ILE A 20 -2.16 14.88 -3.60
N ARG A 21 -2.41 16.06 -3.08
CA ARG A 21 -2.81 17.19 -3.92
C ARG A 21 -1.59 18.06 -4.22
N ALA A 22 -1.39 18.33 -5.51
CA ALA A 22 -0.22 19.04 -5.99
C ALA A 22 -0.10 20.43 -5.37
N GLN A 23 1.12 20.80 -5.03
CA GLN A 23 1.41 22.10 -4.45
C GLN A 23 2.00 23.02 -5.52
N GLY A 24 2.38 24.22 -5.11
CA GLY A 24 3.00 25.15 -6.04
C GLY A 24 3.13 26.52 -5.43
N ALA A 25 3.03 27.54 -6.26
CA ALA A 25 3.12 28.93 -5.81
C ALA A 25 1.84 29.34 -5.12
N GLY A 26 1.84 29.27 -3.80
CA GLY A 26 0.69 29.66 -3.01
C GLY A 26 -0.37 28.58 -2.96
N GLY A 27 -0.73 28.06 -4.12
CA GLY A 27 -1.76 27.04 -4.19
C GLY A 27 -3.01 27.54 -4.86
N GLN A 28 -2.99 28.79 -5.30
CA GLN A 28 -4.15 29.40 -5.94
C GLN A 28 -4.12 29.14 -7.45
N ASN A 29 -3.15 28.35 -7.85
CA ASN A 29 -2.96 28.04 -9.26
C ASN A 29 -3.20 26.55 -9.52
N VAL A 30 -3.37 25.79 -8.45
CA VAL A 30 -3.59 24.36 -8.57
C VAL A 30 -4.94 23.96 -8.01
N ASN A 31 -5.99 24.27 -8.75
CA ASN A 31 -7.34 23.95 -8.35
C ASN A 31 -7.77 22.64 -9.03
N LYS A 32 -6.77 21.94 -9.51
CA LYS A 32 -6.96 20.65 -10.15
C LYS A 32 -6.55 19.54 -9.21
N VAL A 33 -7.32 18.47 -9.17
CA VAL A 33 -7.01 17.35 -8.30
C VAL A 33 -5.97 16.44 -8.97
N SER A 34 -5.01 15.98 -8.18
CA SER A 34 -3.95 15.14 -8.68
C SER A 34 -4.33 13.67 -8.55
N SER A 35 -3.74 12.84 -9.40
CA SER A 35 -4.06 11.42 -9.42
C SER A 35 -3.22 10.67 -8.40
N ALA A 36 -2.22 11.36 -7.86
CA ALA A 36 -1.34 10.79 -6.86
C ALA A 36 -2.11 10.43 -5.59
N MET A 37 -2.31 9.15 -5.37
CA MET A 37 -2.99 8.66 -4.19
C MET A 37 -1.97 8.26 -3.14
N HIS A 38 -2.35 8.44 -1.89
CA HIS A 38 -1.49 8.12 -0.77
C HIS A 38 -2.02 6.90 -0.06
N LEU A 39 -1.19 5.90 0.04
CA LEU A 39 -1.56 4.66 0.69
C LEU A 39 -0.77 4.50 1.97
N ARG A 40 -1.45 4.22 3.06
CA ARG A 40 -0.79 4.04 4.34
C ARG A 40 -1.39 2.84 5.06
N PHE A 41 -0.65 1.76 5.11
CA PHE A 41 -1.14 0.53 5.73
C PHE A 41 -0.29 0.20 6.95
N ASP A 42 -0.95 0.04 8.09
CA ASP A 42 -0.25 -0.28 9.32
C ASP A 42 -0.17 -1.79 9.49
N ILE A 43 1.01 -2.33 9.30
CA ILE A 43 1.23 -3.76 9.39
C ILE A 43 1.30 -4.19 10.85
N ASN A 44 1.66 -3.24 11.71
CA ASN A 44 1.87 -3.49 13.12
C ASN A 44 0.59 -3.92 13.82
N ALA A 45 -0.47 -3.14 13.65
CA ALA A 45 -1.69 -3.36 14.42
C ALA A 45 -2.87 -3.79 13.56
N SER A 46 -2.63 -4.16 12.32
CA SER A 46 -3.71 -4.60 11.44
C SER A 46 -4.18 -6.02 11.80
N SER A 47 -5.27 -6.46 11.17
CA SER A 47 -5.84 -7.77 11.46
C SER A 47 -5.08 -8.90 10.76
N LEU A 48 -3.87 -8.61 10.29
CA LEU A 48 -3.02 -9.61 9.66
C LEU A 48 -2.41 -10.53 10.71
N PRO A 49 -2.42 -11.84 10.45
CA PRO A 49 -1.79 -12.83 11.33
C PRO A 49 -0.29 -12.58 11.46
N PRO A 50 0.28 -12.89 12.64
CA PRO A 50 1.70 -12.67 12.93
C PRO A 50 2.63 -13.22 11.85
N PHE A 51 2.22 -14.33 11.22
CA PHE A 51 2.98 -14.93 10.14
C PHE A 51 3.23 -13.91 9.02
N TYR A 52 2.15 -13.28 8.56
CA TYR A 52 2.23 -12.30 7.49
C TYR A 52 2.96 -11.05 7.97
N LYS A 53 2.74 -10.68 9.24
CA LYS A 53 3.40 -9.52 9.82
C LYS A 53 4.91 -9.67 9.77
N GLU A 54 5.42 -10.81 10.26
CA GLU A 54 6.86 -11.06 10.29
C GLU A 54 7.50 -10.90 8.93
N ARG A 55 6.84 -11.39 7.90
CA ARG A 55 7.36 -11.32 6.54
C ARG A 55 7.64 -9.89 6.12
N LEU A 56 6.65 -9.03 6.30
CA LEU A 56 6.75 -7.62 5.90
C LEU A 56 7.64 -6.83 6.86
N LEU A 57 7.47 -7.08 8.15
CA LEU A 57 8.22 -6.38 9.17
C LEU A 57 9.71 -6.74 9.14
N ALA A 58 10.03 -7.89 8.57
CA ALA A 58 11.42 -8.29 8.43
C ALA A 58 11.91 -8.03 7.01
N LEU A 59 11.15 -7.24 6.26
CA LEU A 59 11.50 -6.92 4.90
C LEU A 59 12.42 -5.71 4.89
N ASN A 60 13.34 -5.72 3.96
CA ASN A 60 14.31 -4.66 3.87
C ASN A 60 13.81 -3.59 2.91
N ASP A 61 12.52 -3.66 2.62
CA ASP A 61 11.91 -2.75 1.67
C ASP A 61 11.84 -1.33 2.26
N SER A 62 12.27 -0.38 1.45
CA SER A 62 12.37 1.02 1.88
C SER A 62 10.99 1.62 2.23
N ARG A 63 9.92 0.98 1.76
CA ARG A 63 8.57 1.45 2.04
C ARG A 63 8.09 0.95 3.40
N ILE A 64 8.88 0.06 4.00
CA ILE A 64 8.58 -0.47 5.31
C ILE A 64 9.28 0.36 6.38
N THR A 65 8.51 0.94 7.28
CA THR A 65 9.08 1.74 8.36
C THR A 65 9.28 0.90 9.61
N SER A 66 10.13 1.37 10.52
CA SER A 66 10.40 0.65 11.76
C SER A 66 9.19 0.69 12.68
N ASP A 67 8.26 1.59 12.36
CA ASP A 67 7.03 1.75 13.14
C ASP A 67 6.05 0.64 12.78
N GLY A 68 6.33 -0.04 11.68
CA GLY A 68 5.45 -1.10 11.22
C GLY A 68 4.40 -0.60 10.26
N VAL A 69 4.72 0.46 9.55
CA VAL A 69 3.78 1.06 8.60
C VAL A 69 4.39 1.08 7.20
N ILE A 70 3.60 0.73 6.21
CA ILE A 70 4.04 0.85 4.82
C ILE A 70 3.30 1.99 4.14
N VAL A 71 4.07 2.87 3.52
CA VAL A 71 3.50 4.05 2.87
C VAL A 71 3.82 4.03 1.38
N LEU A 72 2.81 4.29 0.56
CA LEU A 72 2.97 4.26 -0.88
C LEU A 72 2.36 5.50 -1.51
N LYS A 73 2.80 5.80 -2.71
CA LYS A 73 2.29 6.92 -3.48
C LYS A 73 1.97 6.45 -4.88
N ALA A 74 0.69 6.36 -5.18
CA ALA A 74 0.22 5.87 -6.46
C ALA A 74 -0.04 7.03 -7.42
N GLN A 75 0.89 7.25 -8.34
CA GLN A 75 0.76 8.30 -9.33
C GLN A 75 1.04 7.73 -10.71
N GLN A 76 0.79 6.44 -10.83
CA GLN A 76 1.04 5.72 -12.07
C GLN A 76 0.07 6.14 -13.17
N TYR A 77 -1.21 6.12 -12.87
CA TYR A 77 -2.23 6.39 -13.84
C TYR A 77 -2.65 7.85 -13.84
N ARG A 78 -3.35 8.24 -14.90
CA ARG A 78 -3.83 9.60 -15.11
C ARG A 78 -4.93 9.96 -14.11
N THR A 79 -5.75 8.99 -13.78
CA THR A 79 -6.88 9.20 -12.88
C THR A 79 -6.61 8.61 -11.50
N GLN A 80 -7.40 9.03 -10.52
CA GLN A 80 -7.31 8.50 -9.17
C GLN A 80 -7.94 7.12 -9.11
N GLU A 81 -8.97 6.92 -9.92
CA GLU A 81 -9.74 5.67 -9.91
C GLU A 81 -8.85 4.47 -10.22
N GLN A 82 -8.09 4.57 -11.29
CA GLN A 82 -7.22 3.48 -11.71
C GLN A 82 -6.10 3.26 -10.71
N ASN A 83 -5.54 4.36 -10.18
CA ASN A 83 -4.51 4.26 -9.14
C ASN A 83 -5.07 3.59 -7.90
N ARG A 84 -6.33 3.88 -7.58
CA ARG A 84 -6.98 3.30 -6.42
C ARG A 84 -7.13 1.80 -6.59
N ALA A 85 -7.72 1.41 -7.71
CA ALA A 85 -8.00 0.00 -7.99
C ALA A 85 -6.71 -0.80 -8.15
N ASP A 86 -5.72 -0.20 -8.79
CA ASP A 86 -4.44 -0.87 -9.04
C ASP A 86 -3.69 -1.11 -7.73
N ALA A 87 -3.56 -0.03 -6.94
CA ALA A 87 -2.83 -0.09 -5.69
C ALA A 87 -3.42 -1.11 -4.73
N LEU A 88 -4.75 -1.16 -4.64
CA LEU A 88 -5.42 -2.10 -3.75
C LEU A 88 -5.13 -3.55 -4.16
N LEU A 89 -5.00 -3.77 -5.46
CA LEU A 89 -4.71 -5.10 -5.98
C LEU A 89 -3.26 -5.48 -5.65
N ARG A 90 -2.34 -4.55 -5.92
CA ARG A 90 -0.92 -4.77 -5.65
C ARG A 90 -0.66 -4.95 -4.16
N LEU A 91 -1.42 -4.22 -3.33
CA LEU A 91 -1.26 -4.28 -1.88
C LEU A 91 -1.65 -5.65 -1.36
N SER A 92 -2.83 -6.10 -1.75
CA SER A 92 -3.35 -7.39 -1.29
C SER A 92 -2.47 -8.53 -1.76
N GLU A 93 -2.02 -8.45 -3.01
CA GLU A 93 -1.13 -9.45 -3.56
C GLU A 93 0.19 -9.44 -2.81
N LEU A 94 0.70 -8.26 -2.48
CA LEU A 94 1.98 -8.11 -1.78
C LEU A 94 1.98 -8.90 -0.47
N ILE A 95 0.85 -8.90 0.22
CA ILE A 95 0.71 -9.63 1.47
C ILE A 95 0.92 -11.13 1.24
N VAL A 96 0.32 -11.65 0.18
CA VAL A 96 0.48 -13.04 -0.19
C VAL A 96 1.85 -13.27 -0.83
N ASN A 97 2.32 -12.27 -1.54
CA ASN A 97 3.62 -12.32 -2.20
C ASN A 97 4.73 -12.56 -1.19
N ALA A 98 4.56 -12.00 0.00
CA ALA A 98 5.52 -12.17 1.09
C ALA A 98 5.58 -13.63 1.53
N ALA A 99 4.50 -14.36 1.28
CA ALA A 99 4.44 -15.78 1.62
C ALA A 99 5.05 -16.63 0.51
N LYS A 100 5.33 -15.98 -0.62
CA LYS A 100 5.96 -16.65 -1.76
C LYS A 100 7.47 -16.66 -1.60
N LEU A 101 7.96 -15.76 -0.78
CA LEU A 101 9.38 -15.56 -0.57
C LEU A 101 9.96 -16.59 0.39
N GLU A 102 11.18 -16.34 0.85
CA GLU A 102 11.84 -17.23 1.79
C GLU A 102 11.30 -16.99 3.20
N HIS A 103 12.02 -17.49 4.19
CA HIS A 103 11.59 -17.44 5.59
C HIS A 103 11.24 -16.02 6.03
N HIS A 104 12.25 -15.28 6.50
CA HIS A 104 12.08 -13.87 6.90
C HIS A 104 13.32 -13.37 7.63
N HIS A 105 14.49 -13.80 7.19
CA HIS A 105 15.74 -13.38 7.80
C HIS A 105 16.75 -12.95 6.75
N HIS A 106 17.58 -11.98 7.12
CA HIS A 106 18.70 -11.52 6.29
C HIS A 106 19.44 -10.42 7.03
N HIS A 107 18.68 -9.64 7.79
CA HIS A 107 19.25 -8.61 8.66
C HIS A 107 18.61 -8.72 10.03
N HIS A 108 17.32 -9.04 10.04
CA HIS A 108 16.60 -9.23 11.28
C HIS A 108 15.94 -10.60 11.27
N MET A 1 -14.21 -3.69 3.25
CA MET A 1 -13.48 -4.80 3.89
C MET A 1 -12.84 -5.70 2.84
N LEU A 2 -11.54 -5.93 2.99
CA LEU A 2 -10.81 -6.77 2.07
C LEU A 2 -10.70 -8.19 2.64
N VAL A 3 -11.56 -9.06 2.14
CA VAL A 3 -11.53 -10.46 2.54
C VAL A 3 -10.44 -11.20 1.75
N ILE A 4 -9.38 -11.59 2.46
CA ILE A 4 -8.28 -12.32 1.83
C ILE A 4 -8.57 -13.81 1.86
N SER A 5 -9.09 -14.28 2.98
CA SER A 5 -9.41 -15.69 3.16
C SER A 5 -10.51 -15.81 4.21
N ASN A 6 -10.99 -17.03 4.43
CA ASN A 6 -12.08 -17.25 5.37
C ASN A 6 -11.67 -16.83 6.79
N ASN A 7 -10.40 -16.99 7.10
CA ASN A 7 -9.90 -16.66 8.43
C ASN A 7 -9.13 -15.35 8.45
N VAL A 8 -9.20 -14.60 7.34
CA VAL A 8 -8.46 -13.35 7.25
C VAL A 8 -9.33 -12.26 6.62
N HIS A 9 -9.57 -11.21 7.39
CA HIS A 9 -10.36 -10.08 6.91
C HIS A 9 -9.64 -8.77 7.22
N LEU A 10 -9.62 -7.86 6.27
CA LEU A 10 -9.04 -6.55 6.49
C LEU A 10 -10.14 -5.49 6.54
N PRO A 11 -10.45 -5.01 7.74
CA PRO A 11 -11.46 -3.95 7.93
C PRO A 11 -11.06 -2.63 7.27
N ASP A 12 -12.05 -1.96 6.71
CA ASP A 12 -11.87 -0.68 6.03
C ASP A 12 -11.11 0.31 6.90
N ALA A 13 -11.45 0.32 8.19
CA ALA A 13 -10.89 1.27 9.14
C ALA A 13 -9.39 1.08 9.32
N GLU A 14 -8.87 -0.10 9.01
CA GLU A 14 -7.46 -0.39 9.24
C GLU A 14 -6.62 -0.01 8.04
N ILE A 15 -7.27 0.57 7.04
CA ILE A 15 -6.59 1.04 5.84
C ILE A 15 -6.79 2.54 5.70
N GLU A 16 -5.70 3.28 5.65
CA GLU A 16 -5.75 4.74 5.58
C GLU A 16 -5.54 5.20 4.14
N LEU A 17 -6.61 5.70 3.52
CA LEU A 17 -6.56 6.16 2.14
C LEU A 17 -6.42 7.67 2.07
N THR A 18 -5.38 8.14 1.40
CA THR A 18 -5.17 9.56 1.20
C THR A 18 -5.01 9.85 -0.29
N ALA A 19 -5.26 11.08 -0.68
CA ALA A 19 -5.08 11.50 -2.07
C ALA A 19 -3.98 12.55 -2.14
N ILE A 20 -3.09 12.42 -3.11
CA ILE A 20 -1.98 13.35 -3.24
C ILE A 20 -2.29 14.39 -4.30
N ARG A 21 -2.63 15.59 -3.85
CA ARG A 21 -2.83 16.70 -4.75
C ARG A 21 -1.63 17.63 -4.70
N ALA A 22 -1.04 17.84 -5.84
CA ALA A 22 0.19 18.63 -5.93
C ALA A 22 -0.12 20.11 -6.03
N GLN A 23 0.73 20.91 -5.43
CA GLN A 23 0.58 22.35 -5.48
C GLN A 23 1.56 22.96 -6.48
N GLY A 24 1.21 24.12 -7.00
CA GLY A 24 2.02 24.75 -8.02
C GLY A 24 3.29 25.34 -7.45
N ALA A 25 3.13 26.36 -6.61
CA ALA A 25 4.25 27.09 -6.00
C ALA A 25 5.05 27.83 -7.07
N GLY A 26 6.03 28.63 -6.64
CA GLY A 26 6.83 29.40 -7.57
C GLY A 26 5.99 30.39 -8.36
N GLY A 27 5.96 30.20 -9.68
CA GLY A 27 5.18 31.06 -10.54
C GLY A 27 3.93 30.36 -11.06
N GLN A 28 3.35 29.52 -10.19
CA GLN A 28 2.13 28.76 -10.51
C GLN A 28 2.43 27.64 -11.48
N ASN A 29 2.04 26.43 -11.12
CA ASN A 29 2.16 25.29 -12.01
C ASN A 29 1.20 24.20 -11.56
N VAL A 30 -0.01 24.28 -12.08
CA VAL A 30 -1.04 23.33 -11.72
C VAL A 30 -1.68 22.73 -12.97
N ASN A 31 -1.46 21.45 -13.15
CA ASN A 31 -1.98 20.71 -14.30
C ASN A 31 -3.23 19.95 -13.89
N LYS A 32 -4.11 20.65 -13.18
CA LYS A 32 -5.35 20.10 -12.65
C LYS A 32 -5.07 19.14 -11.49
N VAL A 33 -6.11 18.72 -10.79
CA VAL A 33 -5.98 17.80 -9.67
C VAL A 33 -5.12 16.58 -10.05
N SER A 34 -4.17 16.25 -9.18
CA SER A 34 -3.24 15.18 -9.42
C SER A 34 -3.92 13.82 -9.30
N SER A 35 -3.35 12.82 -9.97
CA SER A 35 -3.93 11.49 -9.99
C SER A 35 -3.19 10.53 -9.07
N ALA A 36 -2.33 11.08 -8.22
CA ALA A 36 -1.53 10.27 -7.32
C ALA A 36 -2.25 10.05 -6.01
N MET A 37 -2.37 8.79 -5.62
CA MET A 37 -3.00 8.44 -4.37
C MET A 37 -1.96 7.98 -3.36
N HIS A 38 -2.27 8.18 -2.08
CA HIS A 38 -1.36 7.86 -1.00
C HIS A 38 -1.99 6.84 -0.08
N LEU A 39 -1.32 5.73 0.09
CA LEU A 39 -1.85 4.65 0.90
C LEU A 39 -1.00 4.44 2.14
N ARG A 40 -1.67 4.33 3.27
CA ARG A 40 -1.03 3.98 4.52
C ARG A 40 -1.67 2.73 5.08
N PHE A 41 -0.94 1.62 5.06
CA PHE A 41 -1.44 0.38 5.61
C PHE A 41 -0.68 0.06 6.89
N ASP A 42 -1.37 0.18 8.01
CA ASP A 42 -0.76 -0.10 9.30
C ASP A 42 -0.69 -1.60 9.53
N ILE A 43 0.39 -2.21 9.06
CA ILE A 43 0.60 -3.64 9.21
C ILE A 43 0.54 -4.03 10.68
N ASN A 44 1.15 -3.18 11.52
CA ASN A 44 1.15 -3.37 12.96
C ASN A 44 -0.27 -3.48 13.51
N ALA A 45 -1.10 -2.50 13.17
CA ALA A 45 -2.43 -2.39 13.76
C ALA A 45 -3.45 -3.30 13.06
N SER A 46 -3.16 -3.68 11.82
CA SER A 46 -4.10 -4.47 11.02
C SER A 46 -4.43 -5.80 11.69
N SER A 47 -5.55 -6.40 11.28
CA SER A 47 -6.01 -7.67 11.80
C SER A 47 -5.29 -8.85 11.14
N LEU A 48 -4.19 -8.57 10.45
CA LEU A 48 -3.39 -9.61 9.80
C LEU A 48 -2.81 -10.58 10.83
N PRO A 49 -2.77 -11.88 10.48
CA PRO A 49 -2.13 -12.90 11.31
C PRO A 49 -0.62 -12.65 11.45
N PRO A 50 -0.04 -13.07 12.59
CA PRO A 50 1.38 -12.87 12.89
C PRO A 50 2.32 -13.35 11.78
N PHE A 51 1.97 -14.50 11.19
CA PHE A 51 2.76 -15.07 10.10
C PHE A 51 2.98 -14.06 8.98
N TYR A 52 1.91 -13.39 8.60
CA TYR A 52 1.96 -12.41 7.53
C TYR A 52 2.71 -11.17 7.98
N LYS A 53 2.42 -10.70 9.20
CA LYS A 53 3.04 -9.49 9.73
C LYS A 53 4.56 -9.63 9.80
N GLU A 54 5.03 -10.68 10.45
CA GLU A 54 6.45 -10.86 10.72
C GLU A 54 7.31 -10.81 9.46
N ARG A 55 6.87 -11.47 8.41
CA ARG A 55 7.63 -11.52 7.17
C ARG A 55 7.63 -10.18 6.46
N LEU A 56 6.55 -9.43 6.58
CA LEU A 56 6.47 -8.09 6.02
C LEU A 56 7.32 -7.11 6.81
N LEU A 57 7.21 -7.20 8.13
CA LEU A 57 7.96 -6.35 9.04
C LEU A 57 9.46 -6.53 8.84
N ALA A 58 9.87 -7.78 8.64
CA ALA A 58 11.28 -8.10 8.45
C ALA A 58 11.61 -8.24 6.97
N LEU A 59 10.91 -7.49 6.12
CA LEU A 59 11.16 -7.54 4.69
C LEU A 59 12.33 -6.62 4.32
N ASN A 60 12.90 -6.85 3.15
CA ASN A 60 14.04 -6.06 2.70
C ASN A 60 13.57 -4.78 2.03
N ASP A 61 12.28 -4.55 2.07
CA ASP A 61 11.69 -3.42 1.38
C ASP A 61 11.78 -2.17 2.25
N SER A 62 12.51 -1.18 1.75
CA SER A 62 12.78 0.03 2.53
C SER A 62 11.57 0.97 2.57
N ARG A 63 10.48 0.57 1.94
CA ARG A 63 9.24 1.35 1.99
C ARG A 63 8.37 0.85 3.14
N ILE A 64 8.81 -0.23 3.75
CA ILE A 64 8.16 -0.76 4.95
C ILE A 64 8.94 -0.28 6.18
N THR A 65 8.29 0.53 7.00
CA THR A 65 8.94 1.12 8.15
C THR A 65 9.07 0.11 9.29
N SER A 66 10.07 0.33 10.16
CA SER A 66 10.33 -0.58 11.26
C SER A 66 9.28 -0.42 12.37
N ASP A 67 8.33 0.48 12.17
CA ASP A 67 7.22 0.64 13.10
C ASP A 67 6.03 -0.20 12.67
N GLY A 68 6.14 -0.83 11.50
CA GLY A 68 5.10 -1.72 11.03
C GLY A 68 4.07 -1.03 10.18
N VAL A 69 4.51 -0.05 9.40
CA VAL A 69 3.62 0.68 8.50
C VAL A 69 4.21 0.73 7.10
N ILE A 70 3.40 0.41 6.11
CA ILE A 70 3.85 0.50 4.73
C ILE A 70 3.23 1.72 4.06
N VAL A 71 4.08 2.53 3.43
CA VAL A 71 3.63 3.74 2.78
C VAL A 71 3.94 3.68 1.29
N LEU A 72 2.95 4.01 0.47
CA LEU A 72 3.14 3.99 -0.97
C LEU A 72 2.44 5.14 -1.65
N LYS A 73 2.90 5.43 -2.86
CA LYS A 73 2.36 6.51 -3.66
C LYS A 73 1.99 5.99 -5.03
N ALA A 74 0.71 5.84 -5.25
CA ALA A 74 0.18 5.27 -6.47
C ALA A 74 -0.07 6.34 -7.52
N GLN A 75 0.84 6.43 -8.47
CA GLN A 75 0.70 7.34 -9.60
C GLN A 75 1.01 6.63 -10.90
N GLN A 76 0.84 5.31 -10.91
CA GLN A 76 1.16 4.49 -12.05
C GLN A 76 0.17 4.67 -13.19
N TYR A 77 -1.12 4.72 -12.86
CA TYR A 77 -2.14 4.89 -13.87
C TYR A 77 -2.48 6.36 -14.05
N ARG A 78 -3.31 6.66 -15.02
CA ARG A 78 -3.58 8.04 -15.42
C ARG A 78 -4.48 8.78 -14.44
N THR A 79 -5.39 8.08 -13.79
CA THR A 79 -6.35 8.73 -12.88
C THR A 79 -6.32 8.13 -11.48
N GLN A 80 -6.90 8.86 -10.53
CA GLN A 80 -6.94 8.46 -9.12
C GLN A 80 -7.74 7.18 -8.93
N GLU A 81 -8.98 7.19 -9.38
CA GLU A 81 -9.90 6.07 -9.16
C GLU A 81 -9.33 4.77 -9.69
N GLN A 82 -8.58 4.84 -10.78
CA GLN A 82 -7.94 3.66 -11.33
C GLN A 82 -6.73 3.24 -10.50
N ASN A 83 -5.96 4.22 -10.05
CA ASN A 83 -4.84 3.97 -9.14
C ASN A 83 -5.34 3.37 -7.84
N ARG A 84 -6.56 3.74 -7.46
CA ARG A 84 -7.22 3.20 -6.27
C ARG A 84 -7.30 1.67 -6.36
N ALA A 85 -7.90 1.19 -7.45
CA ALA A 85 -8.07 -0.23 -7.67
C ALA A 85 -6.72 -0.91 -7.95
N ASP A 86 -5.85 -0.17 -8.63
CA ASP A 86 -4.52 -0.68 -8.96
C ASP A 86 -3.70 -0.91 -7.70
N ALA A 87 -3.61 0.12 -6.87
CA ALA A 87 -2.85 0.06 -5.64
C ALA A 87 -3.33 -1.07 -4.73
N LEU A 88 -4.63 -1.21 -4.59
CA LEU A 88 -5.21 -2.26 -3.76
C LEU A 88 -4.84 -3.65 -4.30
N LEU A 89 -4.79 -3.77 -5.62
CA LEU A 89 -4.44 -5.03 -6.25
C LEU A 89 -2.97 -5.34 -6.05
N ARG A 90 -2.13 -4.33 -6.24
CA ARG A 90 -0.69 -4.51 -6.06
C ARG A 90 -0.32 -4.70 -4.59
N LEU A 91 -1.11 -4.10 -3.70
CA LEU A 91 -0.89 -4.23 -2.27
C LEU A 91 -1.16 -5.65 -1.80
N SER A 92 -2.33 -6.16 -2.15
CA SER A 92 -2.73 -7.50 -1.78
C SER A 92 -1.77 -8.54 -2.34
N GLU A 93 -1.39 -8.35 -3.61
CA GLU A 93 -0.41 -9.20 -4.26
C GLU A 93 0.93 -9.15 -3.53
N LEU A 94 1.32 -7.97 -3.08
CA LEU A 94 2.60 -7.79 -2.40
C LEU A 94 2.65 -8.66 -1.15
N ILE A 95 1.58 -8.63 -0.37
CA ILE A 95 1.51 -9.42 0.86
C ILE A 95 1.64 -10.91 0.57
N VAL A 96 0.90 -11.38 -0.43
CA VAL A 96 0.89 -12.80 -0.76
C VAL A 96 2.19 -13.22 -1.43
N ASN A 97 2.76 -12.34 -2.24
CA ASN A 97 4.02 -12.60 -2.92
C ASN A 97 5.17 -12.65 -1.94
N ALA A 98 5.09 -11.83 -0.89
CA ALA A 98 6.12 -11.78 0.14
C ALA A 98 6.18 -13.10 0.92
N ALA A 99 5.07 -13.82 0.92
CA ALA A 99 4.99 -15.09 1.62
C ALA A 99 5.87 -16.14 0.96
N LYS A 100 6.14 -15.96 -0.34
CA LYS A 100 6.97 -16.91 -1.07
C LYS A 100 8.46 -16.63 -0.84
N LEU A 101 8.76 -15.49 -0.24
CA LEU A 101 10.13 -15.08 -0.05
C LEU A 101 10.75 -15.76 1.18
N GLU A 102 11.57 -16.77 0.93
CA GLU A 102 12.31 -17.43 1.99
C GLU A 102 13.72 -16.84 2.11
N HIS A 103 14.28 -16.49 0.96
CA HIS A 103 15.62 -15.89 0.90
C HIS A 103 15.63 -14.49 1.53
N HIS A 104 15.94 -14.45 2.81
CA HIS A 104 15.94 -13.20 3.55
C HIS A 104 17.35 -12.78 3.94
N HIS A 105 17.87 -11.81 3.21
CA HIS A 105 19.12 -11.12 3.53
C HIS A 105 19.03 -9.73 2.93
N HIS A 106 20.09 -8.94 3.03
CA HIS A 106 20.10 -7.66 2.34
C HIS A 106 20.54 -7.86 0.91
N HIS A 107 19.55 -8.09 0.05
CA HIS A 107 19.78 -8.43 -1.35
C HIS A 107 20.29 -7.22 -2.11
N HIS A 108 19.88 -6.04 -1.67
CA HIS A 108 20.34 -4.77 -2.23
C HIS A 108 19.80 -3.64 -1.38
N MET A 1 -14.23 -4.87 2.54
CA MET A 1 -13.25 -5.65 3.32
C MET A 1 -12.43 -6.53 2.39
N LEU A 2 -11.12 -6.50 2.57
CA LEU A 2 -10.21 -7.28 1.75
C LEU A 2 -10.10 -8.68 2.30
N VAL A 3 -10.83 -9.58 1.69
CA VAL A 3 -10.79 -10.98 2.08
C VAL A 3 -9.64 -11.69 1.36
N ILE A 4 -8.62 -12.05 2.14
CA ILE A 4 -7.45 -12.71 1.57
C ILE A 4 -7.64 -14.22 1.62
N SER A 5 -8.19 -14.70 2.72
CA SER A 5 -8.43 -16.11 2.91
C SER A 5 -9.59 -16.27 3.88
N ASN A 6 -9.89 -17.51 4.25
CA ASN A 6 -11.06 -17.79 5.08
C ASN A 6 -10.90 -17.22 6.47
N ASN A 7 -9.72 -17.37 7.04
CA ASN A 7 -9.47 -16.93 8.41
C ASN A 7 -8.73 -15.59 8.42
N VAL A 8 -8.60 -14.96 7.25
CA VAL A 8 -7.88 -13.71 7.13
C VAL A 8 -8.74 -12.67 6.41
N HIS A 9 -9.03 -11.59 7.11
CA HIS A 9 -9.83 -10.50 6.56
C HIS A 9 -9.19 -9.16 6.93
N LEU A 10 -9.19 -8.22 5.99
CA LEU A 10 -8.67 -6.88 6.26
C LEU A 10 -9.77 -5.83 6.11
N PRO A 11 -10.09 -5.15 7.22
CA PRO A 11 -11.09 -4.08 7.23
C PRO A 11 -10.66 -2.88 6.39
N ASP A 12 -11.63 -2.23 5.75
CA ASP A 12 -11.37 -1.06 4.92
C ASP A 12 -10.71 0.05 5.72
N ALA A 13 -11.16 0.18 6.97
CA ALA A 13 -10.66 1.22 7.87
C ALA A 13 -9.15 1.14 8.09
N GLU A 14 -8.58 -0.05 7.98
CA GLU A 14 -7.15 -0.23 8.26
C GLU A 14 -6.31 0.13 7.05
N ILE A 15 -6.97 0.47 5.96
CA ILE A 15 -6.28 0.86 4.73
C ILE A 15 -6.61 2.31 4.39
N GLU A 16 -5.60 3.16 4.41
CA GLU A 16 -5.78 4.58 4.13
C GLU A 16 -5.77 4.83 2.63
N LEU A 17 -6.89 5.27 2.11
CA LEU A 17 -6.93 5.79 0.75
C LEU A 17 -7.13 7.29 0.77
N THR A 18 -6.07 8.02 0.43
CA THR A 18 -6.15 9.47 0.40
C THR A 18 -5.69 10.02 -0.94
N ALA A 19 -6.15 11.22 -1.27
CA ALA A 19 -5.74 11.90 -2.50
C ALA A 19 -4.85 13.08 -2.17
N ILE A 20 -3.77 13.24 -2.91
CA ILE A 20 -2.84 14.33 -2.68
C ILE A 20 -2.96 15.38 -3.77
N ARG A 21 -3.43 16.55 -3.41
CA ARG A 21 -3.53 17.66 -4.35
C ARG A 21 -2.20 18.39 -4.40
N ALA A 22 -1.63 18.49 -5.60
CA ALA A 22 -0.31 19.05 -5.78
C ALA A 22 -0.40 20.52 -6.20
N GLN A 23 0.74 21.09 -6.58
CA GLN A 23 0.78 22.49 -6.98
C GLN A 23 0.10 22.67 -8.33
N GLY A 24 -0.70 23.72 -8.42
CA GLY A 24 -1.44 24.01 -9.63
C GLY A 24 -2.68 24.81 -9.31
N ALA A 25 -3.76 24.53 -10.02
CA ALA A 25 -5.05 25.17 -9.80
C ALA A 25 -4.92 26.69 -9.92
N GLY A 26 -4.18 27.14 -10.92
CA GLY A 26 -4.01 28.56 -11.15
C GLY A 26 -5.15 29.14 -11.98
N GLY A 27 -4.87 30.20 -12.73
CA GLY A 27 -5.87 30.77 -13.60
C GLY A 27 -6.38 29.76 -14.60
N GLN A 28 -5.45 29.19 -15.36
CA GLN A 28 -5.78 28.10 -16.26
C GLN A 28 -4.70 27.02 -16.15
N ASN A 29 -3.88 27.16 -15.13
CA ASN A 29 -2.76 26.25 -14.91
C ASN A 29 -3.21 25.02 -14.15
N VAL A 30 -3.42 23.93 -14.89
CA VAL A 30 -3.89 22.66 -14.33
C VAL A 30 -5.29 22.80 -13.76
N ASN A 31 -6.26 22.32 -14.52
CA ASN A 31 -7.67 22.49 -14.16
C ASN A 31 -8.23 21.22 -13.54
N LYS A 32 -7.33 20.33 -13.16
CA LYS A 32 -7.72 19.05 -12.60
C LYS A 32 -6.86 18.71 -11.39
N VAL A 33 -7.44 18.03 -10.43
CA VAL A 33 -6.72 17.57 -9.25
C VAL A 33 -5.71 16.51 -9.65
N SER A 34 -4.54 16.57 -9.02
CA SER A 34 -3.48 15.61 -9.27
C SER A 34 -3.95 14.19 -8.99
N SER A 35 -3.59 13.26 -9.86
CA SER A 35 -4.04 11.87 -9.73
C SER A 35 -3.20 11.10 -8.72
N ALA A 36 -2.54 11.82 -7.83
CA ALA A 36 -1.66 11.22 -6.85
C ALA A 36 -2.45 10.73 -5.63
N MET A 37 -2.52 9.43 -5.48
CA MET A 37 -3.16 8.82 -4.32
C MET A 37 -2.11 8.44 -3.29
N HIS A 38 -2.50 8.46 -2.04
CA HIS A 38 -1.62 8.09 -0.94
C HIS A 38 -2.22 6.95 -0.16
N LEU A 39 -1.42 5.97 0.17
CA LEU A 39 -1.88 4.82 0.91
C LEU A 39 -1.07 4.65 2.19
N ARG A 40 -1.74 4.22 3.25
CA ARG A 40 -1.09 3.96 4.52
C ARG A 40 -1.61 2.65 5.09
N PHE A 41 -0.68 1.77 5.45
CA PHE A 41 -1.04 0.49 6.03
C PHE A 41 -0.02 0.08 7.08
N ASP A 42 -0.38 0.26 8.35
CA ASP A 42 0.47 -0.16 9.46
C ASP A 42 0.41 -1.67 9.62
N ILE A 43 1.46 -2.35 9.17
CA ILE A 43 1.53 -3.81 9.27
C ILE A 43 1.45 -4.23 10.73
N ASN A 44 2.19 -3.53 11.57
CA ASN A 44 2.26 -3.84 12.99
C ASN A 44 0.87 -3.79 13.64
N ALA A 45 0.12 -2.74 13.31
CA ALA A 45 -1.14 -2.47 14.01
C ALA A 45 -2.37 -2.94 13.23
N SER A 46 -2.17 -3.73 12.19
CA SER A 46 -3.30 -4.23 11.41
C SER A 46 -3.78 -5.59 11.93
N SER A 47 -4.86 -6.10 11.36
CA SER A 47 -5.46 -7.35 11.80
C SER A 47 -4.79 -8.57 11.14
N LEU A 48 -3.61 -8.37 10.57
CA LEU A 48 -2.87 -9.46 9.95
C LEU A 48 -2.37 -10.45 11.01
N PRO A 49 -2.37 -11.75 10.67
CA PRO A 49 -1.82 -12.79 11.55
C PRO A 49 -0.32 -12.63 11.78
N PRO A 50 0.17 -13.01 12.98
CA PRO A 50 1.58 -12.83 13.37
C PRO A 50 2.59 -13.39 12.37
N PHE A 51 2.28 -14.54 11.78
CA PHE A 51 3.20 -15.17 10.83
C PHE A 51 3.48 -14.25 9.65
N TYR A 52 2.42 -13.64 9.13
CA TYR A 52 2.54 -12.70 8.02
C TYR A 52 3.40 -11.52 8.42
N LYS A 53 3.13 -10.98 9.61
CA LYS A 53 3.86 -9.83 10.12
C LYS A 53 5.33 -10.16 10.34
N GLU A 54 5.60 -11.38 10.79
CA GLU A 54 6.98 -11.82 11.07
C GLU A 54 7.85 -11.72 9.83
N ARG A 55 7.40 -12.38 8.77
CA ARG A 55 8.15 -12.40 7.52
C ARG A 55 8.36 -10.99 6.98
N LEU A 56 7.38 -10.12 7.20
CA LEU A 56 7.46 -8.73 6.78
C LEU A 56 8.43 -7.93 7.65
N LEU A 57 8.31 -8.10 8.97
CA LEU A 57 9.14 -7.40 9.93
C LEU A 57 10.61 -7.77 9.79
N ALA A 58 10.87 -8.93 9.21
CA ALA A 58 12.23 -9.40 9.01
C ALA A 58 12.53 -9.59 7.52
N LEU A 59 11.88 -8.78 6.68
CA LEU A 59 12.09 -8.84 5.25
C LEU A 59 13.20 -7.88 4.85
N ASN A 60 13.83 -8.17 3.72
CA ASN A 60 14.95 -7.36 3.22
C ASN A 60 14.43 -6.18 2.40
N ASP A 61 13.15 -5.92 2.51
CA ASP A 61 12.51 -4.89 1.72
C ASP A 61 12.67 -3.53 2.39
N SER A 62 12.90 -2.51 1.58
CA SER A 62 13.14 -1.16 2.08
C SER A 62 11.90 -0.29 1.98
N ARG A 63 10.80 -0.83 1.46
CA ARG A 63 9.54 -0.10 1.46
C ARG A 63 8.94 -0.25 2.85
N ILE A 64 9.13 -1.44 3.40
CA ILE A 64 8.78 -1.74 4.77
C ILE A 64 9.62 -0.89 5.73
N THR A 65 8.96 0.02 6.43
CA THR A 65 9.64 0.88 7.37
C THR A 65 9.98 0.13 8.66
N SER A 66 10.89 0.70 9.45
CA SER A 66 11.37 0.08 10.67
C SER A 66 10.23 -0.10 11.69
N ASP A 67 9.22 0.75 11.59
CA ASP A 67 8.08 0.69 12.49
C ASP A 67 7.14 -0.46 12.11
N GLY A 68 7.34 -0.99 10.91
CA GLY A 68 6.45 -2.02 10.39
C GLY A 68 5.26 -1.40 9.69
N VAL A 69 5.52 -0.43 8.84
CA VAL A 69 4.47 0.31 8.16
C VAL A 69 4.71 0.35 6.65
N ILE A 70 3.63 0.20 5.88
CA ILE A 70 3.69 0.33 4.43
C ILE A 70 3.05 1.66 4.02
N VAL A 71 3.78 2.43 3.23
CA VAL A 71 3.28 3.71 2.73
C VAL A 71 3.42 3.76 1.21
N LEU A 72 2.36 4.16 0.52
CA LEU A 72 2.39 4.21 -0.93
C LEU A 72 1.89 5.55 -1.45
N LYS A 73 2.24 5.83 -2.70
CA LYS A 73 1.75 7.00 -3.40
C LYS A 73 1.75 6.72 -4.90
N ALA A 74 0.56 6.71 -5.48
CA ALA A 74 0.39 6.34 -6.88
C ALA A 74 -0.08 7.53 -7.70
N GLN A 75 0.71 7.87 -8.70
CA GLN A 75 0.40 9.01 -9.58
C GLN A 75 0.56 8.63 -11.04
N GLN A 76 0.54 7.33 -11.32
CA GLN A 76 0.86 6.81 -12.63
C GLN A 76 -0.22 7.18 -13.66
N TYR A 77 -1.44 6.76 -13.40
CA TYR A 77 -2.53 6.95 -14.35
C TYR A 77 -3.11 8.36 -14.26
N ARG A 78 -3.97 8.69 -15.23
CA ARG A 78 -4.54 10.03 -15.35
C ARG A 78 -5.65 10.28 -14.33
N THR A 79 -6.14 9.20 -13.73
CA THR A 79 -7.22 9.30 -12.77
C THR A 79 -6.77 8.81 -11.40
N GLN A 80 -7.35 9.38 -10.35
CA GLN A 80 -7.10 8.92 -8.99
C GLN A 80 -7.76 7.56 -8.81
N GLU A 81 -8.88 7.37 -9.51
CA GLU A 81 -9.66 6.15 -9.42
C GLU A 81 -8.87 4.93 -9.90
N GLN A 82 -8.28 5.02 -11.10
CA GLN A 82 -7.54 3.90 -11.66
C GLN A 82 -6.27 3.64 -10.86
N ASN A 83 -5.65 4.71 -10.35
CA ASN A 83 -4.50 4.56 -9.46
C ASN A 83 -4.91 3.90 -8.16
N ARG A 84 -6.09 4.25 -7.68
CA ARG A 84 -6.65 3.68 -6.46
C ARG A 84 -6.92 2.18 -6.64
N ALA A 85 -7.64 1.87 -7.70
CA ALA A 85 -8.00 0.48 -8.02
C ALA A 85 -6.75 -0.39 -8.20
N ASP A 86 -5.77 0.14 -8.93
CA ASP A 86 -4.52 -0.59 -9.16
C ASP A 86 -3.80 -0.82 -7.86
N ALA A 87 -3.68 0.24 -7.07
CA ALA A 87 -2.99 0.18 -5.78
C ALA A 87 -3.61 -0.86 -4.85
N LEU A 88 -4.94 -0.95 -4.84
CA LEU A 88 -5.63 -1.91 -3.99
C LEU A 88 -5.28 -3.34 -4.40
N LEU A 89 -5.31 -3.59 -5.70
CA LEU A 89 -4.96 -4.90 -6.24
C LEU A 89 -3.48 -5.18 -6.01
N ARG A 90 -2.67 -4.16 -6.26
CA ARG A 90 -1.23 -4.22 -6.09
C ARG A 90 -0.86 -4.53 -4.64
N LEU A 91 -1.58 -3.91 -3.71
CA LEU A 91 -1.33 -4.09 -2.29
C LEU A 91 -1.66 -5.51 -1.85
N SER A 92 -2.86 -5.94 -2.19
CA SER A 92 -3.31 -7.29 -1.84
C SER A 92 -2.42 -8.35 -2.47
N GLU A 93 -2.05 -8.11 -3.72
CA GLU A 93 -1.11 -8.97 -4.43
C GLU A 93 0.22 -9.04 -3.67
N LEU A 94 0.69 -7.88 -3.24
CA LEU A 94 1.94 -7.79 -2.50
C LEU A 94 1.85 -8.57 -1.19
N ILE A 95 0.71 -8.48 -0.52
CA ILE A 95 0.48 -9.21 0.72
C ILE A 95 0.65 -10.70 0.52
N VAL A 96 0.06 -11.22 -0.56
CA VAL A 96 0.18 -12.63 -0.90
C VAL A 96 1.63 -12.98 -1.21
N ASN A 97 2.29 -12.12 -1.99
CA ASN A 97 3.68 -12.31 -2.35
C ASN A 97 4.58 -12.32 -1.11
N ALA A 98 4.26 -11.48 -0.15
CA ALA A 98 5.04 -11.33 1.06
C ALA A 98 5.09 -12.63 1.86
N ALA A 99 3.99 -13.38 1.81
CA ALA A 99 3.91 -14.65 2.53
C ALA A 99 4.72 -15.73 1.80
N LYS A 100 5.07 -15.46 0.56
CA LYS A 100 5.82 -16.40 -0.25
C LYS A 100 7.31 -16.11 -0.19
N LEU A 101 7.63 -14.85 0.07
CA LEU A 101 8.99 -14.38 0.03
C LEU A 101 9.65 -14.40 1.40
N GLU A 102 10.97 -14.23 1.40
CA GLU A 102 11.78 -14.12 2.61
C GLU A 102 11.74 -15.39 3.45
N HIS A 103 12.66 -16.29 3.16
CA HIS A 103 12.77 -17.55 3.88
C HIS A 103 14.22 -18.02 3.88
N HIS A 104 14.68 -18.50 5.03
CA HIS A 104 16.06 -18.99 5.21
C HIS A 104 17.07 -17.85 5.01
N HIS A 105 16.57 -16.62 5.10
CA HIS A 105 17.37 -15.44 4.89
C HIS A 105 17.11 -14.42 6.02
N HIS A 106 16.02 -13.66 5.86
CA HIS A 106 15.58 -12.67 6.86
C HIS A 106 16.66 -11.65 7.19
N HIS A 107 16.51 -10.45 6.66
CA HIS A 107 17.44 -9.37 6.90
C HIS A 107 16.72 -8.16 7.48
N HIS A 108 16.91 -7.92 8.77
CA HIS A 108 16.31 -6.76 9.41
C HIS A 108 17.37 -5.67 9.58
N MET A 1 -14.88 -4.35 3.83
CA MET A 1 -13.95 -5.48 4.03
C MET A 1 -13.46 -6.02 2.69
N LEU A 2 -12.19 -6.36 2.61
CA LEU A 2 -11.63 -6.97 1.43
C LEU A 2 -11.11 -8.36 1.78
N VAL A 3 -11.73 -9.35 1.17
CA VAL A 3 -11.36 -10.74 1.38
C VAL A 3 -10.16 -11.13 0.53
N ILE A 4 -9.04 -11.37 1.18
CA ILE A 4 -7.84 -11.81 0.49
C ILE A 4 -7.86 -13.33 0.34
N SER A 5 -8.21 -13.99 1.43
CA SER A 5 -8.30 -15.43 1.46
C SER A 5 -9.42 -15.84 2.40
N ASN A 6 -9.62 -17.13 2.58
CA ASN A 6 -10.72 -17.62 3.41
C ASN A 6 -10.46 -17.30 4.89
N ASN A 7 -9.19 -17.33 5.28
CA ASN A 7 -8.83 -17.11 6.67
C ASN A 7 -8.35 -15.67 6.88
N VAL A 8 -8.34 -14.89 5.80
CA VAL A 8 -7.83 -13.53 5.87
C VAL A 8 -8.83 -12.54 5.30
N HIS A 9 -9.29 -11.63 6.14
CA HIS A 9 -10.20 -10.57 5.74
C HIS A 9 -9.71 -9.25 6.33
N LEU A 10 -9.47 -8.26 5.49
CA LEU A 10 -8.95 -6.98 5.96
C LEU A 10 -10.05 -5.92 6.03
N PRO A 11 -10.10 -5.17 7.14
CA PRO A 11 -11.01 -4.05 7.31
C PRO A 11 -10.49 -2.79 6.62
N ASP A 12 -11.41 -2.06 5.99
CA ASP A 12 -11.08 -0.83 5.29
C ASP A 12 -10.35 0.16 6.19
N ALA A 13 -10.80 0.23 7.44
CA ALA A 13 -10.27 1.17 8.42
C ALA A 13 -8.75 1.04 8.64
N GLU A 14 -8.20 -0.15 8.42
CA GLU A 14 -6.79 -0.38 8.70
C GLU A 14 -5.93 0.00 7.51
N ILE A 15 -6.58 0.48 6.46
CA ILE A 15 -5.88 0.95 5.28
C ILE A 15 -6.20 2.42 5.05
N GLU A 16 -5.21 3.26 5.28
CA GLU A 16 -5.38 4.70 5.15
C GLU A 16 -5.27 5.14 3.70
N LEU A 17 -6.40 5.44 3.09
CA LEU A 17 -6.44 5.94 1.73
C LEU A 17 -6.52 7.46 1.75
N THR A 18 -5.43 8.10 1.35
CA THR A 18 -5.39 9.56 1.34
C THR A 18 -5.21 10.06 -0.09
N ALA A 19 -5.67 11.27 -0.35
CA ALA A 19 -5.55 11.87 -1.67
C ALA A 19 -4.69 13.12 -1.61
N ILE A 20 -3.67 13.16 -2.44
CA ILE A 20 -2.73 14.28 -2.45
C ILE A 20 -3.20 15.34 -3.43
N ARG A 21 -3.59 16.50 -2.89
CA ARG A 21 -4.03 17.61 -3.72
C ARG A 21 -2.86 18.30 -4.38
N ALA A 22 -3.11 18.97 -5.49
CA ALA A 22 -2.05 19.58 -6.27
C ALA A 22 -1.89 21.06 -5.93
N GLN A 23 -0.67 21.44 -5.58
CA GLN A 23 -0.36 22.83 -5.32
C GLN A 23 0.71 23.31 -6.28
N GLY A 24 0.53 24.52 -6.80
CA GLY A 24 1.40 25.05 -7.82
C GLY A 24 2.52 25.88 -7.25
N ALA A 25 3.57 25.20 -6.77
CA ALA A 25 4.79 25.85 -6.31
C ALA A 25 4.58 26.66 -5.04
N GLY A 26 3.54 26.34 -4.29
CA GLY A 26 3.32 26.97 -3.00
C GLY A 26 2.26 28.05 -3.01
N GLY A 27 1.30 27.92 -2.09
CA GLY A 27 0.31 28.98 -1.88
C GLY A 27 -0.88 28.89 -2.80
N GLN A 28 -0.70 28.29 -3.96
CA GLN A 28 -1.74 28.28 -4.97
C GLN A 28 -2.17 26.87 -5.31
N ASN A 29 -3.43 26.56 -5.03
CA ASN A 29 -4.04 25.33 -5.53
C ASN A 29 -4.43 25.53 -6.99
N VAL A 30 -3.99 24.62 -7.86
CA VAL A 30 -4.15 24.79 -9.30
C VAL A 30 -5.57 24.49 -9.78
N ASN A 31 -6.50 24.45 -8.82
CA ASN A 31 -7.92 24.26 -9.09
C ASN A 31 -8.19 22.89 -9.69
N LYS A 32 -7.20 22.02 -9.58
CA LYS A 32 -7.28 20.68 -10.12
C LYS A 32 -6.65 19.70 -9.15
N VAL A 33 -7.39 18.65 -8.83
CA VAL A 33 -6.90 17.62 -7.93
C VAL A 33 -6.27 16.49 -8.73
N SER A 34 -5.01 16.20 -8.43
CA SER A 34 -4.29 15.16 -9.14
C SER A 34 -4.75 13.78 -8.69
N SER A 35 -4.35 12.77 -9.45
CA SER A 35 -4.70 11.38 -9.16
C SER A 35 -3.75 10.78 -8.13
N ALA A 36 -2.85 11.61 -7.61
CA ALA A 36 -1.85 11.18 -6.65
C ALA A 36 -2.47 10.72 -5.35
N MET A 37 -2.48 9.42 -5.14
CA MET A 37 -2.98 8.83 -3.92
C MET A 37 -1.84 8.54 -2.96
N HIS A 38 -2.11 8.74 -1.69
CA HIS A 38 -1.17 8.42 -0.65
C HIS A 38 -1.66 7.20 0.10
N LEU A 39 -0.87 6.17 0.07
CA LEU A 39 -1.25 4.91 0.67
C LEU A 39 -0.46 4.66 1.94
N ARG A 40 -1.18 4.49 3.04
CA ARG A 40 -0.56 4.05 4.28
C ARG A 40 -1.22 2.75 4.74
N PHE A 41 -0.52 1.65 4.53
CA PHE A 41 -0.97 0.38 5.04
C PHE A 41 -0.27 0.10 6.36
N ASP A 42 -1.03 -0.01 7.42
CA ASP A 42 -0.45 -0.18 8.74
C ASP A 42 -0.13 -1.65 8.96
N ILE A 43 1.10 -1.93 9.33
CA ILE A 43 1.54 -3.28 9.58
C ILE A 43 1.62 -3.54 11.08
N ASN A 44 1.58 -2.45 11.85
CA ASN A 44 1.68 -2.54 13.29
C ASN A 44 0.30 -2.74 13.92
N ALA A 45 -0.61 -1.84 13.60
CA ALA A 45 -1.92 -1.82 14.23
C ALA A 45 -2.98 -2.52 13.37
N SER A 46 -2.54 -3.38 12.46
CA SER A 46 -3.47 -4.11 11.62
C SER A 46 -3.85 -5.45 12.23
N SER A 47 -4.97 -6.00 11.77
CA SER A 47 -5.49 -7.27 12.28
C SER A 47 -4.76 -8.47 11.66
N LEU A 48 -3.71 -8.18 10.88
CA LEU A 48 -2.92 -9.22 10.25
C LEU A 48 -2.33 -10.17 11.30
N PRO A 49 -2.47 -11.48 11.10
CA PRO A 49 -1.89 -12.49 11.97
C PRO A 49 -0.38 -12.31 12.16
N PRO A 50 0.14 -12.73 13.33
CA PRO A 50 1.57 -12.58 13.68
C PRO A 50 2.50 -13.10 12.58
N PHE A 51 2.09 -14.18 11.92
CA PHE A 51 2.86 -14.76 10.83
C PHE A 51 3.09 -13.71 9.73
N TYR A 52 2.01 -13.05 9.34
CA TYR A 52 2.06 -12.06 8.28
C TYR A 52 2.80 -10.81 8.75
N LYS A 53 2.59 -10.44 10.02
CA LYS A 53 3.32 -9.32 10.63
C LYS A 53 4.82 -9.48 10.41
N GLU A 54 5.35 -10.61 10.85
CA GLU A 54 6.78 -10.88 10.78
C GLU A 54 7.29 -10.87 9.35
N ARG A 55 6.57 -11.56 8.46
CA ARG A 55 6.99 -11.69 7.07
C ARG A 55 7.05 -10.33 6.37
N LEU A 56 6.09 -9.46 6.64
CA LEU A 56 6.07 -8.13 6.06
C LEU A 56 7.22 -7.29 6.59
N LEU A 57 7.43 -7.37 7.90
CA LEU A 57 8.51 -6.64 8.54
C LEU A 57 9.87 -7.14 8.10
N ALA A 58 9.94 -8.41 7.70
CA ALA A 58 11.18 -9.00 7.23
C ALA A 58 11.21 -9.08 5.71
N LEU A 59 10.37 -8.29 5.05
CA LEU A 59 10.27 -8.30 3.61
C LEU A 59 11.43 -7.53 3.00
N ASN A 60 11.58 -7.65 1.69
CA ASN A 60 12.67 -7.00 0.98
C ASN A 60 12.24 -5.64 0.46
N ASP A 61 11.08 -5.19 0.90
CA ASP A 61 10.55 -3.92 0.41
C ASP A 61 10.96 -2.79 1.34
N SER A 62 11.70 -1.83 0.79
CA SER A 62 12.26 -0.75 1.58
C SER A 62 11.22 0.31 1.94
N ARG A 63 10.02 0.18 1.38
CA ARG A 63 8.93 1.10 1.70
C ARG A 63 8.31 0.70 3.03
N ILE A 64 8.61 -0.52 3.46
CA ILE A 64 8.14 -1.03 4.74
C ILE A 64 9.11 -0.62 5.85
N THR A 65 8.61 0.18 6.79
CA THR A 65 9.43 0.63 7.90
C THR A 65 9.23 -0.27 9.11
N SER A 66 10.24 -0.34 9.97
CA SER A 66 10.18 -1.15 11.18
C SER A 66 9.16 -0.57 12.17
N ASP A 67 8.72 0.65 11.88
CA ASP A 67 7.68 1.30 12.67
C ASP A 67 6.32 0.64 12.39
N GLY A 68 6.27 -0.15 11.34
CA GLY A 68 5.07 -0.86 11.00
C GLY A 68 4.21 -0.10 10.02
N VAL A 69 4.84 0.66 9.15
CA VAL A 69 4.11 1.43 8.15
C VAL A 69 4.77 1.29 6.78
N ILE A 70 3.96 1.05 5.77
CA ILE A 70 4.43 1.06 4.40
C ILE A 70 3.78 2.21 3.64
N VAL A 71 4.59 3.07 3.06
CA VAL A 71 4.09 4.25 2.37
C VAL A 71 4.24 4.11 0.86
N LEU A 72 3.19 4.43 0.13
CA LEU A 72 3.22 4.34 -1.32
C LEU A 72 2.62 5.59 -1.95
N LYS A 73 2.93 5.80 -3.21
CA LYS A 73 2.36 6.90 -3.98
C LYS A 73 1.77 6.35 -5.26
N ALA A 74 0.47 6.45 -5.37
CA ALA A 74 -0.22 6.05 -6.58
C ALA A 74 -0.47 7.27 -7.45
N GLN A 75 0.35 7.44 -8.47
CA GLN A 75 0.31 8.62 -9.32
C GLN A 75 0.49 8.22 -10.78
N GLN A 76 0.37 6.93 -11.04
CA GLN A 76 0.62 6.39 -12.35
C GLN A 76 -0.57 6.57 -13.28
N TYR A 77 -1.77 6.34 -12.76
CA TYR A 77 -2.98 6.44 -13.57
C TYR A 77 -3.55 7.85 -13.56
N ARG A 78 -4.55 8.05 -14.42
CA ARG A 78 -5.11 9.39 -14.64
C ARG A 78 -6.19 9.70 -13.61
N THR A 79 -6.95 8.70 -13.20
CA THR A 79 -7.98 8.89 -12.18
C THR A 79 -7.54 8.29 -10.85
N GLN A 80 -8.06 8.85 -9.77
CA GLN A 80 -7.77 8.35 -8.43
C GLN A 80 -8.35 6.96 -8.26
N GLU A 81 -9.51 6.73 -8.88
CA GLU A 81 -10.21 5.45 -8.78
C GLU A 81 -9.35 4.29 -9.31
N GLN A 82 -8.76 4.49 -10.47
CA GLN A 82 -7.90 3.48 -11.06
C GLN A 82 -6.66 3.25 -10.21
N ASN A 83 -6.11 4.31 -9.65
CA ASN A 83 -4.96 4.20 -8.76
C ASN A 83 -5.33 3.46 -7.49
N ARG A 84 -6.58 3.62 -7.06
CA ARG A 84 -7.09 2.89 -5.90
C ARG A 84 -7.07 1.39 -6.16
N ALA A 85 -7.68 1.00 -7.28
CA ALA A 85 -7.80 -0.42 -7.63
C ALA A 85 -6.42 -1.05 -7.83
N ASP A 86 -5.55 -0.33 -8.53
CA ASP A 86 -4.20 -0.83 -8.81
C ASP A 86 -3.40 -0.98 -7.52
N ALA A 87 -3.53 0.01 -6.66
CA ALA A 87 -2.87 -0.02 -5.36
C ALA A 87 -3.37 -1.20 -4.52
N LEU A 88 -4.68 -1.38 -4.49
CA LEU A 88 -5.28 -2.48 -3.73
C LEU A 88 -4.88 -3.83 -4.31
N LEU A 89 -4.80 -3.90 -5.63
CA LEU A 89 -4.36 -5.12 -6.30
C LEU A 89 -2.93 -5.46 -5.88
N ARG A 90 -2.04 -4.49 -6.02
CA ARG A 90 -0.65 -4.68 -5.63
C ARG A 90 -0.51 -4.95 -4.14
N LEU A 91 -1.36 -4.30 -3.34
CA LEU A 91 -1.32 -4.46 -1.89
C LEU A 91 -1.60 -5.91 -1.51
N SER A 92 -2.64 -6.49 -2.11
CA SER A 92 -3.00 -7.88 -1.86
C SER A 92 -1.91 -8.81 -2.38
N GLU A 93 -1.34 -8.46 -3.53
CA GLU A 93 -0.23 -9.22 -4.10
C GLU A 93 0.94 -9.24 -3.12
N LEU A 94 1.28 -8.07 -2.60
CA LEU A 94 2.39 -7.91 -1.68
C LEU A 94 2.20 -8.79 -0.45
N ILE A 95 0.98 -8.78 0.09
CA ILE A 95 0.67 -9.54 1.29
C ILE A 95 0.83 -11.05 1.07
N VAL A 96 0.36 -11.53 -0.08
CA VAL A 96 0.46 -12.95 -0.42
C VAL A 96 1.89 -13.32 -0.76
N ASN A 97 2.56 -12.45 -1.51
CA ASN A 97 3.92 -12.67 -1.95
C ASN A 97 4.90 -12.70 -0.78
N ALA A 98 4.56 -11.99 0.30
CA ALA A 98 5.39 -11.98 1.50
C ALA A 98 5.61 -13.40 2.06
N ALA A 99 4.71 -14.31 1.73
CA ALA A 99 4.83 -15.70 2.15
C ALA A 99 5.63 -16.51 1.13
N LYS A 100 5.70 -15.99 -0.10
CA LYS A 100 6.35 -16.69 -1.21
C LYS A 100 7.78 -16.22 -1.38
N LEU A 101 8.04 -14.99 -0.94
CA LEU A 101 9.37 -14.44 -0.94
C LEU A 101 10.08 -14.87 0.32
N GLU A 102 11.41 -14.83 0.31
CA GLU A 102 12.22 -15.33 1.42
C GLU A 102 11.87 -16.80 1.67
N HIS A 103 12.19 -17.64 0.70
CA HIS A 103 11.85 -19.05 0.78
C HIS A 103 13.09 -19.85 1.15
N HIS A 104 13.79 -19.38 2.16
CA HIS A 104 14.98 -20.07 2.65
C HIS A 104 15.08 -19.96 4.16
N HIS A 105 14.00 -19.48 4.77
CA HIS A 105 13.89 -19.37 6.23
C HIS A 105 15.10 -18.64 6.80
N HIS A 106 15.37 -17.45 6.25
CA HIS A 106 16.52 -16.64 6.65
C HIS A 106 16.44 -16.29 8.13
N HIS A 107 15.25 -15.92 8.59
CA HIS A 107 15.03 -15.64 9.99
C HIS A 107 14.54 -16.90 10.70
N HIS A 108 15.45 -17.64 11.30
CA HIS A 108 15.12 -18.87 11.99
C HIS A 108 14.83 -18.60 13.46
N MET A 1 -13.38 -4.06 2.10
CA MET A 1 -12.24 -4.64 2.85
C MET A 1 -11.42 -5.52 1.92
N LEU A 2 -10.16 -5.72 2.26
CA LEU A 2 -9.29 -6.56 1.46
C LEU A 2 -9.43 -8.01 1.91
N VAL A 3 -10.31 -8.73 1.21
CA VAL A 3 -10.52 -10.14 1.48
C VAL A 3 -9.41 -10.97 0.81
N ILE A 4 -8.59 -11.62 1.64
CA ILE A 4 -7.52 -12.44 1.12
C ILE A 4 -7.89 -13.91 1.26
N SER A 5 -8.51 -14.26 2.38
CA SER A 5 -8.93 -15.62 2.66
C SER A 5 -10.06 -15.62 3.68
N ASN A 6 -10.40 -16.78 4.22
CA ASN A 6 -11.46 -16.88 5.21
C ASN A 6 -11.06 -16.21 6.51
N ASN A 7 -9.90 -16.59 7.03
CA ASN A 7 -9.46 -16.10 8.33
C ASN A 7 -8.70 -14.78 8.20
N VAL A 8 -8.56 -14.31 6.97
CA VAL A 8 -7.82 -13.09 6.73
C VAL A 8 -8.67 -12.07 5.98
N HIS A 9 -8.93 -10.96 6.64
CA HIS A 9 -9.63 -9.84 6.04
C HIS A 9 -8.96 -8.55 6.50
N LEU A 10 -8.86 -7.58 5.62
CA LEU A 10 -8.27 -6.31 5.99
C LEU A 10 -9.29 -5.20 5.87
N PRO A 11 -9.81 -4.74 7.02
CA PRO A 11 -10.84 -3.70 7.08
C PRO A 11 -10.39 -2.39 6.44
N ASP A 12 -11.31 -1.73 5.76
CA ASP A 12 -11.07 -0.46 5.10
C ASP A 12 -10.46 0.54 6.08
N ALA A 13 -10.98 0.52 7.30
CA ALA A 13 -10.59 1.47 8.34
C ALA A 13 -9.10 1.36 8.68
N GLU A 14 -8.49 0.21 8.46
CA GLU A 14 -7.10 0.00 8.82
C GLU A 14 -6.17 0.50 7.71
N ILE A 15 -6.76 1.05 6.67
CA ILE A 15 -5.99 1.58 5.55
C ILE A 15 -6.29 3.07 5.39
N GLU A 16 -5.26 3.86 5.17
CA GLU A 16 -5.42 5.29 4.98
C GLU A 16 -5.33 5.65 3.50
N LEU A 17 -6.47 6.02 2.93
CA LEU A 17 -6.54 6.40 1.53
C LEU A 17 -6.62 7.91 1.38
N THR A 18 -5.54 8.51 0.92
CA THR A 18 -5.44 9.95 0.81
C THR A 18 -5.17 10.33 -0.65
N ALA A 19 -5.44 11.58 -1.00
CA ALA A 19 -5.11 12.08 -2.32
C ALA A 19 -3.83 12.92 -2.26
N ILE A 20 -3.03 12.86 -3.32
CA ILE A 20 -1.81 13.64 -3.38
C ILE A 20 -1.99 14.82 -4.33
N ARG A 21 -2.09 16.01 -3.77
CA ARG A 21 -2.25 17.22 -4.56
C ARG A 21 -0.93 17.94 -4.69
N ALA A 22 -0.68 18.49 -5.87
CA ALA A 22 0.53 19.26 -6.11
C ALA A 22 0.17 20.60 -6.73
N GLN A 23 0.95 21.62 -6.39
CA GLN A 23 0.75 22.95 -6.95
C GLN A 23 1.19 22.99 -8.42
N GLY A 24 0.51 23.81 -9.21
CA GLY A 24 0.79 23.86 -10.63
C GLY A 24 1.78 24.95 -11.00
N ALA A 25 2.82 25.09 -10.19
CA ALA A 25 3.82 26.11 -10.42
C ALA A 25 5.17 25.49 -10.73
N GLY A 26 5.13 24.24 -11.16
CA GLY A 26 6.36 23.51 -11.46
C GLY A 26 6.36 22.95 -12.86
N GLY A 27 6.13 23.81 -13.84
CA GLY A 27 6.09 23.39 -15.21
C GLY A 27 5.51 24.45 -16.11
N GLN A 28 4.78 24.02 -17.14
CA GLN A 28 4.19 24.94 -18.11
C GLN A 28 2.86 24.38 -18.62
N ASN A 29 1.82 25.20 -18.52
CA ASN A 29 0.47 24.85 -19.00
C ASN A 29 -0.15 23.80 -18.10
N VAL A 30 0.28 23.77 -16.85
CA VAL A 30 -0.21 22.79 -15.90
C VAL A 30 -1.09 23.44 -14.83
N ASN A 31 -2.40 23.32 -15.00
CA ASN A 31 -3.35 23.84 -14.02
C ASN A 31 -4.31 22.74 -13.59
N LYS A 32 -3.92 21.50 -13.82
CA LYS A 32 -4.77 20.36 -13.52
C LYS A 32 -4.26 19.63 -12.27
N VAL A 33 -5.19 19.23 -11.41
CA VAL A 33 -4.86 18.54 -10.18
C VAL A 33 -4.27 17.15 -10.48
N SER A 34 -3.42 16.68 -9.58
CA SER A 34 -2.77 15.41 -9.72
C SER A 34 -3.75 14.24 -9.56
N SER A 35 -3.43 13.11 -10.17
CA SER A 35 -4.26 11.91 -10.06
C SER A 35 -3.62 10.92 -9.09
N ALA A 36 -2.56 11.38 -8.43
CA ALA A 36 -1.79 10.54 -7.54
C ALA A 36 -2.52 10.32 -6.23
N MET A 37 -2.81 9.07 -5.95
CA MET A 37 -3.41 8.70 -4.68
C MET A 37 -2.34 8.19 -3.71
N HIS A 38 -2.64 8.31 -2.45
CA HIS A 38 -1.73 7.92 -1.38
C HIS A 38 -2.41 6.91 -0.48
N LEU A 39 -1.75 5.79 -0.29
CA LEU A 39 -2.28 4.75 0.56
C LEU A 39 -1.26 4.32 1.60
N ARG A 40 -1.69 4.29 2.84
CA ARG A 40 -0.87 3.81 3.93
C ARG A 40 -1.49 2.55 4.52
N PHE A 41 -0.70 1.50 4.58
CA PHE A 41 -1.12 0.26 5.21
C PHE A 41 -0.17 -0.06 6.35
N ASP A 42 -0.65 0.14 7.57
CA ASP A 42 0.14 -0.14 8.75
C ASP A 42 0.08 -1.62 9.08
N ILE A 43 1.22 -2.30 8.95
CA ILE A 43 1.30 -3.72 9.19
C ILE A 43 1.24 -4.03 10.68
N ASN A 44 1.68 -3.08 11.48
CA ASN A 44 1.80 -3.27 12.91
C ASN A 44 0.42 -3.28 13.59
N ALA A 45 -0.36 -2.23 13.34
CA ALA A 45 -1.62 -2.03 14.04
C ALA A 45 -2.81 -2.70 13.35
N SER A 46 -2.59 -3.34 12.21
CA SER A 46 -3.67 -3.95 11.47
C SER A 46 -4.04 -5.32 12.03
N SER A 47 -5.16 -5.86 11.55
CA SER A 47 -5.68 -7.13 12.03
C SER A 47 -4.98 -8.33 11.38
N LEU A 48 -3.82 -8.09 10.79
CA LEU A 48 -3.02 -9.16 10.21
C LEU A 48 -2.68 -10.21 11.25
N PRO A 49 -2.92 -11.49 10.95
CA PRO A 49 -2.59 -12.59 11.85
C PRO A 49 -1.09 -12.60 12.17
N PRO A 50 -0.73 -12.94 13.42
CA PRO A 50 0.65 -12.88 13.92
C PRO A 50 1.66 -13.45 12.94
N PHE A 51 1.39 -14.66 12.44
CA PHE A 51 2.30 -15.35 11.53
C PHE A 51 2.65 -14.47 10.32
N TYR A 52 1.64 -13.89 9.71
CA TYR A 52 1.82 -13.09 8.51
C TYR A 52 2.43 -11.73 8.85
N LYS A 53 2.05 -11.17 9.99
CA LYS A 53 2.59 -9.91 10.44
C LYS A 53 4.08 -10.02 10.71
N GLU A 54 4.48 -11.12 11.37
CA GLU A 54 5.88 -11.39 11.65
C GLU A 54 6.65 -11.56 10.34
N ARG A 55 6.08 -12.34 9.43
CA ARG A 55 6.67 -12.60 8.13
C ARG A 55 6.98 -11.31 7.39
N LEU A 56 6.04 -10.38 7.42
CA LEU A 56 6.18 -9.11 6.72
C LEU A 56 7.20 -8.20 7.39
N LEU A 57 7.12 -8.12 8.71
CA LEU A 57 7.99 -7.27 9.50
C LEU A 57 9.44 -7.73 9.38
N ALA A 58 9.64 -9.03 9.34
CA ALA A 58 10.98 -9.60 9.27
C ALA A 58 11.29 -10.09 7.86
N LEU A 59 10.75 -9.40 6.85
CA LEU A 59 10.93 -9.81 5.48
C LEU A 59 12.15 -9.13 4.86
N ASN A 60 12.48 -9.52 3.64
CA ASN A 60 13.62 -8.96 2.93
C ASN A 60 13.13 -7.97 1.87
N ASP A 61 11.86 -7.62 1.96
CA ASP A 61 11.24 -6.79 0.95
C ASP A 61 11.43 -5.32 1.27
N SER A 62 11.98 -4.59 0.32
CA SER A 62 12.29 -3.17 0.51
C SER A 62 11.07 -2.27 0.32
N ARG A 63 9.94 -2.87 -0.04
CA ARG A 63 8.68 -2.13 -0.12
C ARG A 63 8.08 -2.02 1.26
N ILE A 64 8.54 -2.90 2.15
CA ILE A 64 8.13 -2.89 3.53
C ILE A 64 9.15 -2.13 4.36
N THR A 65 8.73 -1.05 4.98
CA THR A 65 9.63 -0.26 5.80
C THR A 65 9.99 -1.02 7.07
N SER A 66 11.15 -0.71 7.63
CA SER A 66 11.69 -1.44 8.77
C SER A 66 10.84 -1.24 10.03
N ASP A 67 9.84 -0.37 9.94
CA ASP A 67 8.96 -0.12 11.09
C ASP A 67 7.63 -0.86 10.90
N GLY A 68 7.38 -1.35 9.69
CA GLY A 68 6.17 -2.10 9.43
C GLY A 68 5.06 -1.24 8.86
N VAL A 69 5.42 -0.28 8.01
CA VAL A 69 4.43 0.60 7.38
C VAL A 69 4.55 0.56 5.87
N ILE A 70 3.44 0.37 5.20
CA ILE A 70 3.41 0.35 3.74
C ILE A 70 2.85 1.68 3.22
N VAL A 71 3.64 2.38 2.41
CA VAL A 71 3.19 3.63 1.83
C VAL A 71 3.29 3.56 0.31
N LEU A 72 2.16 3.75 -0.36
CA LEU A 72 2.13 3.67 -1.81
C LEU A 72 1.93 5.02 -2.45
N LYS A 73 2.20 5.05 -3.74
CA LYS A 73 1.97 6.21 -4.58
C LYS A 73 1.30 5.76 -5.87
N ALA A 74 0.01 6.01 -5.96
CA ALA A 74 -0.77 5.50 -7.08
C ALA A 74 -1.00 6.58 -8.12
N GLN A 75 -0.25 6.53 -9.20
CA GLN A 75 -0.40 7.47 -10.29
C GLN A 75 -0.23 6.75 -11.63
N GLN A 76 -0.58 5.47 -11.63
CA GLN A 76 -0.39 4.63 -12.81
C GLN A 76 -1.58 4.72 -13.75
N TYR A 77 -2.74 5.04 -13.22
CA TYR A 77 -3.96 5.07 -14.00
C TYR A 77 -4.46 6.50 -14.17
N ARG A 78 -5.39 6.68 -15.10
CA ARG A 78 -5.93 8.00 -15.43
C ARG A 78 -6.69 8.61 -14.25
N THR A 79 -7.59 7.83 -13.67
CA THR A 79 -8.49 8.33 -12.64
C THR A 79 -8.01 7.95 -11.23
N GLN A 80 -8.15 8.89 -10.32
CA GLN A 80 -7.78 8.70 -8.92
C GLN A 80 -8.47 7.48 -8.31
N GLU A 81 -9.74 7.30 -8.65
CA GLU A 81 -10.53 6.20 -8.10
C GLU A 81 -9.95 4.84 -8.49
N GLN A 82 -9.49 4.75 -9.73
CA GLN A 82 -8.89 3.52 -10.22
C GLN A 82 -7.48 3.35 -9.65
N ASN A 83 -6.80 4.48 -9.44
CA ASN A 83 -5.49 4.47 -8.80
C ASN A 83 -5.59 3.91 -7.38
N ARG A 84 -6.67 4.23 -6.70
CA ARG A 84 -6.92 3.66 -5.37
C ARG A 84 -7.06 2.15 -5.44
N ALA A 85 -7.73 1.67 -6.48
CA ALA A 85 -7.92 0.23 -6.67
C ALA A 85 -6.60 -0.45 -7.06
N ASP A 86 -5.84 0.23 -7.91
CA ASP A 86 -4.52 -0.26 -8.32
C ASP A 86 -3.62 -0.49 -7.12
N ALA A 87 -3.60 0.50 -6.24
CA ALA A 87 -2.81 0.44 -5.03
C ALA A 87 -3.22 -0.74 -4.15
N LEU A 88 -4.51 -1.02 -4.09
CA LEU A 88 -5.01 -2.16 -3.32
C LEU A 88 -4.58 -3.47 -3.95
N LEU A 89 -4.62 -3.54 -5.27
CA LEU A 89 -4.23 -4.74 -6.01
C LEU A 89 -2.76 -5.06 -5.75
N ARG A 90 -1.90 -4.08 -5.96
CA ARG A 90 -0.47 -4.27 -5.79
C ARG A 90 -0.11 -4.51 -4.32
N LEU A 91 -0.93 -3.97 -3.42
CA LEU A 91 -0.76 -4.17 -1.99
C LEU A 91 -0.99 -5.64 -1.64
N SER A 92 -2.11 -6.18 -2.10
CA SER A 92 -2.45 -7.58 -1.86
C SER A 92 -1.45 -8.50 -2.55
N GLU A 93 -0.98 -8.09 -3.71
CA GLU A 93 0.03 -8.82 -4.46
C GLU A 93 1.28 -8.97 -3.60
N LEU A 94 1.74 -7.84 -3.06
CA LEU A 94 2.92 -7.80 -2.21
C LEU A 94 2.82 -8.81 -1.07
N ILE A 95 1.68 -8.80 -0.38
CA ILE A 95 1.47 -9.66 0.79
C ILE A 95 1.68 -11.14 0.47
N VAL A 96 1.03 -11.61 -0.58
CA VAL A 96 1.08 -13.03 -0.93
C VAL A 96 2.40 -13.38 -1.62
N ASN A 97 2.87 -12.48 -2.46
CA ASN A 97 4.03 -12.71 -3.29
C ASN A 97 5.33 -12.69 -2.48
N ALA A 98 5.47 -11.70 -1.63
CA ALA A 98 6.70 -11.51 -0.87
C ALA A 98 6.81 -12.51 0.28
N ALA A 99 5.68 -13.05 0.71
CA ALA A 99 5.65 -14.02 1.80
C ALA A 99 6.18 -15.39 1.34
N LYS A 100 6.51 -15.49 0.07
CA LYS A 100 7.03 -16.73 -0.50
C LYS A 100 8.56 -16.75 -0.46
N LEU A 101 9.14 -15.59 -0.19
CA LEU A 101 10.58 -15.42 -0.19
C LEU A 101 11.25 -16.23 0.91
N GLU A 102 11.89 -17.33 0.53
CA GLU A 102 12.66 -18.13 1.46
C GLU A 102 14.15 -17.91 1.21
N HIS A 103 14.47 -17.44 0.01
CA HIS A 103 15.85 -17.22 -0.38
C HIS A 103 16.25 -15.78 -0.11
N HIS A 104 17.53 -15.59 0.18
CA HIS A 104 18.07 -14.26 0.41
C HIS A 104 19.09 -13.92 -0.66
N HIS A 105 19.46 -12.65 -0.76
CA HIS A 105 20.47 -12.22 -1.70
C HIS A 105 21.83 -12.21 -1.01
N HIS A 106 22.72 -13.10 -1.44
CA HIS A 106 24.02 -13.25 -0.81
C HIS A 106 24.84 -11.97 -0.97
N HIS A 107 24.88 -11.16 0.09
CA HIS A 107 25.55 -9.86 0.07
C HIS A 107 24.93 -8.92 -0.95
N HIS A 108 25.60 -8.77 -2.08
CA HIS A 108 25.18 -7.79 -3.08
C HIS A 108 25.93 -8.04 -4.39
N MET A 1 -14.98 -4.85 2.59
CA MET A 1 -14.04 -5.66 3.40
C MET A 1 -13.10 -6.44 2.48
N LEU A 2 -11.81 -6.36 2.78
CA LEU A 2 -10.81 -7.06 1.99
C LEU A 2 -10.60 -8.46 2.56
N VAL A 3 -11.28 -9.43 1.97
CA VAL A 3 -11.14 -10.81 2.38
C VAL A 3 -9.90 -11.42 1.73
N ILE A 4 -8.89 -11.70 2.55
CA ILE A 4 -7.66 -12.29 2.06
C ILE A 4 -7.73 -13.80 2.21
N SER A 5 -8.18 -14.23 3.38
CA SER A 5 -8.31 -15.64 3.69
C SER A 5 -9.65 -15.88 4.39
N ASN A 6 -9.95 -17.13 4.69
CA ASN A 6 -11.20 -17.50 5.32
C ASN A 6 -11.36 -16.78 6.66
N ASN A 7 -10.33 -16.88 7.50
CA ASN A 7 -10.39 -16.31 8.84
C ASN A 7 -9.61 -14.99 8.91
N VAL A 8 -9.20 -14.49 7.76
CA VAL A 8 -8.45 -13.26 7.70
C VAL A 8 -9.16 -12.25 6.82
N HIS A 9 -9.56 -11.15 7.44
CA HIS A 9 -10.28 -10.10 6.75
C HIS A 9 -9.69 -8.74 7.13
N LEU A 10 -9.66 -7.82 6.18
CA LEU A 10 -9.24 -6.46 6.46
C LEU A 10 -10.43 -5.52 6.39
N PRO A 11 -10.77 -4.87 7.50
CA PRO A 11 -11.89 -3.93 7.57
C PRO A 11 -11.72 -2.79 6.57
N ASP A 12 -12.84 -2.32 6.04
CA ASP A 12 -12.86 -1.24 5.08
C ASP A 12 -12.21 0.01 5.65
N ALA A 13 -12.46 0.25 6.93
CA ALA A 13 -11.96 1.44 7.61
C ALA A 13 -10.47 1.33 7.94
N GLU A 14 -9.88 0.16 7.69
CA GLU A 14 -8.46 -0.05 7.99
C GLU A 14 -7.62 0.22 6.76
N ILE A 15 -8.29 0.57 5.67
CA ILE A 15 -7.62 0.93 4.43
C ILE A 15 -7.66 2.45 4.25
N GLU A 16 -6.54 3.09 4.57
CA GLU A 16 -6.46 4.54 4.52
C GLU A 16 -6.08 5.02 3.13
N LEU A 17 -7.06 5.48 2.38
CA LEU A 17 -6.84 6.01 1.06
C LEU A 17 -7.02 7.52 1.06
N THR A 18 -5.93 8.25 0.91
CA THR A 18 -5.98 9.70 0.89
C THR A 18 -5.67 10.22 -0.50
N ALA A 19 -6.11 11.42 -0.81
CA ALA A 19 -5.83 12.06 -2.09
C ALA A 19 -4.82 13.17 -1.92
N ILE A 20 -3.72 13.07 -2.63
CA ILE A 20 -2.68 14.10 -2.56
C ILE A 20 -3.05 15.27 -3.45
N ARG A 21 -3.55 16.32 -2.84
CA ARG A 21 -3.99 17.49 -3.57
C ARG A 21 -2.81 18.43 -3.80
N ALA A 22 -2.61 18.80 -5.04
CA ALA A 22 -1.52 19.68 -5.43
C ALA A 22 -1.90 20.47 -6.67
N GLN A 23 -1.05 21.41 -7.05
CA GLN A 23 -1.27 22.23 -8.21
C GLN A 23 -0.01 22.33 -9.06
N GLY A 24 -0.03 23.23 -10.05
CA GLY A 24 1.08 23.36 -10.99
C GLY A 24 2.42 23.63 -10.33
N ALA A 25 2.44 24.57 -9.40
CA ALA A 25 3.65 24.93 -8.65
C ALA A 25 4.79 25.29 -9.60
N GLY A 26 4.47 26.00 -10.66
CA GLY A 26 5.46 26.35 -11.66
C GLY A 26 5.04 25.91 -13.03
N GLY A 27 4.22 24.88 -13.07
CA GLY A 27 3.67 24.40 -14.32
C GLY A 27 2.69 25.39 -14.90
N GLN A 28 3.06 25.97 -16.02
CA GLN A 28 2.25 26.99 -16.65
C GLN A 28 1.25 26.31 -17.58
N ASN A 29 0.00 26.69 -17.41
CA ASN A 29 -1.11 26.18 -18.23
C ASN A 29 -1.55 24.79 -17.76
N VAL A 30 -0.72 24.19 -16.92
CA VAL A 30 -1.03 22.89 -16.36
C VAL A 30 -1.16 22.95 -14.85
N ASN A 31 -2.37 23.18 -14.40
CA ASN A 31 -2.67 23.18 -12.98
C ASN A 31 -3.77 22.16 -12.74
N LYS A 32 -3.37 20.92 -12.63
CA LYS A 32 -4.28 19.82 -12.49
C LYS A 32 -4.08 19.15 -11.15
N VAL A 33 -5.16 18.70 -10.54
CA VAL A 33 -5.08 17.97 -9.29
C VAL A 33 -4.39 16.64 -9.51
N SER A 34 -3.36 16.38 -8.71
CA SER A 34 -2.58 15.17 -8.83
C SER A 34 -3.46 13.93 -8.66
N SER A 35 -3.22 12.95 -9.52
CA SER A 35 -3.92 11.67 -9.45
C SER A 35 -3.26 10.76 -8.44
N ALA A 36 -2.36 11.33 -7.65
CA ALA A 36 -1.59 10.59 -6.68
C ALA A 36 -2.41 10.27 -5.45
N MET A 37 -2.56 9.00 -5.18
CA MET A 37 -3.25 8.52 -3.99
C MET A 37 -2.23 8.25 -2.90
N HIS A 38 -2.59 8.59 -1.68
CA HIS A 38 -1.75 8.37 -0.53
C HIS A 38 -2.27 7.21 0.29
N LEU A 39 -1.44 6.21 0.46
CA LEU A 39 -1.81 5.02 1.20
C LEU A 39 -0.87 4.84 2.38
N ARG A 40 -1.42 4.42 3.51
CA ARG A 40 -0.59 4.07 4.66
C ARG A 40 -1.07 2.75 5.26
N PHE A 41 -0.38 1.68 4.91
CA PHE A 41 -0.73 0.37 5.40
C PHE A 41 0.15 0.04 6.59
N ASP A 42 -0.42 0.14 7.78
CA ASP A 42 0.32 -0.13 9.00
C ASP A 42 0.32 -1.62 9.28
N ILE A 43 1.49 -2.23 9.18
CA ILE A 43 1.65 -3.66 9.35
C ILE A 43 1.43 -4.05 10.81
N ASN A 44 1.69 -3.12 11.71
CA ASN A 44 1.62 -3.39 13.13
C ASN A 44 0.17 -3.49 13.59
N ALA A 45 -0.64 -2.52 13.18
CA ALA A 45 -2.02 -2.43 13.64
C ALA A 45 -3.01 -3.15 12.72
N SER A 46 -2.57 -3.59 11.55
CA SER A 46 -3.46 -4.26 10.60
C SER A 46 -3.98 -5.58 11.18
N SER A 47 -5.17 -5.97 10.76
CA SER A 47 -5.85 -7.16 11.27
C SER A 47 -5.25 -8.46 10.70
N LEU A 48 -3.99 -8.42 10.32
CA LEU A 48 -3.31 -9.60 9.80
C LEU A 48 -2.68 -10.39 10.94
N PRO A 49 -2.71 -11.73 10.86
CA PRO A 49 -2.05 -12.59 11.85
C PRO A 49 -0.53 -12.41 11.85
N PRO A 50 0.13 -12.71 12.98
CA PRO A 50 1.59 -12.66 13.11
C PRO A 50 2.29 -13.47 12.01
N PHE A 51 1.62 -14.54 11.57
CA PHE A 51 2.11 -15.37 10.47
C PHE A 51 2.51 -14.52 9.26
N TYR A 52 1.61 -13.63 8.86
CA TYR A 52 1.89 -12.73 7.76
C TYR A 52 2.82 -11.62 8.21
N LYS A 53 2.61 -11.12 9.44
CA LYS A 53 3.35 -9.96 9.94
C LYS A 53 4.86 -10.22 9.99
N GLU A 54 5.26 -11.42 10.35
CA GLU A 54 6.69 -11.77 10.42
C GLU A 54 7.37 -11.54 9.09
N ARG A 55 6.77 -12.07 8.04
CA ARG A 55 7.36 -12.04 6.71
C ARG A 55 7.25 -10.66 6.09
N LEU A 56 6.27 -9.88 6.54
CA LEU A 56 6.16 -8.49 6.14
C LEU A 56 7.27 -7.66 6.77
N LEU A 57 7.52 -7.89 8.05
CA LEU A 57 8.58 -7.24 8.78
C LEU A 57 9.95 -7.61 8.19
N ALA A 58 10.15 -8.90 7.96
CA ALA A 58 11.41 -9.41 7.44
C ALA A 58 11.42 -9.42 5.91
N LEU A 59 10.76 -8.44 5.31
CA LEU A 59 10.68 -8.33 3.88
C LEU A 59 11.98 -7.78 3.31
N ASN A 60 12.17 -8.01 2.03
CA ASN A 60 13.38 -7.61 1.35
C ASN A 60 13.22 -6.25 0.71
N ASP A 61 12.17 -5.55 1.13
CA ASP A 61 11.78 -4.31 0.48
C ASP A 61 12.34 -3.11 1.22
N SER A 62 12.52 -2.02 0.50
CA SER A 62 13.11 -0.81 1.05
C SER A 62 12.06 0.08 1.72
N ARG A 63 10.79 -0.22 1.47
CA ARG A 63 9.69 0.54 2.07
C ARG A 63 9.38 0.02 3.46
N ILE A 64 10.03 -1.07 3.83
CA ILE A 64 9.87 -1.63 5.16
C ILE A 64 10.53 -0.73 6.19
N THR A 65 9.70 -0.04 6.95
CA THR A 65 10.16 0.93 7.93
C THR A 65 10.24 0.30 9.32
N SER A 66 10.93 0.99 10.22
CA SER A 66 11.07 0.52 11.60
C SER A 66 9.74 0.68 12.34
N ASP A 67 8.90 1.57 11.81
CA ASP A 67 7.55 1.77 12.34
C ASP A 67 6.64 0.63 11.92
N GLY A 68 7.05 -0.08 10.88
CA GLY A 68 6.23 -1.14 10.33
C GLY A 68 5.09 -0.60 9.51
N VAL A 69 5.34 0.51 8.82
CA VAL A 69 4.31 1.16 8.02
C VAL A 69 4.69 1.18 6.55
N ILE A 70 3.75 0.77 5.70
CA ILE A 70 3.93 0.86 4.26
C ILE A 70 3.23 2.10 3.73
N VAL A 71 4.02 3.09 3.33
CA VAL A 71 3.46 4.32 2.77
C VAL A 71 3.64 4.31 1.25
N LEU A 72 2.54 4.54 0.54
CA LEU A 72 2.59 4.52 -0.91
C LEU A 72 2.05 5.82 -1.49
N LYS A 73 2.48 6.10 -2.71
CA LYS A 73 1.96 7.20 -3.49
C LYS A 73 1.64 6.69 -4.88
N ALA A 74 0.36 6.52 -5.13
CA ALA A 74 -0.10 5.95 -6.38
C ALA A 74 -0.26 7.02 -7.44
N GLN A 75 0.70 7.08 -8.35
CA GLN A 75 0.68 8.05 -9.43
C GLN A 75 0.75 7.33 -10.78
N GLN A 76 0.42 6.05 -10.78
CA GLN A 76 0.55 5.22 -11.97
C GLN A 76 -0.45 5.64 -13.04
N TYR A 77 -1.72 5.63 -12.68
CA TYR A 77 -2.79 6.02 -13.57
C TYR A 77 -3.03 7.52 -13.51
N ARG A 78 -3.75 8.04 -14.49
CA ARG A 78 -4.08 9.46 -14.51
C ARG A 78 -5.40 9.69 -13.79
N THR A 79 -6.09 8.62 -13.48
CA THR A 79 -7.32 8.67 -12.72
C THR A 79 -7.11 8.10 -11.32
N GLN A 80 -7.62 8.81 -10.31
CA GLN A 80 -7.41 8.44 -8.93
C GLN A 80 -8.09 7.11 -8.59
N GLU A 81 -9.33 6.95 -9.06
CA GLU A 81 -10.09 5.74 -8.77
C GLU A 81 -9.43 4.51 -9.41
N GLN A 82 -8.79 4.71 -10.55
CA GLN A 82 -8.09 3.64 -11.22
C GLN A 82 -6.78 3.33 -10.52
N ASN A 83 -6.11 4.37 -10.02
CA ASN A 83 -4.92 4.19 -9.18
C ASN A 83 -5.26 3.39 -7.94
N ARG A 84 -6.46 3.63 -7.43
CA ARG A 84 -7.00 2.88 -6.30
C ARG A 84 -6.94 1.39 -6.56
N ALA A 85 -7.47 0.99 -7.71
CA ALA A 85 -7.53 -0.42 -8.10
C ALA A 85 -6.14 -1.01 -8.30
N ASP A 86 -5.25 -0.24 -8.93
CA ASP A 86 -3.88 -0.71 -9.17
C ASP A 86 -3.14 -0.88 -7.85
N ALA A 87 -3.24 0.14 -7.00
CA ALA A 87 -2.61 0.13 -5.70
C ALA A 87 -3.09 -1.05 -4.86
N LEU A 88 -4.40 -1.29 -4.86
CA LEU A 88 -4.98 -2.39 -4.11
C LEU A 88 -4.45 -3.73 -4.63
N LEU A 89 -4.33 -3.84 -5.95
CA LEU A 89 -3.82 -5.05 -6.57
C LEU A 89 -2.37 -5.28 -6.14
N ARG A 90 -1.54 -4.26 -6.29
CA ARG A 90 -0.13 -4.36 -5.92
C ARG A 90 0.04 -4.55 -4.42
N LEU A 91 -0.89 -4.00 -3.64
CA LEU A 91 -0.88 -4.19 -2.20
C LEU A 91 -1.12 -5.65 -1.86
N SER A 92 -2.17 -6.21 -2.43
CA SER A 92 -2.50 -7.61 -2.20
C SER A 92 -1.38 -8.53 -2.70
N GLU A 93 -0.78 -8.15 -3.81
CA GLU A 93 0.37 -8.87 -4.36
C GLU A 93 1.52 -8.89 -3.35
N LEU A 94 1.82 -7.72 -2.78
CA LEU A 94 2.89 -7.60 -1.80
C LEU A 94 2.64 -8.49 -0.60
N ILE A 95 1.39 -8.49 -0.12
CA ILE A 95 1.02 -9.29 1.05
C ILE A 95 1.23 -10.78 0.78
N VAL A 96 0.71 -11.25 -0.34
CA VAL A 96 0.83 -12.66 -0.71
C VAL A 96 2.29 -13.01 -1.01
N ASN A 97 2.96 -12.12 -1.71
CA ASN A 97 4.35 -12.32 -2.13
C ASN A 97 5.27 -12.47 -0.91
N ALA A 98 4.99 -11.70 0.13
CA ALA A 98 5.78 -11.74 1.36
C ALA A 98 5.73 -13.13 2.01
N ALA A 99 4.58 -13.78 1.93
CA ALA A 99 4.42 -15.11 2.50
C ALA A 99 4.82 -16.19 1.50
N LYS A 100 4.98 -15.77 0.25
CA LYS A 100 5.22 -16.71 -0.84
C LYS A 100 6.70 -16.87 -1.15
N LEU A 101 7.49 -15.86 -0.78
CA LEU A 101 8.90 -15.83 -1.13
C LEU A 101 9.68 -16.98 -0.49
N GLU A 102 10.16 -17.86 -1.34
CA GLU A 102 11.01 -18.97 -0.93
C GLU A 102 12.47 -18.60 -1.12
N HIS A 103 12.71 -17.58 -1.92
CA HIS A 103 14.05 -17.11 -2.19
C HIS A 103 14.20 -15.68 -1.66
N HIS A 104 15.24 -15.45 -0.88
CA HIS A 104 15.44 -14.14 -0.26
C HIS A 104 16.19 -13.21 -1.21
N HIS A 105 15.75 -11.96 -1.26
CA HIS A 105 16.28 -10.99 -2.21
C HIS A 105 17.36 -10.13 -1.57
N HIS A 106 17.23 -9.88 -0.28
CA HIS A 106 18.11 -8.93 0.41
C HIS A 106 18.39 -9.37 1.84
N HIS A 107 17.36 -9.83 2.53
CA HIS A 107 17.50 -10.20 3.95
C HIS A 107 17.87 -11.67 4.06
N HIS A 108 18.89 -11.96 4.85
CA HIS A 108 19.37 -13.32 5.01
C HIS A 108 18.43 -14.13 5.90
N MET A 1 -14.42 -4.40 2.37
CA MET A 1 -13.52 -5.33 3.10
C MET A 1 -12.77 -6.21 2.11
N LEU A 2 -11.47 -6.35 2.31
CA LEU A 2 -10.64 -7.18 1.47
C LEU A 2 -10.64 -8.61 1.99
N VAL A 3 -11.50 -9.43 1.42
CA VAL A 3 -11.58 -10.83 1.77
C VAL A 3 -10.46 -11.61 1.11
N ILE A 4 -9.51 -12.07 1.90
CA ILE A 4 -8.39 -12.85 1.39
C ILE A 4 -8.69 -14.33 1.48
N SER A 5 -9.40 -14.71 2.54
CA SER A 5 -9.75 -16.09 2.78
C SER A 5 -11.03 -16.17 3.61
N ASN A 6 -11.45 -17.38 3.95
CA ASN A 6 -12.66 -17.60 4.73
C ASN A 6 -12.55 -16.94 6.09
N ASN A 7 -11.38 -17.04 6.69
CA ASN A 7 -11.15 -16.50 8.02
C ASN A 7 -10.13 -15.38 8.00
N VAL A 8 -9.86 -14.85 6.83
CA VAL A 8 -8.90 -13.77 6.69
C VAL A 8 -9.56 -12.60 5.98
N HIS A 9 -9.62 -11.47 6.66
CA HIS A 9 -10.25 -10.26 6.14
C HIS A 9 -9.40 -9.04 6.46
N LEU A 10 -9.37 -8.09 5.53
CA LEU A 10 -8.75 -6.80 5.79
C LEU A 10 -9.81 -5.71 5.84
N PRO A 11 -10.05 -5.16 7.04
CA PRO A 11 -11.03 -4.10 7.25
C PRO A 11 -10.67 -2.81 6.53
N ASP A 12 -11.69 -2.18 5.95
CA ASP A 12 -11.53 -0.93 5.21
C ASP A 12 -10.89 0.15 6.08
N ALA A 13 -11.28 0.16 7.35
CA ALA A 13 -10.80 1.15 8.31
C ALA A 13 -9.28 1.15 8.45
N GLU A 14 -8.63 0.03 8.12
CA GLU A 14 -7.19 -0.08 8.26
C GLU A 14 -6.47 0.49 7.04
N ILE A 15 -7.25 1.01 6.10
CA ILE A 15 -6.71 1.55 4.87
C ILE A 15 -6.80 3.08 4.87
N GLU A 16 -5.64 3.73 4.85
CA GLU A 16 -5.57 5.18 4.77
C GLU A 16 -5.44 5.61 3.31
N LEU A 17 -6.54 6.06 2.73
CA LEU A 17 -6.54 6.53 1.35
C LEU A 17 -6.58 8.05 1.31
N THR A 18 -5.48 8.65 0.90
CA THR A 18 -5.38 10.10 0.83
C THR A 18 -5.10 10.53 -0.60
N ALA A 19 -5.51 11.73 -0.96
CA ALA A 19 -5.21 12.29 -2.27
C ALA A 19 -4.17 13.40 -2.14
N ILE A 20 -3.16 13.36 -2.99
CA ILE A 20 -2.10 14.35 -2.94
C ILE A 20 -2.36 15.46 -3.96
N ARG A 21 -2.49 16.68 -3.47
CA ARG A 21 -2.75 17.83 -4.33
C ARG A 21 -1.56 18.11 -5.23
N ALA A 22 -1.78 18.92 -6.26
CA ALA A 22 -0.76 19.22 -7.24
C ALA A 22 0.15 20.34 -6.75
N GLN A 23 0.89 20.95 -7.67
CA GLN A 23 1.80 22.03 -7.34
C GLN A 23 1.03 23.31 -7.07
N GLY A 24 1.63 24.20 -6.30
CA GLY A 24 1.00 25.46 -5.99
C GLY A 24 1.83 26.63 -6.47
N ALA A 25 2.21 27.51 -5.55
CA ALA A 25 3.05 28.67 -5.87
C ALA A 25 2.32 29.60 -6.83
N GLY A 26 2.94 29.88 -7.97
CA GLY A 26 2.33 30.73 -8.97
C GLY A 26 1.33 29.98 -9.83
N GLY A 27 1.25 30.34 -11.09
CA GLY A 27 0.31 29.70 -12.00
C GLY A 27 -1.09 30.28 -11.85
N GLN A 28 -1.64 30.18 -10.64
CA GLN A 28 -2.93 30.75 -10.28
C GLN A 28 -4.09 30.06 -11.02
N ASN A 29 -3.73 29.02 -11.76
CA ASN A 29 -4.71 28.24 -12.50
C ASN A 29 -4.75 26.82 -11.99
N VAL A 30 -3.98 26.57 -10.94
CA VAL A 30 -3.93 25.26 -10.32
C VAL A 30 -5.09 25.07 -9.36
N ASN A 31 -6.26 24.74 -9.90
CA ASN A 31 -7.45 24.50 -9.08
C ASN A 31 -7.84 23.04 -9.15
N LYS A 32 -6.94 22.23 -9.64
CA LYS A 32 -7.22 20.82 -9.86
C LYS A 32 -6.16 19.96 -9.17
N VAL A 33 -6.58 18.80 -8.70
CA VAL A 33 -5.69 17.87 -8.01
C VAL A 33 -5.11 16.86 -9.00
N SER A 34 -3.92 16.36 -8.71
CA SER A 34 -3.30 15.33 -9.55
C SER A 34 -3.87 13.97 -9.20
N SER A 35 -3.49 12.95 -9.94
CA SER A 35 -4.01 11.60 -9.72
C SER A 35 -3.21 10.90 -8.62
N ALA A 36 -2.19 11.56 -8.11
CA ALA A 36 -1.31 11.02 -7.09
C ALA A 36 -2.07 10.71 -5.81
N MET A 37 -2.26 9.43 -5.54
CA MET A 37 -2.90 8.98 -4.33
C MET A 37 -1.84 8.57 -3.31
N HIS A 38 -2.18 8.78 -2.04
CA HIS A 38 -1.34 8.38 -0.93
C HIS A 38 -1.99 7.21 -0.20
N LEU A 39 -1.23 6.17 0.00
CA LEU A 39 -1.74 4.98 0.67
C LEU A 39 -0.92 4.68 1.91
N ARG A 40 -1.59 4.57 3.04
CA ARG A 40 -0.94 4.08 4.25
C ARG A 40 -1.71 2.88 4.79
N PHE A 41 -1.04 1.75 4.85
CA PHE A 41 -1.60 0.58 5.49
C PHE A 41 -0.81 0.31 6.76
N ASP A 42 -1.44 0.45 7.90
CA ASP A 42 -0.76 0.29 9.18
C ASP A 42 -0.83 -1.18 9.60
N ILE A 43 0.27 -1.89 9.37
CA ILE A 43 0.36 -3.30 9.65
C ILE A 43 0.29 -3.56 11.15
N ASN A 44 0.81 -2.62 11.91
CA ASN A 44 0.88 -2.72 13.37
C ASN A 44 -0.51 -2.92 13.95
N ALA A 45 -1.42 -2.03 13.60
CA ALA A 45 -2.80 -2.09 14.10
C ALA A 45 -3.69 -2.92 13.19
N SER A 46 -3.09 -3.53 12.18
CA SER A 46 -3.84 -4.32 11.21
C SER A 46 -4.26 -5.66 11.80
N SER A 47 -5.31 -6.24 11.22
CA SER A 47 -5.81 -7.53 11.65
C SER A 47 -5.03 -8.69 11.00
N LEU A 48 -3.96 -8.33 10.28
CA LEU A 48 -3.09 -9.30 9.64
C LEU A 48 -2.56 -10.32 10.65
N PRO A 49 -2.52 -11.60 10.26
CA PRO A 49 -1.98 -12.68 11.09
C PRO A 49 -0.50 -12.46 11.41
N PRO A 50 -0.06 -12.90 12.61
CA PRO A 50 1.32 -12.74 13.08
C PRO A 50 2.36 -13.17 12.04
N PHE A 51 2.12 -14.29 11.38
CA PHE A 51 3.05 -14.81 10.37
C PHE A 51 3.36 -13.77 9.30
N TYR A 52 2.30 -13.23 8.72
CA TYR A 52 2.44 -12.25 7.66
C TYR A 52 3.13 -10.99 8.15
N LYS A 53 2.77 -10.54 9.35
CA LYS A 53 3.42 -9.38 9.95
C LYS A 53 4.92 -9.60 10.11
N GLU A 54 5.29 -10.77 10.64
CA GLU A 54 6.69 -11.12 10.84
C GLU A 54 7.45 -11.21 9.52
N ARG A 55 6.82 -11.82 8.52
CA ARG A 55 7.44 -11.94 7.21
C ARG A 55 7.65 -10.58 6.56
N LEU A 56 6.64 -9.71 6.67
CA LEU A 56 6.75 -8.35 6.14
C LEU A 56 7.89 -7.60 6.80
N LEU A 57 7.96 -7.69 8.13
CA LEU A 57 8.98 -7.02 8.90
C LEU A 57 10.38 -7.54 8.58
N ALA A 58 10.47 -8.76 8.08
CA ALA A 58 11.76 -9.39 7.82
C ALA A 58 12.14 -9.27 6.34
N LEU A 59 11.34 -8.55 5.56
CA LEU A 59 11.56 -8.42 4.15
C LEU A 59 12.76 -7.53 3.84
N ASN A 60 13.34 -7.71 2.66
CA ASN A 60 14.40 -6.85 2.17
C ASN A 60 13.78 -5.73 1.34
N ASP A 61 12.49 -5.59 1.49
CA ASP A 61 11.72 -4.60 0.76
C ASP A 61 11.88 -3.23 1.41
N SER A 62 12.36 -2.28 0.63
CA SER A 62 12.66 -0.93 1.13
C SER A 62 11.39 -0.11 1.38
N ARG A 63 10.26 -0.62 0.92
CA ARG A 63 8.99 0.06 1.12
C ARG A 63 8.40 -0.32 2.47
N ILE A 64 8.87 -1.44 3.01
CA ILE A 64 8.45 -1.91 4.32
C ILE A 64 9.22 -1.14 5.41
N THR A 65 8.48 -0.58 6.35
CA THR A 65 9.10 0.11 7.48
C THR A 65 9.10 -0.78 8.71
N SER A 66 10.03 -0.54 9.62
CA SER A 66 10.16 -1.35 10.83
C SER A 66 8.98 -1.09 11.77
N ASP A 67 8.33 0.06 11.57
CA ASP A 67 7.15 0.43 12.37
C ASP A 67 5.94 -0.37 11.93
N GLY A 68 6.05 -1.00 10.77
CA GLY A 68 4.93 -1.74 10.22
C GLY A 68 3.96 -0.83 9.51
N VAL A 69 4.48 0.10 8.73
CA VAL A 69 3.64 1.04 7.98
C VAL A 69 3.91 0.94 6.49
N ILE A 70 2.85 0.77 5.72
CA ILE A 70 2.96 0.72 4.26
C ILE A 70 2.62 2.08 3.66
N VAL A 71 3.62 2.73 3.06
CA VAL A 71 3.41 4.06 2.47
C VAL A 71 3.81 4.05 1.00
N LEU A 72 2.85 4.32 0.13
CA LEU A 72 3.09 4.34 -1.31
C LEU A 72 2.58 5.64 -1.93
N LYS A 73 2.87 5.80 -3.22
CA LYS A 73 2.40 6.93 -4.00
C LYS A 73 1.92 6.42 -5.35
N ALA A 74 0.62 6.46 -5.55
CA ALA A 74 0.02 5.89 -6.75
C ALA A 74 -0.50 6.98 -7.68
N GLN A 75 0.23 7.23 -8.75
CA GLN A 75 -0.19 8.19 -9.77
C GLN A 75 -0.05 7.58 -11.16
N GLN A 76 -0.15 6.26 -11.21
CA GLN A 76 -0.01 5.50 -12.45
C GLN A 76 -1.08 5.86 -13.47
N TYR A 77 -2.33 5.90 -13.02
CA TYR A 77 -3.44 6.19 -13.88
C TYR A 77 -3.81 7.66 -13.82
N ARG A 78 -4.57 8.09 -14.82
CA ARG A 78 -5.08 9.45 -14.89
C ARG A 78 -6.16 9.65 -13.83
N THR A 79 -6.98 8.63 -13.66
CA THR A 79 -8.06 8.66 -12.70
C THR A 79 -7.62 8.11 -11.35
N GLN A 80 -7.95 8.82 -10.28
CA GLN A 80 -7.55 8.44 -8.93
C GLN A 80 -8.21 7.13 -8.50
N GLU A 81 -9.42 6.88 -9.01
CA GLU A 81 -10.16 5.66 -8.69
C GLU A 81 -9.35 4.43 -9.09
N GLN A 82 -8.74 4.48 -10.27
CA GLN A 82 -7.94 3.36 -10.77
C GLN A 82 -6.68 3.20 -9.93
N ASN A 83 -6.12 4.31 -9.50
CA ASN A 83 -4.93 4.28 -8.65
C ASN A 83 -5.24 3.65 -7.31
N ARG A 84 -6.46 3.85 -6.84
CA ARG A 84 -6.91 3.21 -5.61
C ARG A 84 -6.92 1.70 -5.79
N ALA A 85 -7.54 1.25 -6.88
CA ALA A 85 -7.66 -0.18 -7.16
C ALA A 85 -6.29 -0.81 -7.40
N ASP A 86 -5.45 -0.11 -8.14
CA ASP A 86 -4.10 -0.59 -8.43
C ASP A 86 -3.31 -0.76 -7.15
N ALA A 87 -3.38 0.24 -6.29
CA ALA A 87 -2.70 0.22 -5.00
C ALA A 87 -3.19 -0.95 -4.14
N LEU A 88 -4.50 -1.11 -4.04
CA LEU A 88 -5.09 -2.18 -3.25
C LEU A 88 -4.72 -3.55 -3.83
N LEU A 89 -4.72 -3.63 -5.16
CA LEU A 89 -4.33 -4.85 -5.86
C LEU A 89 -2.90 -5.22 -5.50
N ARG A 90 -2.00 -4.24 -5.61
CA ARG A 90 -0.60 -4.43 -5.30
C ARG A 90 -0.40 -4.83 -3.84
N LEU A 91 -1.24 -4.30 -2.97
CA LEU A 91 -1.19 -4.62 -1.55
C LEU A 91 -1.46 -6.10 -1.33
N SER A 92 -2.55 -6.57 -1.89
CA SER A 92 -2.94 -7.97 -1.77
C SER A 92 -1.91 -8.87 -2.44
N GLU A 93 -1.44 -8.42 -3.60
CA GLU A 93 -0.42 -9.13 -4.35
C GLU A 93 0.84 -9.29 -3.52
N LEU A 94 1.28 -8.19 -2.91
CA LEU A 94 2.46 -8.18 -2.08
C LEU A 94 2.33 -9.19 -0.93
N ILE A 95 1.17 -9.21 -0.29
CA ILE A 95 0.93 -10.12 0.84
C ILE A 95 1.14 -11.58 0.42
N VAL A 96 0.54 -11.96 -0.69
CA VAL A 96 0.63 -13.34 -1.18
C VAL A 96 2.07 -13.68 -1.59
N ASN A 97 2.75 -12.71 -2.19
CA ASN A 97 4.12 -12.90 -2.65
C ASN A 97 5.11 -12.91 -1.50
N ALA A 98 4.96 -11.97 -0.57
CA ALA A 98 5.90 -11.80 0.53
C ALA A 98 5.96 -13.01 1.44
N ALA A 99 4.86 -13.75 1.52
CA ALA A 99 4.80 -14.96 2.33
C ALA A 99 5.75 -16.03 1.78
N LYS A 100 6.01 -15.97 0.48
CA LYS A 100 6.88 -16.94 -0.17
C LYS A 100 8.30 -16.39 -0.30
N LEU A 101 8.43 -15.08 -0.20
CA LEU A 101 9.71 -14.42 -0.33
C LEU A 101 10.52 -14.58 0.95
N GLU A 102 11.65 -15.29 0.85
CA GLU A 102 12.52 -15.49 2.00
C GLU A 102 13.42 -14.26 2.17
N HIS A 103 14.27 -14.01 1.19
CA HIS A 103 15.13 -12.83 1.17
C HIS A 103 15.06 -12.16 -0.18
N HIS A 104 15.92 -11.16 -0.39
CA HIS A 104 16.00 -10.43 -1.67
C HIS A 104 14.72 -9.66 -1.94
N HIS A 105 14.55 -9.21 -3.18
CA HIS A 105 13.37 -8.44 -3.55
C HIS A 105 12.71 -9.02 -4.79
N HIS A 106 13.42 -8.92 -5.92
CA HIS A 106 12.89 -9.28 -7.24
C HIS A 106 11.78 -8.31 -7.66
N HIS A 107 11.76 -7.98 -8.95
CA HIS A 107 10.81 -6.99 -9.49
C HIS A 107 11.09 -5.61 -8.90
N HIS A 108 10.31 -4.63 -9.32
CA HIS A 108 10.41 -3.28 -8.77
C HIS A 108 9.13 -2.96 -8.00
N MET A 1 -12.72 -3.56 0.47
CA MET A 1 -12.09 -4.54 1.38
C MET A 1 -11.30 -5.56 0.57
N LEU A 2 -10.10 -5.87 1.05
CA LEU A 2 -9.22 -6.79 0.37
C LEU A 2 -9.42 -8.19 0.91
N VAL A 3 -10.09 -9.00 0.12
CA VAL A 3 -10.28 -10.40 0.47
C VAL A 3 -8.99 -11.17 0.25
N ILE A 4 -8.36 -11.58 1.34
CA ILE A 4 -7.14 -12.36 1.27
C ILE A 4 -7.48 -13.83 1.35
N SER A 5 -8.36 -14.15 2.28
CA SER A 5 -8.87 -15.49 2.47
C SER A 5 -10.32 -15.40 2.90
N ASN A 6 -11.00 -16.52 3.05
CA ASN A 6 -12.38 -16.52 3.52
C ASN A 6 -12.44 -16.08 4.98
N ASN A 7 -11.37 -16.35 5.71
CA ASN A 7 -11.31 -16.02 7.12
C ASN A 7 -10.42 -14.80 7.38
N VAL A 8 -9.85 -14.26 6.31
CA VAL A 8 -8.94 -13.13 6.42
C VAL A 8 -9.31 -12.03 5.42
N HIS A 9 -9.62 -10.86 5.94
CA HIS A 9 -9.98 -9.71 5.12
C HIS A 9 -9.23 -8.48 5.57
N LEU A 10 -8.86 -7.63 4.63
CA LEU A 10 -8.22 -6.37 4.95
C LEU A 10 -9.20 -5.23 4.69
N PRO A 11 -9.75 -4.65 5.76
CA PRO A 11 -10.75 -3.58 5.66
C PRO A 11 -10.20 -2.29 5.07
N ASP A 12 -11.05 -1.60 4.33
CA ASP A 12 -10.70 -0.32 3.73
C ASP A 12 -10.26 0.68 4.79
N ALA A 13 -10.95 0.62 5.92
CA ALA A 13 -10.73 1.56 7.01
C ALA A 13 -9.44 1.30 7.78
N GLU A 14 -8.68 0.28 7.39
CA GLU A 14 -7.39 0.00 8.02
C GLU A 14 -6.25 0.31 7.08
N ILE A 15 -6.58 0.96 5.97
CA ILE A 15 -5.59 1.48 5.05
C ILE A 15 -5.85 2.98 4.87
N GLU A 16 -4.87 3.79 5.16
CA GLU A 16 -5.05 5.23 5.11
C GLU A 16 -5.00 5.74 3.68
N LEU A 17 -6.18 5.95 3.11
CA LEU A 17 -6.30 6.53 1.77
C LEU A 17 -6.52 8.03 1.89
N THR A 18 -5.52 8.78 1.48
CA THR A 18 -5.61 10.23 1.48
C THR A 18 -5.52 10.77 0.06
N ALA A 19 -6.45 11.63 -0.31
CA ALA A 19 -6.51 12.13 -1.68
C ALA A 19 -5.67 13.39 -1.84
N ILE A 20 -4.64 13.29 -2.67
CA ILE A 20 -3.78 14.42 -2.95
C ILE A 20 -4.26 15.15 -4.20
N ARG A 21 -4.68 16.39 -4.02
CA ARG A 21 -5.17 17.20 -5.14
C ARG A 21 -4.05 18.09 -5.67
N ALA A 22 -4.35 18.85 -6.71
CA ALA A 22 -3.40 19.82 -7.24
C ALA A 22 -3.44 21.08 -6.38
N GLN A 23 -2.30 21.68 -6.13
CA GLN A 23 -2.24 22.84 -5.27
C GLN A 23 -2.46 24.11 -6.07
N GLY A 24 -3.32 24.95 -5.54
CA GLY A 24 -3.65 26.20 -6.19
C GLY A 24 -2.71 27.31 -5.78
N ALA A 25 -1.44 27.13 -6.08
CA ALA A 25 -0.43 28.11 -5.76
C ALA A 25 0.51 28.30 -6.94
N GLY A 26 0.32 29.39 -7.66
CA GLY A 26 1.11 29.64 -8.86
C GLY A 26 0.39 29.17 -10.11
N GLY A 27 0.24 30.07 -11.07
CA GLY A 27 -0.41 29.71 -12.33
C GLY A 27 -1.93 29.76 -12.23
N GLN A 28 -2.45 29.06 -11.23
CA GLN A 28 -3.89 29.05 -10.92
C GLN A 28 -4.69 28.42 -12.07
N ASN A 29 -3.99 27.73 -12.96
CA ASN A 29 -4.64 27.09 -14.09
C ASN A 29 -4.74 25.58 -13.84
N VAL A 30 -4.11 25.12 -12.78
CA VAL A 30 -4.12 23.70 -12.44
C VAL A 30 -5.36 23.34 -11.63
N ASN A 31 -6.51 23.49 -12.25
CA ASN A 31 -7.78 23.20 -11.58
C ASN A 31 -8.31 21.83 -12.00
N LYS A 32 -7.43 21.03 -12.57
CA LYS A 32 -7.77 19.65 -12.85
C LYS A 32 -7.25 18.77 -11.73
N VAL A 33 -8.18 18.21 -10.98
CA VAL A 33 -7.85 17.50 -9.75
C VAL A 33 -7.01 16.25 -10.04
N SER A 34 -5.86 16.17 -9.39
CA SER A 34 -4.96 15.05 -9.53
C SER A 34 -5.56 13.79 -8.94
N SER A 35 -5.21 12.65 -9.53
CA SER A 35 -5.73 11.37 -9.12
C SER A 35 -4.79 10.69 -8.12
N ALA A 36 -3.84 11.47 -7.62
CA ALA A 36 -2.81 10.94 -6.73
C ALA A 36 -3.39 10.59 -5.37
N MET A 37 -3.47 9.30 -5.08
CA MET A 37 -3.90 8.85 -3.78
C MET A 37 -2.71 8.46 -2.94
N HIS A 38 -2.68 8.97 -1.74
CA HIS A 38 -1.63 8.67 -0.79
C HIS A 38 -2.10 7.56 0.12
N LEU A 39 -1.38 6.49 0.14
CA LEU A 39 -1.74 5.32 0.93
C LEU A 39 -0.71 5.07 2.01
N ARG A 40 -1.16 5.13 3.24
CA ARG A 40 -0.32 4.76 4.37
C ARG A 40 -0.86 3.47 4.98
N PHE A 41 -0.08 2.41 4.88
CA PHE A 41 -0.47 1.13 5.41
C PHE A 41 0.40 0.78 6.60
N ASP A 42 -0.18 0.87 7.78
CA ASP A 42 0.52 0.54 9.02
C ASP A 42 0.44 -0.96 9.26
N ILE A 43 1.45 -1.68 8.79
CA ILE A 43 1.53 -3.11 9.02
C ILE A 43 1.55 -3.40 10.51
N ASN A 44 2.24 -2.54 11.25
CA ASN A 44 2.37 -2.68 12.69
C ASN A 44 1.00 -2.68 13.36
N ALA A 45 0.18 -1.71 13.01
CA ALA A 45 -1.12 -1.53 13.65
C ALA A 45 -2.25 -2.17 12.85
N SER A 46 -1.92 -3.09 11.95
CA SER A 46 -2.92 -3.76 11.14
C SER A 46 -3.47 -4.98 11.87
N SER A 47 -4.67 -5.42 11.47
CA SER A 47 -5.28 -6.61 12.05
C SER A 47 -4.82 -7.86 11.31
N LEU A 48 -3.78 -7.74 10.50
CA LEU A 48 -3.24 -8.88 9.77
C LEU A 48 -2.68 -9.91 10.74
N PRO A 49 -2.94 -11.21 10.48
CA PRO A 49 -2.48 -12.32 11.33
C PRO A 49 -0.98 -12.27 11.61
N PRO A 50 -0.56 -12.79 12.78
CA PRO A 50 0.84 -12.79 13.24
C PRO A 50 1.81 -13.34 12.19
N PHE A 51 1.37 -14.36 11.44
CA PHE A 51 2.20 -14.94 10.38
C PHE A 51 2.69 -13.87 9.42
N TYR A 52 1.76 -13.02 9.00
CA TYR A 52 2.07 -11.96 8.07
C TYR A 52 2.88 -10.87 8.76
N LYS A 53 2.57 -10.58 10.02
CA LYS A 53 3.35 -9.63 10.80
C LYS A 53 4.83 -10.00 10.78
N GLU A 54 5.10 -11.23 11.20
CA GLU A 54 6.47 -11.73 11.33
C GLU A 54 7.18 -11.75 9.99
N ARG A 55 6.53 -12.31 8.97
CA ARG A 55 7.11 -12.40 7.64
C ARG A 55 7.52 -11.04 7.09
N LEU A 56 6.65 -10.05 7.26
CA LEU A 56 6.92 -8.71 6.77
C LEU A 56 7.97 -8.00 7.62
N LEU A 57 7.80 -8.06 8.93
CA LEU A 57 8.70 -7.42 9.88
C LEU A 57 10.15 -7.83 9.63
N ALA A 58 10.36 -9.10 9.32
CA ALA A 58 11.70 -9.62 9.13
C ALA A 58 11.91 -10.07 7.68
N LEU A 59 11.30 -9.35 6.74
CA LEU A 59 11.39 -9.72 5.34
C LEU A 59 12.70 -9.24 4.73
N ASN A 60 13.03 -9.79 3.58
CA ASN A 60 14.26 -9.44 2.86
C ASN A 60 13.97 -8.30 1.90
N ASP A 61 12.79 -7.73 2.03
CA ASP A 61 12.34 -6.66 1.16
C ASP A 61 13.05 -5.37 1.50
N SER A 62 13.20 -4.53 0.50
CA SER A 62 13.94 -3.28 0.64
C SER A 62 13.02 -2.07 0.69
N ARG A 63 11.72 -2.31 0.62
CA ARG A 63 10.73 -1.25 0.77
C ARG A 63 10.05 -1.37 2.12
N ILE A 64 9.71 -2.61 2.47
CA ILE A 64 9.09 -2.92 3.74
C ILE A 64 10.11 -2.79 4.87
N THR A 65 9.85 -1.88 5.79
CA THR A 65 10.75 -1.65 6.90
C THR A 65 10.38 -2.54 8.08
N SER A 66 11.35 -2.77 8.96
CA SER A 66 11.14 -3.59 10.15
C SER A 66 10.16 -2.92 11.12
N ASP A 67 9.81 -1.67 10.82
CA ASP A 67 8.81 -0.94 11.61
C ASP A 67 7.41 -1.40 11.23
N GLY A 68 7.29 -1.93 10.02
CA GLY A 68 6.00 -2.32 9.52
C GLY A 68 5.20 -1.11 9.04
N VAL A 69 5.86 -0.25 8.26
CA VAL A 69 5.20 0.93 7.71
C VAL A 69 5.37 0.96 6.20
N ILE A 70 4.26 1.10 5.49
CA ILE A 70 4.27 1.18 4.03
C ILE A 70 3.57 2.46 3.56
N VAL A 71 4.25 3.22 2.71
CA VAL A 71 3.69 4.47 2.18
C VAL A 71 3.76 4.47 0.66
N LEU A 72 2.64 4.80 0.02
CA LEU A 72 2.59 4.89 -1.43
C LEU A 72 1.80 6.11 -1.87
N LYS A 73 1.92 6.43 -3.15
CA LYS A 73 1.08 7.43 -3.78
C LYS A 73 0.77 7.01 -5.21
N ALA A 74 -0.48 6.65 -5.42
CA ALA A 74 -0.93 6.14 -6.69
C ALA A 74 -1.37 7.26 -7.61
N GLN A 75 -0.58 7.51 -8.64
CA GLN A 75 -0.87 8.54 -9.61
C GLN A 75 -0.48 8.06 -11.01
N GLN A 76 -0.38 6.75 -11.16
CA GLN A 76 0.09 6.16 -12.40
C GLN A 76 -1.02 6.16 -13.45
N TYR A 77 -2.26 6.01 -13.01
CA TYR A 77 -3.39 6.03 -13.91
C TYR A 77 -4.09 7.38 -13.83
N ARG A 78 -4.91 7.69 -14.83
CA ARG A 78 -5.60 8.96 -14.87
C ARG A 78 -6.75 9.00 -13.88
N THR A 79 -7.50 7.92 -13.81
CA THR A 79 -8.63 7.85 -12.90
C THR A 79 -8.21 7.44 -11.50
N GLN A 80 -8.63 8.25 -10.53
CA GLN A 80 -8.27 8.04 -9.13
C GLN A 80 -8.88 6.74 -8.62
N GLU A 81 -10.04 6.39 -9.17
CA GLU A 81 -10.73 5.17 -8.82
C GLU A 81 -9.88 3.93 -9.12
N GLN A 82 -9.31 3.90 -10.32
CA GLN A 82 -8.47 2.79 -10.71
C GLN A 82 -7.11 2.86 -10.02
N ASN A 83 -6.64 4.06 -9.72
CA ASN A 83 -5.44 4.21 -8.89
C ASN A 83 -5.63 3.52 -7.55
N ARG A 84 -6.83 3.67 -6.98
CA ARG A 84 -7.19 2.98 -5.75
C ARG A 84 -7.08 1.47 -5.93
N ALA A 85 -7.78 0.98 -6.94
CA ALA A 85 -7.83 -0.45 -7.23
C ALA A 85 -6.43 -1.02 -7.50
N ASP A 86 -5.64 -0.29 -8.27
CA ASP A 86 -4.30 -0.76 -8.66
C ASP A 86 -3.42 -0.95 -7.43
N ALA A 87 -3.37 0.09 -6.60
CA ALA A 87 -2.57 0.07 -5.38
C ALA A 87 -3.01 -1.06 -4.44
N LEU A 88 -4.31 -1.22 -4.29
CA LEU A 88 -4.86 -2.27 -3.44
C LEU A 88 -4.52 -3.64 -3.98
N LEU A 89 -4.55 -3.77 -5.30
CA LEU A 89 -4.23 -5.04 -5.95
C LEU A 89 -2.77 -5.40 -5.69
N ARG A 90 -1.89 -4.43 -5.90
CA ARG A 90 -0.46 -4.64 -5.66
C ARG A 90 -0.19 -4.95 -4.20
N LEU A 91 -0.92 -4.30 -3.31
CA LEU A 91 -0.78 -4.52 -1.87
C LEU A 91 -1.17 -5.95 -1.53
N SER A 92 -2.31 -6.38 -2.06
CA SER A 92 -2.81 -7.73 -1.83
C SER A 92 -1.84 -8.77 -2.39
N GLU A 93 -1.31 -8.49 -3.57
CA GLU A 93 -0.36 -9.38 -4.22
C GLU A 93 0.90 -9.51 -3.35
N LEU A 94 1.35 -8.39 -2.81
CA LEU A 94 2.53 -8.35 -1.96
C LEU A 94 2.34 -9.25 -0.73
N ILE A 95 1.13 -9.22 -0.16
CA ILE A 95 0.82 -10.04 1.01
C ILE A 95 1.05 -11.52 0.71
N VAL A 96 0.58 -11.96 -0.45
CA VAL A 96 0.75 -13.35 -0.85
C VAL A 96 2.19 -13.59 -1.32
N ASN A 97 2.76 -12.56 -1.94
CA ASN A 97 4.12 -12.61 -2.46
C ASN A 97 5.11 -12.99 -1.37
N ALA A 98 5.06 -12.26 -0.27
CA ALA A 98 5.99 -12.47 0.85
C ALA A 98 5.79 -13.82 1.50
N ALA A 99 4.59 -14.37 1.37
CA ALA A 99 4.27 -15.67 1.95
C ALA A 99 4.78 -16.79 1.06
N LYS A 100 4.94 -16.51 -0.21
CA LYS A 100 5.38 -17.50 -1.17
C LYS A 100 6.91 -17.56 -1.24
N LEU A 101 7.54 -16.46 -0.88
CA LEU A 101 8.99 -16.32 -1.01
C LEU A 101 9.72 -16.83 0.20
N GLU A 102 10.97 -17.19 0.00
CA GLU A 102 11.88 -17.51 1.08
C GLU A 102 12.93 -16.41 1.21
N HIS A 103 13.44 -15.98 0.05
CA HIS A 103 14.43 -14.91 -0.01
C HIS A 103 14.24 -14.12 -1.30
N HIS A 104 14.12 -12.80 -1.18
CA HIS A 104 13.96 -11.92 -2.33
C HIS A 104 14.18 -10.48 -1.91
N HIS A 105 15.06 -9.79 -2.61
CA HIS A 105 15.37 -8.39 -2.29
C HIS A 105 14.25 -7.46 -2.75
N HIS A 106 13.69 -7.76 -3.92
CA HIS A 106 12.55 -7.01 -4.45
C HIS A 106 12.89 -5.52 -4.52
N HIS A 107 14.14 -5.24 -4.87
CA HIS A 107 14.68 -3.89 -4.79
C HIS A 107 14.50 -3.13 -6.09
N HIS A 108 14.07 -1.88 -5.97
CA HIS A 108 14.02 -0.98 -7.11
C HIS A 108 14.94 0.21 -6.86
#